data_5HGB
#
_entry.id   5HGB
#
_cell.length_a   71.954
_cell.length_b   152.515
_cell.length_c   90.172
_cell.angle_alpha   90.00
_cell.angle_beta   90.12
_cell.angle_gamma   90.00
#
_symmetry.space_group_name_H-M   'P 1 21 1'
#
loop_
_entity.id
_entity.type
_entity.pdbx_description
1 polymer 'HLA class I histocompatibility antigen, A-24 alpha chain'
2 polymer Beta-2-microglobulin
3 polymer 'Protein Nef'
4 water water
#
loop_
_entity_poly.entity_id
_entity_poly.type
_entity_poly.pdbx_seq_one_letter_code
_entity_poly.pdbx_strand_id
1 'polypeptide(L)'
;MGSHSMRYFSTSVSRPGRGEPRFIAVGYVDDTQFVRFDSDAASQRMEPRAPWIEQEGPEYWDEETGKVKAHSQTDRENLR
IALRYYNQSEAGSHTLQMMFGCDVGSDGRFLRGYHQYAYDGKDYIALKEDLRSWTAADMAAQITKRKWEAAHVAEQQRAY
LEGTCVDGLRRYLENGKETLQRTDPPKTHMTHHPISDHEATLRCWALGFYPAEITLTWQRDGEDQTQDTELVETRPAGDG
TFQKWAAVVVPSGEEQRYTCHVQHEGLPKPLTLRW
;
A,D,G,J
2 'polypeptide(L)'
;MIQRTPKIQVYSRHPAENGKSNFLNCYVSGFHPSDIEVDLLKNGERIEKVEHSDLSFSKDWSFYLLYYTEFTPTEKDEYA
CRVNHVTLSQPKIVKWDRDM
;
B,E,H,K
3 'polypeptide(L)' RYPLTFGW C,F,I,L
#
# COMPACT_ATOMS: atom_id res chain seq x y z
N GLY A 2 18.82 -45.85 1.30
CA GLY A 2 19.93 -44.92 1.18
C GLY A 2 20.18 -44.16 2.47
N SER A 3 20.89 -43.05 2.37
CA SER A 3 21.22 -42.23 3.53
C SER A 3 20.00 -41.50 4.10
N HIS A 4 20.10 -41.09 5.36
CA HIS A 4 19.01 -40.38 6.01
C HIS A 4 19.54 -39.24 6.86
N SER A 5 18.62 -38.42 7.37
CA SER A 5 19.00 -37.28 8.19
C SER A 5 17.98 -37.05 9.30
N MET A 6 18.37 -36.26 10.29
CA MET A 6 17.42 -35.72 11.25
C MET A 6 17.79 -34.27 11.48
N ARG A 7 16.79 -33.40 11.59
CA ARG A 7 17.04 -31.97 11.73
C ARG A 7 16.06 -31.30 12.69
N TYR A 8 16.57 -30.32 13.42
CA TYR A 8 15.74 -29.42 14.22
C TYR A 8 15.99 -27.99 13.76
N PHE A 9 14.91 -27.22 13.58
CA PHE A 9 14.99 -25.83 13.16
C PHE A 9 14.22 -24.92 14.11
N SER A 10 14.94 -24.11 14.88
CA SER A 10 14.29 -23.19 15.80
C SER A 10 14.49 -21.76 15.36
N THR A 11 13.46 -20.93 15.58
CA THR A 11 13.53 -19.52 15.23
C THR A 11 12.87 -18.65 16.30
N SER A 12 13.65 -17.74 16.88
CA SER A 12 13.14 -16.76 17.83
C SER A 12 13.08 -15.38 17.18
N VAL A 13 11.98 -14.69 17.37
CA VAL A 13 11.86 -13.32 16.86
C VAL A 13 11.46 -12.41 18.00
N SER A 14 12.14 -11.28 18.11
CA SER A 14 11.82 -10.31 19.16
C SER A 14 10.67 -9.42 18.72
N ARG A 15 9.77 -9.15 19.66
CA ARG A 15 8.63 -8.29 19.40
C ARG A 15 8.66 -7.11 20.35
N PRO A 16 9.66 -6.24 20.18
CA PRO A 16 9.97 -5.19 21.16
C PRO A 16 8.78 -4.26 21.35
N GLY A 17 8.38 -4.05 22.61
CA GLY A 17 7.24 -3.21 22.91
C GLY A 17 5.92 -3.95 22.72
N ARG A 18 5.99 -5.17 22.19
CA ARG A 18 4.80 -5.98 22.00
C ARG A 18 4.88 -7.34 22.69
N GLY A 19 5.57 -7.40 23.82
CA GLY A 19 5.67 -8.64 24.58
C GLY A 19 7.02 -9.34 24.47
N GLU A 20 7.00 -10.65 24.72
CA GLU A 20 8.21 -11.46 24.67
C GLU A 20 8.40 -12.08 23.29
N PRO A 21 9.64 -12.48 22.97
CA PRO A 21 9.94 -13.07 21.67
C PRO A 21 9.14 -14.35 21.43
N ARG A 22 8.84 -14.64 20.17
CA ARG A 22 8.12 -15.85 19.81
C ARG A 22 9.07 -16.92 19.30
N PHE A 23 9.10 -18.05 20.00
CA PHE A 23 10.00 -19.14 19.68
C PHE A 23 9.25 -20.26 18.97
N ILE A 24 9.74 -20.67 17.80
CA ILE A 24 9.14 -21.78 17.05
C ILE A 24 10.18 -22.82 16.64
N ALA A 25 9.91 -24.08 16.95
CA ALA A 25 10.84 -25.16 16.60
C ALA A 25 10.15 -26.33 15.89
N VAL A 26 10.79 -26.83 14.84
CA VAL A 26 10.23 -27.88 14.00
C VAL A 26 11.22 -29.03 13.80
N GLY A 27 10.73 -30.25 13.82
CA GLY A 27 11.60 -31.41 13.65
C GLY A 27 11.27 -32.23 12.41
N TYR A 28 12.32 -32.67 11.72
CA TYR A 28 12.20 -33.41 10.48
C TYR A 28 13.06 -34.66 10.47
N VAL A 29 12.51 -35.75 9.98
CA VAL A 29 13.34 -36.86 9.50
C VAL A 29 13.24 -36.81 7.99
N ASP A 30 14.38 -36.70 7.31
CA ASP A 30 14.38 -36.48 5.88
C ASP A 30 13.40 -35.34 5.59
N ASP A 31 12.54 -35.51 4.59
CA ASP A 31 11.58 -34.47 4.22
C ASP A 31 10.22 -34.69 4.86
N THR A 32 10.23 -35.07 6.13
CA THR A 32 9.02 -35.40 6.86
C THR A 32 9.04 -34.85 8.28
N GLN A 33 8.30 -33.76 8.50
CA GLN A 33 8.18 -33.18 9.84
C GLN A 33 7.50 -34.16 10.79
N PHE A 34 7.86 -34.13 12.07
CA PHE A 34 7.24 -35.04 13.02
C PHE A 34 6.96 -34.44 14.40
N VAL A 35 7.44 -33.22 14.64
CA VAL A 35 7.21 -32.54 15.92
C VAL A 35 7.26 -31.01 15.78
N ARG A 36 6.66 -30.30 16.73
CA ARG A 36 6.68 -28.84 16.73
C ARG A 36 6.54 -28.27 18.15
N PHE A 37 7.11 -27.09 18.35
CA PHE A 37 6.88 -26.36 19.58
C PHE A 37 6.76 -24.86 19.32
N ASP A 38 5.55 -24.34 19.50
CA ASP A 38 5.30 -22.92 19.35
C ASP A 38 5.06 -22.32 20.73
N SER A 39 5.85 -21.32 21.09
CA SER A 39 5.74 -20.70 22.41
C SER A 39 4.44 -19.89 22.57
N ASP A 40 3.83 -19.50 21.46
CA ASP A 40 2.55 -18.81 21.52
C ASP A 40 1.37 -19.80 21.49
N ALA A 41 1.68 -21.09 21.63
CA ALA A 41 0.64 -22.10 21.73
C ALA A 41 0.24 -22.27 23.19
N ALA A 42 -0.92 -22.86 23.43
CA ALA A 42 -1.42 -23.02 24.79
C ALA A 42 -0.98 -24.32 25.43
N SER A 43 -0.63 -25.30 24.62
CA SER A 43 -0.19 -26.58 25.15
C SER A 43 1.08 -26.41 25.98
N GLN A 44 1.94 -25.51 25.52
CA GLN A 44 3.26 -25.32 26.12
C GLN A 44 4.02 -26.64 26.14
N ARG A 45 3.91 -27.39 25.05
CA ARG A 45 4.55 -28.68 24.93
C ARG A 45 4.97 -28.99 23.51
N MET A 46 6.01 -29.81 23.38
CA MET A 46 6.39 -30.33 22.08
C MET A 46 5.24 -31.22 21.64
N GLU A 47 4.70 -30.94 20.46
CA GLU A 47 3.56 -31.69 19.94
C GLU A 47 3.96 -32.55 18.76
N PRO A 48 3.28 -33.69 18.56
CA PRO A 48 3.53 -34.57 17.41
C PRO A 48 2.97 -33.99 16.11
N ARG A 49 3.65 -34.24 15.00
CA ARG A 49 3.18 -33.79 13.69
C ARG A 49 3.24 -34.89 12.65
N ALA A 50 3.55 -36.11 13.10
CA ALA A 50 3.54 -37.29 12.25
C ALA A 50 2.95 -38.45 13.04
N PRO A 51 2.31 -39.38 12.34
CA PRO A 51 1.71 -40.57 12.98
C PRO A 51 2.72 -41.42 13.74
N TRP A 52 3.84 -41.73 13.13
CA TRP A 52 4.80 -42.66 13.71
C TRP A 52 5.52 -42.14 14.96
N ILE A 53 5.26 -40.90 15.35
CA ILE A 53 5.87 -40.37 16.57
C ILE A 53 4.87 -40.36 17.72
N GLU A 54 3.61 -40.67 17.39
CA GLU A 54 2.55 -40.68 18.39
C GLU A 54 2.74 -41.81 19.39
N GLN A 55 3.41 -42.87 18.96
CA GLN A 55 3.58 -44.06 19.79
C GLN A 55 4.66 -43.88 20.85
N GLU A 56 5.15 -42.66 21.01
CA GLU A 56 6.14 -42.39 22.04
C GLU A 56 5.47 -42.07 23.39
N GLY A 57 6.05 -42.59 24.46
CA GLY A 57 5.42 -42.54 25.77
C GLY A 57 5.59 -41.21 26.49
N PRO A 58 4.81 -41.00 27.55
CA PRO A 58 4.85 -39.78 28.37
C PRO A 58 6.28 -39.39 28.75
N GLU A 59 7.14 -40.36 28.95
CA GLU A 59 8.53 -40.09 29.29
C GLU A 59 9.20 -39.29 28.19
N TYR A 60 9.04 -39.74 26.95
CA TYR A 60 9.59 -39.07 25.79
C TYR A 60 9.09 -37.64 25.66
N TRP A 61 7.77 -37.46 25.71
CA TRP A 61 7.18 -36.14 25.51
C TRP A 61 7.61 -35.14 26.57
N ASP A 62 7.81 -35.63 27.80
CA ASP A 62 8.32 -34.82 28.89
C ASP A 62 9.73 -34.34 28.55
N GLU A 63 10.62 -35.29 28.30
CA GLU A 63 12.01 -34.99 27.98
C GLU A 63 12.11 -33.95 26.87
N GLU A 64 11.49 -34.22 25.72
CA GLU A 64 11.55 -33.34 24.56
C GLU A 64 10.94 -31.97 24.84
N THR A 65 9.83 -31.95 25.57
CA THR A 65 9.20 -30.71 25.98
C THR A 65 10.15 -29.87 26.80
N GLY A 66 10.82 -30.50 27.76
CA GLY A 66 11.78 -29.81 28.60
C GLY A 66 12.89 -29.15 27.81
N LYS A 67 13.50 -29.90 26.91
CA LYS A 67 14.64 -29.41 26.14
C LYS A 67 14.32 -28.27 25.18
N VAL A 68 13.13 -28.30 24.59
CA VAL A 68 12.70 -27.23 23.70
C VAL A 68 12.32 -26.00 24.51
N LYS A 69 11.51 -26.20 25.56
CA LYS A 69 11.14 -25.10 26.46
C LYS A 69 12.38 -24.45 27.07
N ALA A 70 13.36 -25.28 27.45
CA ALA A 70 14.63 -24.80 27.97
C ALA A 70 15.36 -23.95 26.93
N HIS A 71 15.32 -24.42 25.68
CA HIS A 71 15.94 -23.68 24.59
C HIS A 71 15.28 -22.33 24.39
N SER A 72 13.95 -22.33 24.29
CA SER A 72 13.22 -21.09 24.06
C SER A 72 13.62 -20.01 25.05
N GLN A 73 13.87 -20.42 26.29
CA GLN A 73 14.27 -19.49 27.33
C GLN A 73 15.68 -18.96 27.12
N THR A 74 16.61 -19.85 26.79
CA THR A 74 17.98 -19.41 26.60
C THR A 74 18.03 -18.46 25.41
N ASP A 75 17.29 -18.79 24.35
CA ASP A 75 17.20 -17.96 23.13
C ASP A 75 16.76 -16.53 23.42
N ARG A 76 15.68 -16.41 24.18
CA ARG A 76 15.13 -15.12 24.58
C ARG A 76 16.17 -14.26 25.32
N GLU A 77 17.11 -14.93 25.98
CA GLU A 77 18.20 -14.23 26.67
C GLU A 77 19.41 -14.07 25.76
N ASN A 78 19.44 -14.84 24.67
CA ASN A 78 20.46 -14.71 23.63
C ASN A 78 20.18 -13.52 22.73
N LEU A 79 18.91 -13.25 22.50
CA LEU A 79 18.49 -12.06 21.75
C LEU A 79 18.93 -10.81 22.51
N ARG A 80 18.87 -10.86 23.84
CA ARG A 80 19.33 -9.77 24.69
C ARG A 80 20.84 -9.58 24.59
N ILE A 81 21.57 -10.70 24.63
CA ILE A 81 23.03 -10.67 24.62
C ILE A 81 23.56 -10.14 23.29
N ALA A 82 22.89 -10.52 22.20
CA ALA A 82 23.32 -10.09 20.88
C ALA A 82 22.98 -8.63 20.60
N LEU A 83 22.03 -8.07 21.34
CA LEU A 83 21.79 -6.62 21.27
C LEU A 83 22.94 -5.86 21.93
N ARG A 84 23.50 -6.44 22.99
CA ARG A 84 24.63 -5.83 23.67
C ARG A 84 25.87 -5.96 22.81
N TYR A 85 26.12 -7.16 22.32
CA TYR A 85 27.28 -7.46 21.47
C TYR A 85 27.39 -6.52 20.26
N TYR A 86 26.25 -6.21 19.64
CA TYR A 86 26.25 -5.41 18.42
C TYR A 86 25.89 -3.94 18.67
N ASN A 87 25.72 -3.55 19.92
CA ASN A 87 25.29 -2.19 20.26
C ASN A 87 24.06 -1.77 19.46
N GLN A 88 23.09 -2.68 19.34
CA GLN A 88 21.90 -2.43 18.55
C GLN A 88 20.79 -1.79 19.36
N SER A 89 19.87 -1.14 18.65
CA SER A 89 18.75 -0.47 19.29
C SER A 89 17.68 -1.46 19.71
N GLU A 90 17.21 -1.33 20.95
CA GLU A 90 16.13 -2.16 21.47
C GLU A 90 14.79 -1.90 20.74
N ALA A 91 14.81 -0.98 19.78
CA ALA A 91 13.60 -0.65 19.02
C ALA A 91 13.40 -1.53 17.81
N GLY A 92 14.47 -2.18 17.35
CA GLY A 92 14.40 -3.05 16.18
C GLY A 92 14.23 -4.52 16.48
N SER A 93 13.54 -5.23 15.59
CA SER A 93 13.23 -6.65 15.78
C SER A 93 14.30 -7.54 15.15
N HIS A 94 14.80 -8.50 15.93
CA HIS A 94 15.85 -9.39 15.47
C HIS A 94 15.48 -10.87 15.51
N THR A 95 16.13 -11.65 14.66
CA THR A 95 15.83 -13.08 14.52
C THR A 95 17.04 -13.92 14.89
N LEU A 96 16.80 -15.06 15.53
CA LEU A 96 17.89 -15.95 15.91
C LEU A 96 17.55 -17.39 15.54
N GLN A 97 18.13 -17.88 14.45
CA GLN A 97 17.84 -19.21 13.96
C GLN A 97 18.87 -20.22 14.44
N MET A 98 18.47 -21.47 14.50
CA MET A 98 19.37 -22.55 14.85
C MET A 98 18.96 -23.80 14.09
N MET A 99 19.92 -24.45 13.46
CA MET A 99 19.68 -25.77 12.91
C MET A 99 20.63 -26.78 13.55
N PHE A 100 20.12 -27.99 13.77
CA PHE A 100 20.86 -29.05 14.42
C PHE A 100 20.40 -30.36 13.83
N GLY A 101 21.32 -31.29 13.64
CA GLY A 101 20.94 -32.58 13.09
C GLY A 101 22.12 -33.44 12.66
N CYS A 102 21.81 -34.66 12.21
CA CYS A 102 22.84 -35.63 11.85
C CYS A 102 22.50 -36.40 10.57
N ASP A 103 23.50 -36.61 9.72
CA ASP A 103 23.34 -37.43 8.53
C ASP A 103 23.89 -38.82 8.83
N VAL A 104 23.19 -39.85 8.35
CA VAL A 104 23.68 -41.22 8.47
C VAL A 104 23.65 -41.92 7.11
N GLY A 105 24.37 -43.02 7.01
CA GLY A 105 24.47 -43.75 5.75
C GLY A 105 23.35 -44.75 5.56
N SER A 106 23.55 -45.66 4.60
CA SER A 106 22.52 -46.62 4.19
C SER A 106 22.16 -47.63 5.28
N ASP A 107 23.11 -47.98 6.13
CA ASP A 107 22.83 -48.95 7.19
C ASP A 107 22.75 -48.30 8.56
N GLY A 108 22.80 -46.97 8.59
CA GLY A 108 22.59 -46.24 9.82
C GLY A 108 23.85 -45.81 10.54
N ARG A 109 24.96 -45.75 9.82
CA ARG A 109 26.21 -45.29 10.41
C ARG A 109 26.29 -43.76 10.36
N PHE A 110 27.04 -43.18 11.28
CA PHE A 110 27.21 -41.73 11.34
C PHE A 110 28.01 -41.22 10.14
N LEU A 111 27.57 -40.10 9.58
CA LEU A 111 28.23 -39.47 8.44
C LEU A 111 28.67 -38.07 8.79
N ARG A 112 27.74 -37.29 9.33
CA ARG A 112 28.01 -35.89 9.64
C ARG A 112 27.04 -35.36 10.68
N GLY A 113 27.54 -34.45 11.52
CA GLY A 113 26.72 -33.82 12.54
C GLY A 113 26.71 -32.31 12.38
N TYR A 114 25.58 -31.69 12.71
CA TYR A 114 25.42 -30.26 12.53
C TYR A 114 24.85 -29.56 13.76
N HIS A 115 25.49 -28.45 14.13
CA HIS A 115 24.92 -27.54 15.11
C HIS A 115 25.42 -26.13 14.79
N GLN A 116 24.52 -25.26 14.36
CA GLN A 116 24.94 -23.95 13.88
C GLN A 116 23.87 -22.91 14.12
N TYR A 117 24.26 -21.64 14.07
CA TYR A 117 23.35 -20.53 14.38
C TYR A 117 23.45 -19.39 13.37
N ALA A 118 22.41 -18.58 13.31
CA ALA A 118 22.37 -17.40 12.46
C ALA A 118 21.72 -16.25 13.20
N TYR A 119 22.32 -15.07 13.14
CA TYR A 119 21.70 -13.90 13.74
C TYR A 119 21.24 -12.96 12.63
N ASP A 120 19.93 -12.71 12.60
CA ASP A 120 19.32 -11.84 11.59
C ASP A 120 19.52 -12.36 10.17
N GLY A 121 19.52 -13.69 10.02
CA GLY A 121 19.59 -14.30 8.70
C GLY A 121 20.97 -14.62 8.17
N LYS A 122 22.02 -14.20 8.87
CA LYS A 122 23.40 -14.49 8.45
C LYS A 122 24.12 -15.39 9.44
N ASP A 123 25.09 -16.17 8.95
CA ASP A 123 25.87 -17.07 9.80
C ASP A 123 26.32 -16.38 11.08
N TYR A 124 26.19 -17.08 12.20
CA TYR A 124 26.68 -16.56 13.46
C TYR A 124 27.81 -17.44 13.99
N ILE A 125 27.46 -18.62 14.50
CA ILE A 125 28.46 -19.57 14.96
C ILE A 125 28.07 -20.98 14.52
N ALA A 126 29.06 -21.81 14.20
CA ALA A 126 28.80 -23.15 13.72
C ALA A 126 29.82 -24.12 14.27
N LEU A 127 29.44 -25.40 14.30
CA LEU A 127 30.34 -26.45 14.73
C LEU A 127 31.00 -27.07 13.50
N LYS A 128 32.32 -26.99 13.42
CA LYS A 128 33.04 -27.56 12.27
C LYS A 128 32.79 -29.05 12.14
N GLU A 129 33.06 -29.59 10.96
CA GLU A 129 32.75 -30.98 10.65
C GLU A 129 33.32 -31.97 11.67
N ASP A 130 34.46 -31.63 12.25
CA ASP A 130 35.14 -32.53 13.20
C ASP A 130 34.44 -32.57 14.56
N LEU A 131 33.45 -31.70 14.73
CA LEU A 131 32.72 -31.62 15.98
C LEU A 131 33.69 -31.34 17.13
N ARG A 132 34.78 -30.66 16.82
CA ARG A 132 35.82 -30.39 17.79
C ARG A 132 36.03 -28.90 17.94
N SER A 133 35.67 -28.13 16.93
CA SER A 133 35.91 -26.70 16.92
C SER A 133 34.77 -25.89 16.35
N TRP A 134 34.74 -24.60 16.65
CA TRP A 134 33.69 -23.72 16.19
C TRP A 134 34.22 -22.73 15.16
N THR A 135 33.35 -22.30 14.25
CA THR A 135 33.66 -21.22 13.31
C THR A 135 32.80 -20.03 13.69
N ALA A 136 33.44 -18.87 13.86
CA ALA A 136 32.73 -17.67 14.23
C ALA A 136 32.59 -16.73 13.03
N ALA A 137 31.37 -16.31 12.73
CA ALA A 137 31.13 -15.44 11.58
C ALA A 137 31.72 -14.04 11.76
N ASP A 138 31.71 -13.55 12.99
CA ASP A 138 32.23 -12.22 13.25
C ASP A 138 32.77 -12.05 14.67
N MET A 139 33.06 -10.81 15.04
CA MET A 139 33.67 -10.53 16.34
C MET A 139 32.76 -10.89 17.50
N ALA A 140 31.47 -10.63 17.37
CA ALA A 140 30.51 -11.05 18.41
C ALA A 140 30.56 -12.57 18.55
N ALA A 141 30.21 -13.28 17.49
CA ALA A 141 30.23 -14.74 17.47
C ALA A 141 31.53 -15.31 18.05
N GLN A 142 32.61 -14.53 17.99
CA GLN A 142 33.89 -14.93 18.55
C GLN A 142 33.93 -14.90 20.08
N ILE A 143 33.14 -14.00 20.67
CA ILE A 143 32.99 -13.98 22.11
C ILE A 143 32.30 -15.27 22.56
N THR A 144 31.31 -15.71 21.80
CA THR A 144 30.57 -16.93 22.13
C THR A 144 31.37 -18.18 21.74
N LYS A 145 32.28 -18.02 20.79
CA LYS A 145 33.19 -19.11 20.45
C LYS A 145 34.11 -19.39 21.63
N ARG A 146 34.64 -18.32 22.24
CA ARG A 146 35.48 -18.45 23.43
C ARG A 146 34.74 -19.02 24.62
N LYS A 147 33.51 -18.58 24.81
CA LYS A 147 32.68 -19.06 25.91
C LYS A 147 32.38 -20.55 25.78
N TRP A 148 32.16 -21.02 24.56
CA TRP A 148 31.83 -22.43 24.34
C TRP A 148 33.10 -23.28 24.35
N GLU A 149 34.23 -22.64 24.10
CA GLU A 149 35.52 -23.30 24.20
C GLU A 149 35.87 -23.51 25.68
N ALA A 150 35.74 -22.44 26.47
CA ALA A 150 36.03 -22.51 27.90
C ALA A 150 35.03 -23.39 28.62
N ALA A 151 33.86 -23.54 28.03
CA ALA A 151 32.78 -24.32 28.64
C ALA A 151 32.86 -25.77 28.20
N HIS A 152 33.58 -26.01 27.11
CA HIS A 152 33.70 -27.35 26.55
C HIS A 152 32.37 -27.88 26.06
N VAL A 153 31.63 -27.01 25.37
CA VAL A 153 30.37 -27.38 24.76
C VAL A 153 30.60 -28.44 23.70
N ALA A 154 31.67 -28.28 22.93
CA ALA A 154 32.00 -29.19 21.82
C ALA A 154 31.92 -30.68 22.19
N GLU A 155 32.72 -31.10 23.16
CA GLU A 155 32.81 -32.52 23.49
C GLU A 155 31.47 -33.10 23.92
N GLN A 156 30.56 -32.24 24.33
CA GLN A 156 29.20 -32.64 24.66
C GLN A 156 28.38 -32.81 23.37
N GLN A 157 28.49 -31.86 22.45
CA GLN A 157 27.74 -31.93 21.19
C GLN A 157 28.21 -33.11 20.34
N ARG A 158 29.52 -33.34 20.32
CA ARG A 158 30.10 -34.43 19.53
C ARG A 158 29.59 -35.79 20.01
N ALA A 159 29.49 -35.96 21.31
CA ALA A 159 29.06 -37.23 21.87
C ALA A 159 27.58 -37.46 21.60
N TYR A 160 26.81 -36.37 21.64
CA TYR A 160 25.38 -36.43 21.42
C TYR A 160 25.07 -36.74 19.95
N LEU A 161 25.67 -35.95 19.07
CA LEU A 161 25.52 -36.15 17.63
C LEU A 161 25.88 -37.56 17.19
N GLU A 162 27.05 -38.03 17.59
CA GLU A 162 27.55 -39.34 17.17
C GLU A 162 26.76 -40.50 17.78
N GLY A 163 26.20 -40.28 18.96
CA GLY A 163 25.47 -41.32 19.64
C GLY A 163 23.98 -41.07 19.63
N THR A 164 23.52 -40.31 20.61
CA THR A 164 22.09 -40.09 20.81
C THR A 164 21.36 -39.71 19.53
N CYS A 165 21.98 -38.84 18.74
CA CYS A 165 21.35 -38.34 17.53
C CYS A 165 21.17 -39.43 16.46
N VAL A 166 22.20 -40.25 16.22
CA VAL A 166 22.04 -41.32 15.23
C VAL A 166 21.18 -42.46 15.80
N ASP A 167 21.29 -42.70 17.10
CA ASP A 167 20.46 -43.70 17.75
C ASP A 167 18.98 -43.33 17.61
N GLY A 168 18.68 -42.05 17.81
CA GLY A 168 17.32 -41.56 17.69
C GLY A 168 16.81 -41.68 16.27
N LEU A 169 17.65 -41.32 15.31
CA LEU A 169 17.30 -41.41 13.89
C LEU A 169 17.02 -42.86 13.49
N ARG A 170 17.88 -43.79 13.93
CA ARG A 170 17.66 -45.21 13.66
C ARG A 170 16.27 -45.62 14.11
N ARG A 171 15.93 -45.24 15.34
CA ARG A 171 14.64 -45.55 15.92
C ARG A 171 13.49 -44.99 15.08
N TYR A 172 13.50 -43.68 14.85
CA TYR A 172 12.44 -43.03 14.08
C TYR A 172 12.24 -43.72 12.74
N LEU A 173 13.34 -44.08 12.09
CA LEU A 173 13.28 -44.73 10.77
C LEU A 173 12.60 -46.09 10.84
N GLU A 174 12.69 -46.73 12.00
CA GLU A 174 12.06 -48.03 12.21
C GLU A 174 10.59 -47.90 12.56
N ASN A 175 10.28 -46.98 13.47
CA ASN A 175 8.89 -46.71 13.84
C ASN A 175 8.09 -46.14 12.68
N GLY A 176 8.74 -45.29 11.88
CA GLY A 176 8.11 -44.68 10.73
C GLY A 176 8.45 -45.40 9.44
N LYS A 177 8.74 -46.69 9.57
CA LYS A 177 9.25 -47.50 8.48
C LYS A 177 8.39 -47.46 7.22
N GLU A 178 7.08 -47.70 7.38
CA GLU A 178 6.19 -47.78 6.23
C GLU A 178 6.12 -46.46 5.47
N THR A 179 6.65 -45.40 6.07
CA THR A 179 6.59 -44.06 5.50
C THR A 179 7.98 -43.53 5.14
N LEU A 180 8.82 -43.39 6.15
CA LEU A 180 10.12 -42.74 5.99
C LEU A 180 11.03 -43.46 5.01
N GLN A 181 10.66 -44.66 4.60
CA GLN A 181 11.50 -45.42 3.68
C GLN A 181 10.79 -45.78 2.37
N ARG A 182 9.50 -45.47 2.29
CA ARG A 182 8.76 -45.62 1.05
C ARG A 182 9.40 -44.74 -0.02
N THR A 183 9.33 -45.16 -1.27
CA THR A 183 9.82 -44.34 -2.36
C THR A 183 8.77 -44.19 -3.46
N ASP A 184 7.99 -43.11 -3.39
CA ASP A 184 6.95 -42.85 -4.37
C ASP A 184 7.53 -42.21 -5.62
N PRO A 185 7.43 -42.91 -6.77
CA PRO A 185 7.84 -42.34 -8.07
C PRO A 185 6.94 -41.17 -8.49
N PRO A 186 7.41 -40.33 -9.42
CA PRO A 186 6.62 -39.19 -9.89
C PRO A 186 5.55 -39.59 -10.90
N LYS A 187 4.37 -38.97 -10.83
CA LYS A 187 3.36 -39.11 -11.87
C LYS A 187 3.63 -38.06 -12.94
N THR A 188 4.04 -38.50 -14.12
CA THR A 188 4.54 -37.61 -15.13
C THR A 188 3.59 -37.42 -16.33
N HIS A 189 3.63 -36.23 -16.91
CA HIS A 189 2.81 -35.91 -18.08
C HIS A 189 3.18 -34.52 -18.62
N MET A 190 2.72 -34.23 -19.83
CA MET A 190 3.09 -32.99 -20.50
C MET A 190 1.88 -32.14 -20.92
N THR A 191 2.05 -30.82 -20.91
CA THR A 191 1.01 -29.91 -21.35
C THR A 191 1.48 -29.03 -22.50
N HIS A 192 0.54 -28.26 -23.06
CA HIS A 192 0.78 -27.49 -24.27
C HIS A 192 -0.01 -26.19 -24.23
N HIS A 193 0.69 -25.06 -24.37
CA HIS A 193 0.07 -23.74 -24.26
C HIS A 193 0.56 -22.79 -25.34
N PRO A 194 -0.29 -22.53 -26.36
CA PRO A 194 0.05 -21.55 -27.39
C PRO A 194 0.10 -20.15 -26.78
N ILE A 195 1.21 -19.44 -26.96
CA ILE A 195 1.34 -18.10 -26.41
C ILE A 195 1.03 -17.02 -27.47
N SER A 196 1.43 -17.26 -28.71
CA SER A 196 1.18 -16.28 -29.78
C SER A 196 1.38 -16.86 -31.17
N ASP A 197 0.62 -17.92 -31.50
CA ASP A 197 0.52 -18.44 -32.87
C ASP A 197 1.84 -18.88 -33.54
N HIS A 198 2.96 -18.35 -33.08
CA HIS A 198 4.27 -18.75 -33.59
C HIS A 198 5.10 -19.34 -32.45
N GLU A 199 4.52 -19.34 -31.25
CA GLU A 199 5.19 -19.90 -30.09
C GLU A 199 4.21 -20.60 -29.15
N ALA A 200 4.66 -21.72 -28.59
CA ALA A 200 3.84 -22.52 -27.68
C ALA A 200 4.72 -23.12 -26.60
N THR A 201 4.32 -22.93 -25.35
CA THR A 201 5.06 -23.43 -24.20
C THR A 201 4.81 -24.93 -24.02
N LEU A 202 5.89 -25.70 -23.90
CA LEU A 202 5.77 -27.09 -23.47
C LEU A 202 6.10 -27.15 -21.98
N ARG A 203 5.29 -27.89 -21.23
CA ARG A 203 5.51 -27.99 -19.79
C ARG A 203 5.51 -29.43 -19.27
N CYS A 204 6.63 -29.84 -18.70
CA CYS A 204 6.80 -31.19 -18.19
C CYS A 204 6.50 -31.25 -16.70
N TRP A 205 5.73 -32.23 -16.28
CA TRP A 205 5.24 -32.31 -14.90
C TRP A 205 5.76 -33.53 -14.13
N ALA A 206 6.04 -33.33 -12.84
CA ALA A 206 6.40 -34.43 -11.95
C ALA A 206 5.62 -34.27 -10.65
N LEU A 207 4.82 -35.28 -10.30
CA LEU A 207 3.85 -35.13 -9.22
C LEU A 207 3.79 -36.30 -8.24
N GLY A 208 3.47 -35.98 -6.99
CA GLY A 208 3.23 -36.97 -5.94
C GLY A 208 4.37 -37.91 -5.62
N PHE A 209 5.60 -37.41 -5.67
CA PHE A 209 6.78 -38.25 -5.43
C PHE A 209 7.41 -38.02 -4.06
N TYR A 210 8.31 -38.93 -3.67
CA TYR A 210 9.03 -38.83 -2.40
C TYR A 210 10.25 -39.73 -2.42
N PRO A 211 11.42 -39.22 -1.99
CA PRO A 211 11.65 -37.87 -1.45
C PRO A 211 11.64 -36.78 -2.52
N ALA A 212 11.97 -35.55 -2.12
CA ALA A 212 11.86 -34.39 -3.01
C ALA A 212 12.95 -34.31 -4.07
N GLU A 213 14.07 -35.01 -3.85
CA GLU A 213 15.18 -34.96 -4.79
C GLU A 213 14.77 -35.49 -6.15
N ILE A 214 14.83 -34.63 -7.17
CA ILE A 214 14.42 -35.02 -8.52
C ILE A 214 15.03 -34.12 -9.60
N THR A 215 15.23 -34.69 -10.79
CA THR A 215 15.80 -33.94 -11.90
C THR A 215 14.90 -33.96 -13.14
N LEU A 216 14.55 -32.77 -13.63
CA LEU A 216 13.77 -32.63 -14.85
C LEU A 216 14.62 -32.00 -15.95
N THR A 217 14.75 -32.69 -17.09
CA THR A 217 15.64 -32.25 -18.15
C THR A 217 14.94 -32.13 -19.50
N TRP A 218 14.88 -30.91 -20.03
CA TRP A 218 14.37 -30.69 -21.39
C TRP A 218 15.48 -30.87 -22.43
N GLN A 219 15.09 -31.20 -23.65
CA GLN A 219 16.07 -31.41 -24.71
C GLN A 219 15.54 -31.12 -26.10
N ARG A 220 16.39 -30.54 -26.93
CA ARG A 220 16.06 -30.27 -28.32
C ARG A 220 16.98 -31.14 -29.19
N ASP A 221 16.43 -32.22 -29.75
CA ASP A 221 17.23 -33.17 -30.51
C ASP A 221 18.35 -33.73 -29.65
N GLY A 222 18.03 -34.07 -28.41
CA GLY A 222 19.01 -34.64 -27.49
C GLY A 222 20.06 -33.65 -27.04
N GLU A 223 19.76 -32.36 -27.17
CA GLU A 223 20.72 -31.33 -26.77
C GLU A 223 20.16 -30.49 -25.62
N ASP A 224 20.69 -30.70 -24.42
CA ASP A 224 20.27 -29.94 -23.24
C ASP A 224 20.11 -28.46 -23.58
N GLN A 225 19.17 -27.81 -22.91
CA GLN A 225 18.69 -26.51 -23.37
C GLN A 225 19.34 -25.27 -22.77
N THR A 226 19.83 -25.36 -21.54
CA THR A 226 20.21 -24.18 -20.77
C THR A 226 18.95 -23.36 -20.55
N GLN A 227 19.03 -22.28 -19.77
CA GLN A 227 17.82 -21.60 -19.33
C GLN A 227 17.01 -20.88 -20.40
N ASP A 228 16.64 -21.61 -21.45
CA ASP A 228 15.52 -21.24 -22.30
C ASP A 228 14.33 -21.92 -21.65
N THR A 229 14.66 -22.79 -20.70
CA THR A 229 13.69 -23.50 -19.88
C THR A 229 13.47 -22.80 -18.55
N GLU A 230 12.30 -23.02 -17.95
CA GLU A 230 11.99 -22.44 -16.67
C GLU A 230 11.62 -23.52 -15.64
N LEU A 231 12.52 -23.75 -14.69
CA LEU A 231 12.21 -24.62 -13.57
C LEU A 231 11.49 -23.83 -12.49
N VAL A 232 10.59 -24.49 -11.78
CA VAL A 232 10.03 -23.91 -10.58
C VAL A 232 10.61 -24.68 -9.41
N GLU A 233 10.75 -24.00 -8.28
CA GLU A 233 11.24 -24.63 -7.07
C GLU A 233 10.34 -25.81 -6.69
N THR A 234 10.93 -26.98 -6.50
CA THR A 234 10.18 -28.13 -6.01
C THR A 234 9.30 -27.69 -4.84
N ARG A 235 8.02 -28.03 -4.91
CA ARG A 235 7.04 -27.59 -3.91
C ARG A 235 6.36 -28.77 -3.24
N PRO A 236 5.91 -28.59 -2.00
CA PRO A 236 5.22 -29.64 -1.25
C PRO A 236 3.75 -29.77 -1.66
N ALA A 237 3.32 -30.99 -1.98
CA ALA A 237 1.93 -31.23 -2.35
C ALA A 237 1.01 -30.90 -1.18
N GLY A 238 1.49 -31.17 0.03
CA GLY A 238 0.68 -30.99 1.22
C GLY A 238 0.22 -32.30 1.81
N ASP A 239 0.62 -33.40 1.16
CA ASP A 239 0.20 -34.74 1.59
C ASP A 239 1.41 -35.68 1.77
N GLY A 240 2.59 -35.10 1.89
CA GLY A 240 3.79 -35.87 2.07
C GLY A 240 4.60 -36.05 0.80
N THR A 241 3.98 -35.76 -0.33
CA THR A 241 4.65 -35.90 -1.62
C THR A 241 5.00 -34.54 -2.20
N PHE A 242 5.80 -34.53 -3.25
CA PHE A 242 6.27 -33.28 -3.84
C PHE A 242 5.97 -33.14 -5.34
N GLN A 243 6.10 -31.92 -5.85
CA GLN A 243 5.80 -31.62 -7.24
C GLN A 243 6.87 -30.73 -7.84
N LYS A 244 6.97 -30.75 -9.17
CA LYS A 244 7.86 -29.84 -9.88
C LYS A 244 7.57 -29.85 -11.37
N TRP A 245 7.90 -28.75 -12.05
CA TRP A 245 7.76 -28.68 -13.50
C TRP A 245 8.78 -27.79 -14.18
N ALA A 246 9.23 -28.22 -15.36
CA ALA A 246 10.07 -27.41 -16.23
C ALA A 246 9.26 -27.04 -17.46
N ALA A 247 9.58 -25.90 -18.07
CA ALA A 247 8.86 -25.48 -19.26
C ALA A 247 9.82 -24.92 -20.30
N VAL A 248 9.47 -25.07 -21.57
CA VAL A 248 10.21 -24.45 -22.66
C VAL A 248 9.26 -23.70 -23.58
N VAL A 249 9.71 -22.55 -24.10
CA VAL A 249 8.99 -21.88 -25.16
C VAL A 249 9.45 -22.45 -26.49
N VAL A 250 8.49 -22.84 -27.33
CA VAL A 250 8.78 -23.60 -28.53
C VAL A 250 8.21 -22.92 -29.78
N PRO A 251 9.02 -22.87 -30.87
CA PRO A 251 8.53 -22.35 -32.15
C PRO A 251 7.45 -23.27 -32.68
N SER A 252 6.28 -22.72 -33.00
CA SER A 252 5.18 -23.54 -33.49
C SER A 252 5.65 -24.51 -34.57
N GLY A 253 5.16 -25.73 -34.50
CA GLY A 253 5.52 -26.76 -35.47
C GLY A 253 6.80 -27.49 -35.11
N GLU A 254 7.48 -27.04 -34.06
CA GLU A 254 8.74 -27.66 -33.64
C GLU A 254 8.59 -28.48 -32.37
N GLU A 255 7.36 -28.56 -31.87
CA GLU A 255 7.07 -29.22 -30.59
C GLU A 255 7.72 -30.60 -30.45
N GLN A 256 7.78 -31.34 -31.56
CA GLN A 256 8.22 -32.73 -31.50
C GLN A 256 9.74 -32.92 -31.47
N ARG A 257 10.49 -31.83 -31.62
CA ARG A 257 11.94 -31.90 -31.50
C ARG A 257 12.36 -31.95 -30.03
N TYR A 258 11.38 -31.76 -29.15
CA TYR A 258 11.65 -31.65 -27.72
C TYR A 258 11.33 -32.92 -26.94
N THR A 259 12.21 -33.23 -25.98
CA THR A 259 12.00 -34.35 -25.08
C THR A 259 12.18 -33.90 -23.63
N CYS A 260 11.45 -34.53 -22.72
CA CYS A 260 11.59 -34.29 -21.31
C CYS A 260 12.21 -35.51 -20.63
N HIS A 261 13.05 -35.27 -19.63
CA HIS A 261 13.82 -36.34 -19.00
C HIS A 261 13.78 -36.26 -17.48
N VAL A 262 13.14 -37.24 -16.87
CA VAL A 262 12.92 -37.19 -15.43
C VAL A 262 13.68 -38.30 -14.70
N GLN A 263 14.54 -37.89 -13.77
CA GLN A 263 15.27 -38.86 -12.95
C GLN A 263 14.84 -38.76 -11.49
N HIS A 264 14.52 -39.91 -10.91
CA HIS A 264 14.12 -39.95 -9.50
C HIS A 264 14.46 -41.29 -8.88
N GLU A 265 14.90 -41.26 -7.63
CA GLU A 265 15.24 -42.47 -6.88
C GLU A 265 14.22 -43.58 -7.09
N GLY A 266 12.94 -43.22 -7.06
CA GLY A 266 11.85 -44.19 -7.10
C GLY A 266 11.58 -44.82 -8.46
N LEU A 267 12.33 -44.39 -9.48
CA LEU A 267 12.22 -44.97 -10.82
C LEU A 267 13.20 -46.10 -11.04
N PRO A 268 12.77 -47.12 -11.79
CA PRO A 268 13.69 -48.15 -12.26
C PRO A 268 14.60 -47.55 -13.33
N LYS A 269 14.01 -47.04 -14.40
CA LYS A 269 14.75 -46.31 -15.42
C LYS A 269 14.19 -44.91 -15.55
N PRO A 270 15.04 -43.93 -15.88
CA PRO A 270 14.64 -42.54 -16.12
C PRO A 270 13.70 -42.42 -17.32
N LEU A 271 12.62 -41.67 -17.13
CA LEU A 271 11.59 -41.53 -18.16
C LEU A 271 11.92 -40.43 -19.17
N THR A 272 11.44 -40.61 -20.39
CA THR A 272 11.53 -39.55 -21.40
C THR A 272 10.16 -39.34 -22.02
N LEU A 273 9.75 -38.07 -22.14
CA LEU A 273 8.42 -37.76 -22.65
C LEU A 273 8.47 -36.92 -23.92
N ARG A 274 7.51 -37.15 -24.81
CA ARG A 274 7.42 -36.44 -26.08
C ARG A 274 5.97 -36.04 -26.37
N TRP A 275 5.77 -34.82 -26.87
CA TRP A 275 4.43 -34.31 -27.11
C TRP A 275 3.75 -34.97 -28.31
N MET B 1 18.28 -5.02 8.17
CA MET B 1 19.43 -5.88 8.49
C MET B 1 19.93 -6.63 7.28
N ILE B 2 18.99 -7.09 6.45
CA ILE B 2 19.23 -7.71 5.15
C ILE B 2 18.02 -8.59 4.84
N GLN B 3 17.33 -8.30 3.74
CA GLN B 3 16.01 -8.87 3.54
C GLN B 3 15.81 -9.62 2.23
N ARG B 4 15.11 -10.74 2.30
CA ARG B 4 14.78 -11.50 1.10
C ARG B 4 13.29 -11.40 0.81
N THR B 5 12.95 -11.28 -0.46
CA THR B 5 11.56 -11.22 -0.86
C THR B 5 11.09 -12.61 -1.31
N PRO B 6 9.87 -12.99 -0.90
CA PRO B 6 9.39 -14.37 -1.06
C PRO B 6 9.03 -14.71 -2.50
N LYS B 7 9.23 -15.97 -2.86
CA LYS B 7 8.77 -16.50 -4.15
C LYS B 7 7.41 -17.09 -3.88
N ILE B 8 6.51 -16.99 -4.85
CA ILE B 8 5.13 -17.45 -4.61
C ILE B 8 4.66 -18.45 -5.66
N GLN B 9 4.03 -19.51 -5.17
CA GLN B 9 3.40 -20.51 -6.02
C GLN B 9 2.01 -20.82 -5.49
N VAL B 10 1.00 -20.62 -6.33
CA VAL B 10 -0.35 -21.07 -6.01
C VAL B 10 -0.71 -22.24 -6.94
N TYR B 11 -1.34 -23.26 -6.37
CA TYR B 11 -1.59 -24.49 -7.10
C TYR B 11 -2.52 -25.39 -6.28
N SER B 12 -2.92 -26.52 -6.86
CA SER B 12 -3.78 -27.47 -6.14
C SER B 12 -2.99 -28.72 -5.76
N ARG B 13 -3.46 -29.42 -4.73
CA ARG B 13 -2.80 -30.64 -4.30
C ARG B 13 -2.82 -31.68 -5.41
N HIS B 14 -4.01 -32.03 -5.88
CA HIS B 14 -4.19 -32.99 -6.97
C HIS B 14 -4.65 -32.27 -8.22
N PRO B 15 -4.42 -32.90 -9.40
CA PRO B 15 -4.88 -32.37 -10.68
C PRO B 15 -6.34 -31.95 -10.60
N ALA B 16 -6.59 -30.64 -10.74
CA ALA B 16 -7.93 -30.09 -10.53
C ALA B 16 -8.99 -30.72 -11.44
N GLU B 17 -10.11 -31.10 -10.83
CA GLU B 17 -11.25 -31.63 -11.57
C GLU B 17 -12.52 -30.99 -11.03
N ASN B 18 -13.11 -30.08 -11.81
CA ASN B 18 -14.32 -29.38 -11.38
C ASN B 18 -15.34 -30.34 -10.78
N GLY B 19 -15.93 -29.94 -9.66
CA GLY B 19 -16.88 -30.78 -8.96
C GLY B 19 -16.22 -31.74 -7.99
N LYS B 20 -14.95 -32.06 -8.24
CA LYS B 20 -14.20 -32.96 -7.36
C LYS B 20 -13.42 -32.17 -6.31
N SER B 21 -13.74 -32.41 -5.04
CA SER B 21 -13.12 -31.72 -3.92
C SER B 21 -11.60 -31.93 -3.89
N ASN B 22 -10.87 -30.86 -3.58
CA ASN B 22 -9.42 -30.87 -3.68
C ASN B 22 -8.76 -30.11 -2.52
N PHE B 23 -7.56 -29.60 -2.77
CA PHE B 23 -6.85 -28.72 -1.85
C PHE B 23 -6.11 -27.67 -2.67
N LEU B 24 -6.28 -26.40 -2.29
CA LEU B 24 -5.54 -25.31 -2.93
C LEU B 24 -4.35 -24.93 -2.06
N ASN B 25 -3.20 -24.69 -2.67
CA ASN B 25 -2.01 -24.38 -1.94
C ASN B 25 -1.40 -23.06 -2.37
N CYS B 26 -0.84 -22.33 -1.41
CA CYS B 26 0.02 -21.21 -1.72
C CYS B 26 1.34 -21.43 -1.00
N TYR B 27 2.41 -21.55 -1.76
CA TYR B 27 3.73 -21.82 -1.20
C TYR B 27 4.58 -20.56 -1.29
N VAL B 28 4.88 -20.00 -0.13
CA VAL B 28 5.80 -18.86 -0.03
C VAL B 28 7.12 -19.37 0.54
N SER B 29 8.22 -19.03 -0.13
CA SER B 29 9.51 -19.57 0.26
C SER B 29 10.65 -18.61 -0.06
N GLY B 30 11.79 -18.83 0.59
CA GLY B 30 13.00 -18.05 0.29
C GLY B 30 12.93 -16.61 0.75
N PHE B 31 12.11 -16.34 1.76
CA PHE B 31 11.98 -14.98 2.27
C PHE B 31 12.60 -14.81 3.64
N HIS B 32 12.76 -13.55 4.04
CA HIS B 32 13.35 -13.21 5.33
C HIS B 32 13.14 -11.71 5.53
N PRO B 33 12.72 -11.30 6.75
CA PRO B 33 12.40 -12.09 7.95
C PRO B 33 11.08 -12.86 7.86
N SER B 34 10.66 -13.47 8.96
CA SER B 34 9.58 -14.45 8.96
C SER B 34 8.15 -13.91 9.08
N ASP B 35 8.00 -12.66 9.53
CA ASP B 35 6.68 -12.04 9.61
C ASP B 35 6.09 -11.96 8.20
N ILE B 36 4.97 -12.65 7.98
CA ILE B 36 4.34 -12.63 6.66
C ILE B 36 2.82 -12.77 6.69
N GLU B 37 2.18 -12.11 5.72
CA GLU B 37 0.73 -12.02 5.63
C GLU B 37 0.28 -12.70 4.34
N VAL B 38 -0.34 -13.87 4.48
CA VAL B 38 -0.76 -14.65 3.32
C VAL B 38 -2.25 -14.98 3.40
N ASP B 39 -2.97 -14.71 2.31
CA ASP B 39 -4.40 -14.99 2.25
C ASP B 39 -4.78 -15.79 1.00
N LEU B 40 -5.64 -16.79 1.19
CA LEU B 40 -6.23 -17.52 0.07
C LEU B 40 -7.57 -16.89 -0.31
N LEU B 41 -7.72 -16.55 -1.59
CA LEU B 41 -8.92 -15.87 -2.05
C LEU B 41 -9.85 -16.77 -2.88
N LYS B 42 -11.14 -16.73 -2.56
CA LYS B 42 -12.17 -17.37 -3.37
C LYS B 42 -13.05 -16.28 -3.98
N ASN B 43 -12.65 -15.79 -5.15
CA ASN B 43 -13.33 -14.68 -5.79
C ASN B 43 -13.13 -13.38 -5.01
N GLY B 44 -11.88 -12.96 -4.89
CA GLY B 44 -11.55 -11.70 -4.24
C GLY B 44 -11.84 -11.68 -2.75
N GLU B 45 -12.31 -12.80 -2.22
CA GLU B 45 -12.71 -12.88 -0.81
C GLU B 45 -11.78 -13.74 0.03
N ARG B 46 -11.32 -13.16 1.13
CA ARG B 46 -10.56 -13.87 2.14
C ARG B 46 -11.27 -15.15 2.56
N ILE B 47 -10.60 -16.29 2.47
CA ILE B 47 -11.18 -17.54 2.98
C ILE B 47 -10.87 -17.67 4.47
N GLU B 48 -11.80 -18.23 5.23
CA GLU B 48 -11.70 -18.24 6.68
C GLU B 48 -11.29 -19.58 7.28
N LYS B 49 -11.21 -20.61 6.44
CA LYS B 49 -10.78 -21.93 6.91
C LYS B 49 -9.40 -22.29 6.35
N VAL B 50 -8.45 -21.37 6.52
CA VAL B 50 -7.12 -21.53 5.94
C VAL B 50 -6.04 -21.84 6.99
N GLU B 51 -5.31 -22.93 6.75
CA GLU B 51 -4.27 -23.35 7.68
C GLU B 51 -2.91 -23.19 7.03
N HIS B 52 -1.86 -23.41 7.83
CA HIS B 52 -0.50 -23.29 7.32
C HIS B 52 0.47 -24.20 8.08
N SER B 53 1.58 -24.51 7.42
CA SER B 53 2.62 -25.36 8.02
C SER B 53 3.42 -24.58 9.05
N ASP B 54 4.06 -25.29 9.96
CA ASP B 54 4.85 -24.68 11.02
C ASP B 54 6.06 -23.98 10.43
N LEU B 55 6.40 -22.81 10.97
CA LEU B 55 7.52 -22.05 10.43
C LEU B 55 8.74 -22.94 10.31
N SER B 56 9.31 -23.02 9.11
CA SER B 56 10.57 -23.72 8.89
C SER B 56 11.41 -22.90 7.94
N PHE B 57 12.68 -23.26 7.78
CA PHE B 57 13.58 -22.52 6.89
C PHE B 57 14.59 -23.41 6.18
N SER B 58 15.29 -22.82 5.20
CA SER B 58 16.20 -23.57 4.34
C SER B 58 17.66 -23.40 4.76
N LYS B 59 18.55 -24.03 3.99
CA LYS B 59 19.99 -24.04 4.29
C LYS B 59 20.57 -22.63 4.37
N ASP B 60 20.01 -21.70 3.59
CA ASP B 60 20.48 -20.33 3.57
C ASP B 60 19.74 -19.46 4.59
N TRP B 61 19.09 -20.11 5.54
CA TRP B 61 18.38 -19.43 6.62
C TRP B 61 17.08 -18.74 6.17
N SER B 62 16.67 -18.97 4.93
CA SER B 62 15.45 -18.35 4.42
C SER B 62 14.20 -19.18 4.75
N PHE B 63 13.11 -18.50 5.08
CA PHE B 63 11.90 -19.17 5.56
C PHE B 63 10.96 -19.64 4.43
N TYR B 64 10.14 -20.65 4.75
CA TYR B 64 9.13 -21.14 3.83
C TYR B 64 7.86 -21.59 4.55
N LEU B 65 6.73 -21.41 3.90
CA LEU B 65 5.43 -21.70 4.51
C LEU B 65 4.43 -22.21 3.46
N LEU B 66 3.66 -23.22 3.83
CA LEU B 66 2.56 -23.70 2.99
C LEU B 66 1.22 -23.29 3.60
N TYR B 67 0.46 -22.51 2.84
CA TYR B 67 -0.89 -22.16 3.23
C TYR B 67 -1.87 -22.96 2.37
N TYR B 68 -2.90 -23.53 3.01
CA TYR B 68 -3.79 -24.46 2.31
C TYR B 68 -5.21 -24.45 2.86
N THR B 69 -6.16 -24.77 1.98
CA THR B 69 -7.55 -24.99 2.37
C THR B 69 -8.25 -25.95 1.40
N GLU B 70 -9.17 -26.74 1.94
CA GLU B 70 -9.96 -27.63 1.10
C GLU B 70 -10.92 -26.83 0.24
N PHE B 71 -11.18 -27.31 -0.97
CA PHE B 71 -12.07 -26.61 -1.89
C PHE B 71 -12.45 -27.49 -3.08
N THR B 72 -13.61 -27.20 -3.66
CA THR B 72 -14.05 -27.86 -4.88
C THR B 72 -14.05 -26.87 -6.02
N PRO B 73 -13.14 -27.07 -6.99
CA PRO B 73 -13.07 -26.17 -8.15
C PRO B 73 -14.35 -26.26 -8.95
N THR B 74 -14.63 -25.22 -9.73
CA THR B 74 -15.73 -25.24 -10.68
C THR B 74 -15.33 -24.43 -11.90
N GLU B 75 -16.19 -24.44 -12.90
CA GLU B 75 -15.94 -23.76 -14.17
C GLU B 75 -15.82 -22.24 -14.00
N LYS B 76 -16.49 -21.70 -13.00
CA LYS B 76 -16.54 -20.25 -12.81
C LYS B 76 -15.76 -19.76 -11.59
N ASP B 77 -15.61 -20.63 -10.59
CA ASP B 77 -14.93 -20.26 -9.35
C ASP B 77 -13.44 -19.96 -9.55
N GLU B 78 -13.06 -18.73 -9.23
CA GLU B 78 -11.68 -18.28 -9.37
C GLU B 78 -10.98 -18.24 -8.01
N TYR B 79 -9.68 -18.51 -8.00
CA TYR B 79 -8.90 -18.53 -6.76
C TYR B 79 -7.55 -17.85 -6.92
N ALA B 80 -7.15 -17.09 -5.90
CA ALA B 80 -5.88 -16.37 -5.91
C ALA B 80 -5.14 -16.49 -4.59
N CYS B 81 -3.87 -16.07 -4.59
CA CYS B 81 -3.09 -15.99 -3.36
C CYS B 81 -2.56 -14.57 -3.17
N ARG B 82 -2.89 -13.97 -2.05
CA ARG B 82 -2.41 -12.64 -1.75
C ARG B 82 -1.34 -12.69 -0.66
N VAL B 83 -0.21 -12.04 -0.93
CA VAL B 83 0.92 -12.10 -0.04
C VAL B 83 1.47 -10.71 0.26
N ASN B 84 1.67 -10.40 1.54
CA ASN B 84 2.32 -9.16 1.95
C ASN B 84 3.52 -9.41 2.85
N HIS B 85 4.50 -8.52 2.79
CA HIS B 85 5.77 -8.72 3.47
C HIS B 85 6.49 -7.37 3.48
N VAL B 86 7.48 -7.19 4.36
CA VAL B 86 8.21 -5.93 4.40
C VAL B 86 8.80 -5.56 3.04
N THR B 87 9.28 -6.56 2.33
CA THR B 87 9.96 -6.33 1.05
C THR B 87 9.00 -5.94 -0.08
N LEU B 88 7.70 -6.01 0.19
CA LEU B 88 6.68 -5.67 -0.81
C LEU B 88 6.05 -4.32 -0.53
N SER B 89 6.12 -3.44 -1.53
CA SER B 89 5.50 -2.11 -1.43
C SER B 89 3.98 -2.20 -1.34
N GLN B 90 3.43 -3.28 -1.90
CA GLN B 90 2.00 -3.53 -1.84
C GLN B 90 1.72 -5.02 -2.02
N PRO B 91 0.58 -5.50 -1.47
CA PRO B 91 0.26 -6.92 -1.54
C PRO B 91 0.38 -7.44 -2.96
N LYS B 92 0.92 -8.64 -3.11
CA LYS B 92 1.05 -9.25 -4.41
C LYS B 92 0.04 -10.38 -4.56
N ILE B 93 -0.78 -10.28 -5.59
CA ILE B 93 -1.85 -11.25 -5.79
C ILE B 93 -1.47 -12.20 -6.91
N VAL B 94 -1.30 -13.47 -6.57
CA VAL B 94 -0.97 -14.48 -7.56
C VAL B 94 -2.20 -15.33 -7.85
N LYS B 95 -2.63 -15.31 -9.12
CA LYS B 95 -3.80 -16.07 -9.54
C LYS B 95 -3.50 -17.55 -9.73
N TRP B 96 -4.40 -18.40 -9.29
CA TRP B 96 -4.23 -19.84 -9.49
C TRP B 96 -4.51 -20.22 -10.93
N ASP B 97 -3.46 -20.38 -11.72
CA ASP B 97 -3.60 -20.87 -13.07
C ASP B 97 -3.89 -22.36 -12.99
N ARG B 98 -5.18 -22.71 -13.04
CA ARG B 98 -5.64 -24.09 -12.87
C ARG B 98 -4.88 -25.12 -13.68
N ASP B 99 -4.17 -24.65 -14.70
CA ASP B 99 -3.47 -25.56 -15.61
C ASP B 99 -2.08 -25.06 -16.01
N MET B 100 -1.45 -24.29 -15.13
CA MET B 100 -0.09 -23.81 -15.40
C MET B 100 0.89 -24.98 -15.40
N ARG C 1 15.35 -36.29 18.62
CA ARG C 1 15.47 -35.96 20.03
C ARG C 1 16.15 -34.59 20.22
N TYR C 2 15.36 -33.62 20.66
CA TYR C 2 15.80 -32.23 20.69
C TYR C 2 17.17 -32.06 21.35
N PRO C 3 18.01 -31.17 20.78
CA PRO C 3 19.36 -30.90 21.28
C PRO C 3 19.39 -30.03 22.53
N LEU C 4 20.48 -30.11 23.28
CA LEU C 4 20.72 -29.16 24.37
C LEU C 4 21.26 -27.89 23.74
N THR C 5 21.08 -26.76 24.43
CA THR C 5 21.47 -25.46 23.87
C THR C 5 22.19 -24.63 24.90
N PHE C 6 22.96 -23.65 24.43
CA PHE C 6 23.80 -22.87 25.32
C PHE C 6 23.72 -21.36 25.10
N GLY C 7 24.00 -20.61 26.15
CA GLY C 7 23.95 -19.16 26.09
C GLY C 7 25.08 -18.62 25.25
N TRP C 8 24.86 -17.45 24.66
CA TRP C 8 25.85 -16.81 23.82
C TRP C 8 26.73 -15.89 24.65
N GLY D 2 7.47 11.02 -14.00
CA GLY D 2 7.39 12.46 -14.14
C GLY D 2 8.06 12.97 -15.40
N SER D 3 9.25 13.54 -15.25
CA SER D 3 10.01 14.07 -16.37
C SER D 3 10.88 12.99 -17.01
N HIS D 4 11.17 13.13 -18.30
CA HIS D 4 11.98 12.16 -19.02
C HIS D 4 13.00 12.82 -19.93
N SER D 5 14.11 12.12 -20.18
CA SER D 5 15.19 12.67 -20.98
C SER D 5 15.71 11.67 -22.00
N MET D 6 16.13 12.18 -23.16
CA MET D 6 16.81 11.36 -24.16
C MET D 6 18.19 11.94 -24.41
N ARG D 7 19.18 11.08 -24.61
CA ARG D 7 20.56 11.51 -24.80
C ARG D 7 21.27 10.69 -25.87
N TYR D 8 22.16 11.34 -26.60
CA TYR D 8 23.07 10.64 -27.51
C TYR D 8 24.49 11.11 -27.24
N PHE D 9 25.35 10.17 -26.87
CA PHE D 9 26.74 10.47 -26.61
C PHE D 9 27.60 9.86 -27.70
N SER D 10 28.49 10.67 -28.26
CA SER D 10 29.45 10.19 -29.24
C SER D 10 30.85 10.54 -28.77
N THR D 11 31.82 9.75 -29.22
CA THR D 11 33.21 9.98 -28.89
C THR D 11 34.08 9.53 -30.05
N SER D 12 34.72 10.48 -30.72
CA SER D 12 35.69 10.18 -31.76
C SER D 12 37.09 10.30 -31.15
N VAL D 13 37.91 9.28 -31.36
CA VAL D 13 39.27 9.28 -30.83
C VAL D 13 40.31 8.96 -31.89
N SER D 14 41.27 9.85 -32.08
CA SER D 14 42.29 9.68 -33.11
C SER D 14 43.38 8.69 -32.69
N ARG D 15 43.81 7.88 -33.65
CA ARG D 15 44.84 6.89 -33.43
C ARG D 15 45.99 7.15 -34.39
N PRO D 16 46.80 8.17 -34.11
CA PRO D 16 47.84 8.59 -35.06
C PRO D 16 48.73 7.41 -35.47
N GLY D 17 48.75 7.11 -36.77
CA GLY D 17 49.58 6.03 -37.27
C GLY D 17 49.03 4.64 -36.97
N ARG D 18 47.74 4.56 -36.69
CA ARG D 18 47.09 3.27 -36.45
C ARG D 18 45.75 3.18 -37.15
N GLY D 19 45.62 3.87 -38.28
CA GLY D 19 44.38 3.82 -39.04
C GLY D 19 43.48 5.02 -38.78
N GLU D 20 42.24 4.93 -39.26
CA GLU D 20 41.28 6.01 -39.08
C GLU D 20 40.77 6.06 -37.65
N PRO D 21 40.31 7.24 -37.21
CA PRO D 21 39.78 7.41 -35.85
C PRO D 21 38.67 6.42 -35.55
N ARG D 22 38.50 6.09 -34.27
CA ARG D 22 37.41 5.22 -33.85
C ARG D 22 36.25 6.06 -33.32
N PHE D 23 35.04 5.70 -33.73
CA PHE D 23 33.87 6.48 -33.38
C PHE D 23 32.86 5.59 -32.67
N ILE D 24 32.48 5.96 -31.45
CA ILE D 24 31.45 5.22 -30.74
C ILE D 24 30.30 6.16 -30.37
N ALA D 25 29.09 5.76 -30.73
CA ALA D 25 27.90 6.53 -30.39
C ALA D 25 27.02 5.68 -29.49
N VAL D 26 26.30 6.34 -28.59
CA VAL D 26 25.50 5.65 -27.62
C VAL D 26 24.20 6.42 -27.38
N GLY D 27 23.08 5.71 -27.28
CA GLY D 27 21.80 6.36 -27.08
C GLY D 27 21.10 5.92 -25.81
N TYR D 28 20.43 6.87 -25.16
CA TYR D 28 19.81 6.62 -23.86
C TYR D 28 18.40 7.20 -23.76
N VAL D 29 17.61 6.61 -22.86
CA VAL D 29 16.38 7.20 -22.38
C VAL D 29 16.45 7.10 -20.86
N ASP D 30 16.41 8.24 -20.18
CA ASP D 30 16.62 8.27 -18.73
C ASP D 30 17.91 7.46 -18.55
N ASP D 31 17.86 6.43 -17.71
CA ASP D 31 19.06 5.68 -17.34
C ASP D 31 19.11 4.33 -18.06
N THR D 32 18.48 4.25 -19.22
CA THR D 32 18.41 3.02 -20.00
C THR D 32 18.96 3.21 -21.41
N GLN D 33 20.15 2.69 -21.67
CA GLN D 33 20.70 2.70 -23.02
C GLN D 33 19.84 1.82 -23.95
N PHE D 34 19.74 2.19 -25.22
CA PHE D 34 18.91 1.42 -26.14
C PHE D 34 19.51 1.22 -27.55
N VAL D 35 20.57 1.96 -27.87
CA VAL D 35 21.24 1.78 -29.17
C VAL D 35 22.74 2.03 -29.08
N ARG D 36 23.45 1.73 -30.17
CA ARG D 36 24.88 1.99 -30.26
C ARG D 36 25.37 1.94 -31.70
N PHE D 37 26.44 2.68 -31.98
CA PHE D 37 27.20 2.47 -33.20
C PHE D 37 28.67 2.39 -32.84
N ASP D 38 29.36 1.42 -33.44
CA ASP D 38 30.80 1.30 -33.28
C ASP D 38 31.44 1.18 -34.66
N SER D 39 32.15 2.22 -35.06
CA SER D 39 32.77 2.28 -36.39
C SER D 39 33.69 1.09 -36.66
N ASP D 40 34.29 0.55 -35.61
CA ASP D 40 35.20 -0.58 -35.77
C ASP D 40 34.46 -1.91 -35.92
N ALA D 41 33.25 -1.98 -35.38
CA ALA D 41 32.46 -3.22 -35.42
C ALA D 41 32.25 -3.72 -36.84
N ALA D 42 31.70 -4.92 -36.96
CA ALA D 42 31.54 -5.57 -38.26
C ALA D 42 30.23 -5.21 -38.93
N SER D 43 29.19 -5.01 -38.15
CA SER D 43 27.86 -4.74 -38.69
C SER D 43 27.82 -3.45 -39.52
N GLN D 44 28.53 -2.44 -39.05
CA GLN D 44 28.47 -1.10 -39.64
C GLN D 44 27.05 -0.54 -39.60
N ARG D 45 26.31 -0.91 -38.56
CA ARG D 45 24.94 -0.41 -38.40
C ARG D 45 24.66 0.02 -36.97
N MET D 46 23.62 0.83 -36.82
CA MET D 46 23.11 1.16 -35.51
C MET D 46 22.50 -0.11 -34.96
N GLU D 47 22.84 -0.45 -33.72
CA GLU D 47 22.40 -1.71 -33.12
C GLU D 47 21.57 -1.47 -31.86
N PRO D 48 20.50 -2.27 -31.70
CA PRO D 48 19.62 -2.16 -30.55
C PRO D 48 20.30 -2.67 -29.29
N ARG D 49 20.05 -2.01 -28.17
CA ARG D 49 20.64 -2.41 -26.90
C ARG D 49 19.60 -2.49 -25.78
N ALA D 50 18.34 -2.54 -26.18
CA ALA D 50 17.22 -2.64 -25.26
C ALA D 50 16.02 -3.21 -26.00
N PRO D 51 15.56 -4.39 -25.58
CA PRO D 51 14.39 -5.11 -26.09
C PRO D 51 13.33 -4.20 -26.74
N TRP D 52 12.89 -3.14 -26.06
CA TRP D 52 11.73 -2.40 -26.53
C TRP D 52 11.97 -1.61 -27.82
N ILE D 53 13.23 -1.48 -28.23
CA ILE D 53 13.55 -0.75 -29.44
C ILE D 53 13.57 -1.69 -30.64
N GLU D 54 13.78 -2.97 -30.40
CA GLU D 54 13.91 -3.94 -31.48
C GLU D 54 12.65 -4.04 -32.35
N GLN D 55 11.52 -3.60 -31.80
CA GLN D 55 10.26 -3.65 -32.56
C GLN D 55 10.27 -2.66 -33.73
N GLU D 56 11.32 -1.85 -33.80
CA GLU D 56 11.46 -0.87 -34.86
C GLU D 56 11.69 -1.55 -36.19
N GLY D 57 11.01 -1.05 -37.22
CA GLY D 57 11.06 -1.63 -38.56
C GLY D 57 12.36 -1.35 -39.28
N PRO D 58 12.48 -1.86 -40.52
CA PRO D 58 13.71 -1.75 -41.30
C PRO D 58 14.02 -0.29 -41.66
N GLU D 59 13.00 0.49 -41.98
CA GLU D 59 13.19 1.91 -42.26
C GLU D 59 13.98 2.52 -41.12
N TYR D 60 13.46 2.37 -39.91
CA TYR D 60 14.06 2.99 -38.74
C TYR D 60 15.56 2.76 -38.67
N TRP D 61 15.98 1.52 -38.82
CA TRP D 61 17.40 1.18 -38.70
C TRP D 61 18.23 1.73 -39.86
N ASP D 62 17.64 1.73 -41.06
CA ASP D 62 18.24 2.37 -42.23
C ASP D 62 18.49 3.84 -41.95
N GLU D 63 17.43 4.53 -41.52
CA GLU D 63 17.46 5.98 -41.30
C GLU D 63 18.44 6.39 -40.21
N GLU D 64 18.45 5.62 -39.12
CA GLU D 64 19.35 5.89 -38.00
C GLU D 64 20.79 5.54 -38.36
N THR D 65 21.00 4.36 -38.95
CA THR D 65 22.33 3.98 -39.41
C THR D 65 22.87 4.99 -40.42
N GLY D 66 21.97 5.64 -41.16
CA GLY D 66 22.38 6.62 -42.15
C GLY D 66 22.94 7.88 -41.52
N LYS D 67 22.35 8.28 -40.40
CA LYS D 67 22.75 9.52 -39.74
C LYS D 67 24.00 9.35 -38.90
N VAL D 68 24.07 8.24 -38.16
CA VAL D 68 25.20 8.00 -37.28
C VAL D 68 26.50 7.80 -38.08
N LYS D 69 26.44 6.99 -39.13
CA LYS D 69 27.58 6.78 -40.01
C LYS D 69 28.03 8.10 -40.65
N ALA D 70 27.07 9.00 -40.82
CA ALA D 70 27.33 10.31 -41.42
C ALA D 70 28.03 11.21 -40.42
N HIS D 71 27.67 11.05 -39.14
CA HIS D 71 28.32 11.81 -38.09
C HIS D 71 29.75 11.33 -37.83
N SER D 72 29.95 10.02 -37.88
CA SER D 72 31.29 9.48 -37.69
C SER D 72 32.22 10.03 -38.75
N GLN D 73 31.67 10.26 -39.95
CA GLN D 73 32.45 10.75 -41.09
C GLN D 73 32.79 12.23 -40.98
N THR D 74 31.83 13.05 -40.55
CA THR D 74 32.11 14.46 -40.37
C THR D 74 33.11 14.63 -39.22
N ASP D 75 32.90 13.91 -38.12
CA ASP D 75 33.82 13.95 -36.99
C ASP D 75 35.26 13.60 -37.38
N ARG D 76 35.41 12.73 -38.37
CA ARG D 76 36.72 12.38 -38.90
C ARG D 76 37.44 13.63 -39.39
N GLU D 77 36.75 14.41 -40.23
CA GLU D 77 37.28 15.67 -40.73
C GLU D 77 37.45 16.69 -39.62
N ASN D 78 36.48 16.73 -38.69
CA ASN D 78 36.51 17.68 -37.57
C ASN D 78 37.76 17.55 -36.72
N LEU D 79 38.34 16.36 -36.69
CA LEU D 79 39.60 16.14 -36.00
C LEU D 79 40.74 16.77 -36.77
N ARG D 80 40.72 16.62 -38.09
CA ARG D 80 41.67 17.33 -38.95
C ARG D 80 41.56 18.84 -38.75
N ILE D 81 40.38 19.38 -39.01
CA ILE D 81 40.10 20.79 -38.79
C ILE D 81 40.62 21.25 -37.43
N ALA D 82 40.27 20.52 -36.38
CA ALA D 82 40.67 20.87 -35.02
C ALA D 82 42.19 20.98 -34.89
N LEU D 83 42.92 20.03 -35.48
CA LEU D 83 44.37 20.11 -35.50
C LEU D 83 44.86 21.37 -36.17
N ARG D 84 44.20 21.77 -37.26
CA ARG D 84 44.55 23.02 -37.95
C ARG D 84 44.29 24.21 -37.03
N TYR D 85 43.09 24.26 -36.48
CA TYR D 85 42.67 25.39 -35.64
C TYR D 85 43.61 25.62 -34.45
N TYR D 86 44.10 24.52 -33.87
CA TYR D 86 44.91 24.60 -32.67
C TYR D 86 46.42 24.54 -32.93
N ASN D 87 46.80 24.46 -34.21
CA ASN D 87 48.20 24.23 -34.55
C ASN D 87 48.77 23.13 -33.67
N GLN D 88 48.16 21.95 -33.75
CA GLN D 88 48.56 20.85 -32.89
C GLN D 88 49.32 19.79 -33.65
N SER D 89 50.31 19.19 -32.97
CA SER D 89 51.08 18.10 -33.54
C SER D 89 50.14 17.02 -34.05
N GLU D 90 50.42 16.54 -35.26
CA GLU D 90 49.57 15.52 -35.88
C GLU D 90 49.88 14.12 -35.37
N ALA D 91 50.91 14.01 -34.54
CA ALA D 91 51.31 12.72 -33.98
C ALA D 91 50.64 12.46 -32.63
N GLY D 92 49.82 13.40 -32.18
CA GLY D 92 49.13 13.28 -30.91
C GLY D 92 47.67 12.86 -31.02
N SER D 93 47.19 12.15 -30.01
CA SER D 93 45.81 11.67 -29.97
C SER D 93 44.88 12.76 -29.46
N HIS D 94 43.66 12.80 -29.98
CA HIS D 94 42.69 13.80 -29.55
C HIS D 94 41.24 13.31 -29.57
N THR D 95 40.46 13.79 -28.61
CA THR D 95 39.09 13.32 -28.39
C THR D 95 38.04 14.35 -28.77
N LEU D 96 37.04 13.93 -29.54
CA LEU D 96 35.93 14.79 -29.88
C LEU D 96 34.66 14.12 -29.36
N GLN D 97 33.87 14.84 -28.58
CA GLN D 97 32.66 14.28 -28.01
C GLN D 97 31.47 15.20 -28.23
N MET D 98 30.34 14.61 -28.57
CA MET D 98 29.10 15.34 -28.65
C MET D 98 28.12 14.75 -27.65
N MET D 99 27.22 15.58 -27.15
CA MET D 99 26.08 15.08 -26.43
C MET D 99 24.84 15.88 -26.84
N PHE D 100 23.83 15.16 -27.33
CA PHE D 100 22.59 15.77 -27.82
C PHE D 100 21.40 15.14 -27.12
N GLY D 101 20.29 15.87 -27.06
CA GLY D 101 19.07 15.33 -26.49
C GLY D 101 18.13 16.40 -26.00
N CYS D 102 16.97 15.98 -25.49
CA CYS D 102 15.97 16.90 -24.96
C CYS D 102 15.46 16.49 -23.59
N ASP D 103 14.61 17.34 -23.01
CA ASP D 103 13.98 17.06 -21.74
C ASP D 103 12.50 17.36 -21.83
N VAL D 104 11.67 16.38 -21.50
CA VAL D 104 10.24 16.60 -21.45
C VAL D 104 9.69 16.45 -20.03
N GLY D 105 8.56 17.09 -19.76
CA GLY D 105 7.93 17.03 -18.46
C GLY D 105 6.94 15.88 -18.35
N SER D 106 6.10 15.92 -17.32
CA SER D 106 5.14 14.85 -17.08
C SER D 106 4.11 14.69 -18.20
N ASP D 107 3.77 15.81 -18.84
CA ASP D 107 2.79 15.80 -19.92
C ASP D 107 3.41 15.44 -21.26
N GLY D 108 4.74 15.28 -21.27
CA GLY D 108 5.45 14.97 -22.49
C GLY D 108 5.83 16.23 -23.24
N ARG D 109 5.46 17.38 -22.69
CA ARG D 109 5.81 18.66 -23.27
C ARG D 109 7.31 18.90 -23.19
N PHE D 110 7.84 19.63 -24.17
CA PHE D 110 9.26 19.95 -24.23
C PHE D 110 9.69 20.91 -23.11
N LEU D 111 10.81 20.62 -22.47
CA LEU D 111 11.34 21.45 -21.39
C LEU D 111 12.63 22.15 -21.79
N ARG D 112 13.59 21.39 -22.30
CA ARG D 112 14.88 21.93 -22.72
C ARG D 112 15.51 21.00 -23.76
N GLY D 113 16.48 21.52 -24.51
CA GLY D 113 17.16 20.75 -25.52
C GLY D 113 18.65 21.06 -25.54
N TYR D 114 19.47 20.07 -25.88
CA TYR D 114 20.92 20.23 -25.81
C TYR D 114 21.62 19.74 -27.06
N HIS D 115 22.72 20.40 -27.41
CA HIS D 115 23.60 19.95 -28.48
C HIS D 115 24.97 20.60 -28.27
N GLN D 116 25.92 19.83 -27.78
CA GLN D 116 27.20 20.39 -27.33
C GLN D 116 28.39 19.47 -27.50
N TYR D 117 29.52 20.07 -27.88
CA TYR D 117 30.74 19.32 -28.20
C TYR D 117 31.88 19.62 -27.23
N ALA D 118 32.75 18.62 -27.06
CA ALA D 118 33.93 18.78 -26.22
C ALA D 118 35.15 18.34 -27.01
N TYR D 119 36.21 19.12 -26.95
CA TYR D 119 37.44 18.73 -27.61
C TYR D 119 38.50 18.49 -26.53
N ASP D 120 38.85 17.23 -26.35
CA ASP D 120 39.79 16.82 -25.32
C ASP D 120 39.23 17.07 -23.91
N GLY D 121 38.03 16.53 -23.69
CA GLY D 121 37.39 16.59 -22.40
C GLY D 121 37.08 17.99 -21.90
N LYS D 122 37.24 18.98 -22.77
CA LYS D 122 36.90 20.35 -22.41
C LYS D 122 35.88 20.95 -23.39
N ASP D 123 35.06 21.85 -22.89
CA ASP D 123 33.98 22.44 -23.68
C ASP D 123 34.49 23.13 -24.94
N TYR D 124 33.87 22.79 -26.06
CA TYR D 124 34.24 23.40 -27.34
C TYR D 124 33.13 24.34 -27.80
N ILE D 125 31.94 23.81 -28.04
CA ILE D 125 30.81 24.65 -28.39
C ILE D 125 29.49 24.05 -27.91
N ALA D 126 28.51 24.90 -27.63
CA ALA D 126 27.21 24.46 -27.14
C ALA D 126 26.08 25.35 -27.64
N LEU D 127 24.91 24.76 -27.82
CA LEU D 127 23.73 25.52 -28.21
C LEU D 127 23.12 26.13 -26.97
N LYS D 128 22.97 27.46 -26.97
CA LYS D 128 22.34 28.17 -25.86
C LYS D 128 20.90 27.70 -25.65
N GLU D 129 20.45 27.80 -24.40
CA GLU D 129 19.13 27.32 -24.00
C GLU D 129 17.98 27.85 -24.87
N ASP D 130 18.15 29.03 -25.44
CA ASP D 130 17.14 29.59 -26.32
C ASP D 130 17.08 28.84 -27.64
N LEU D 131 18.08 27.98 -27.85
CA LEU D 131 18.17 27.19 -29.07
C LEU D 131 18.37 28.08 -30.28
N ARG D 132 18.82 29.31 -30.07
CA ARG D 132 18.91 30.28 -31.14
C ARG D 132 20.34 30.80 -31.34
N SER D 133 21.22 30.49 -30.40
CA SER D 133 22.59 30.97 -30.47
C SER D 133 23.58 29.99 -29.85
N TRP D 134 24.86 30.22 -30.08
CA TRP D 134 25.90 29.30 -29.64
C TRP D 134 26.86 29.92 -28.62
N THR D 135 27.50 29.07 -27.83
CA THR D 135 28.53 29.50 -26.90
C THR D 135 29.87 28.92 -27.33
N ALA D 136 30.82 29.79 -27.66
CA ALA D 136 32.14 29.35 -28.09
C ALA D 136 33.15 29.53 -26.97
N ALA D 137 33.71 28.43 -26.49
CA ALA D 137 34.57 28.48 -25.32
C ALA D 137 35.95 29.06 -25.60
N ASP D 138 36.28 29.23 -26.87
CA ASP D 138 37.63 29.69 -27.20
C ASP D 138 37.77 30.22 -28.63
N MET D 139 38.91 30.86 -28.90
CA MET D 139 39.20 31.44 -30.20
C MET D 139 38.87 30.47 -31.34
N ALA D 140 39.13 29.18 -31.12
CA ALA D 140 38.92 28.17 -32.15
C ALA D 140 37.45 27.82 -32.35
N ALA D 141 36.70 27.73 -31.27
CA ALA D 141 35.28 27.42 -31.36
C ALA D 141 34.51 28.65 -31.84
N GLN D 142 35.20 29.77 -31.91
CA GLN D 142 34.61 31.02 -32.39
C GLN D 142 34.55 31.05 -33.92
N ILE D 143 35.44 30.30 -34.55
CA ILE D 143 35.42 30.16 -35.99
C ILE D 143 34.21 29.33 -36.40
N THR D 144 34.00 28.24 -35.68
CA THR D 144 32.87 27.36 -35.92
C THR D 144 31.56 28.06 -35.61
N LYS D 145 31.49 28.72 -34.45
CA LYS D 145 30.30 29.48 -34.08
C LYS D 145 29.90 30.37 -35.26
N ARG D 146 30.87 31.04 -35.85
CA ARG D 146 30.59 31.93 -36.98
C ARG D 146 30.10 31.17 -38.20
N LYS D 147 30.59 29.95 -38.38
CA LYS D 147 30.19 29.10 -39.51
C LYS D 147 28.72 28.67 -39.39
N TRP D 148 28.34 28.16 -38.23
CA TRP D 148 26.98 27.68 -37.99
C TRP D 148 25.97 28.82 -37.95
N GLU D 149 26.43 30.00 -37.55
CA GLU D 149 25.57 31.17 -37.57
C GLU D 149 25.29 31.58 -39.01
N ALA D 150 26.34 31.64 -39.81
CA ALA D 150 26.21 31.94 -41.23
C ALA D 150 25.37 30.88 -41.94
N ALA D 151 25.40 29.66 -41.42
CA ALA D 151 24.68 28.54 -42.04
C ALA D 151 23.26 28.40 -41.51
N HIS D 152 22.97 29.03 -40.39
CA HIS D 152 21.64 28.92 -39.77
C HIS D 152 21.37 27.49 -39.31
N VAL D 153 22.41 26.87 -38.78
CA VAL D 153 22.32 25.53 -38.21
C VAL D 153 21.29 25.47 -37.08
N ALA D 154 21.17 26.56 -36.32
CA ALA D 154 20.33 26.57 -35.13
C ALA D 154 18.83 26.45 -35.41
N GLU D 155 18.38 26.92 -36.57
CA GLU D 155 16.96 26.84 -36.89
C GLU D 155 16.57 25.41 -37.20
N GLN D 156 17.54 24.64 -37.67
CA GLN D 156 17.35 23.22 -37.91
C GLN D 156 17.35 22.49 -36.57
N GLN D 157 18.40 22.70 -35.79
CA GLN D 157 18.54 22.03 -34.51
C GLN D 157 17.43 22.43 -33.54
N ARG D 158 17.09 23.72 -33.52
CA ARG D 158 15.97 24.18 -32.69
C ARG D 158 14.71 23.40 -33.00
N ALA D 159 14.30 23.46 -34.27
CA ALA D 159 13.08 22.79 -34.71
C ALA D 159 13.13 21.31 -34.42
N TYR D 160 14.30 20.71 -34.65
CA TYR D 160 14.50 19.30 -34.43
C TYR D 160 14.32 18.94 -32.96
N LEU D 161 14.83 19.80 -32.09
CA LEU D 161 14.79 19.57 -30.63
C LEU D 161 13.39 19.69 -30.04
N GLU D 162 12.64 20.69 -30.48
CA GLU D 162 11.28 20.91 -29.98
C GLU D 162 10.25 20.04 -30.70
N GLY D 163 10.65 19.42 -31.80
CA GLY D 163 9.72 18.64 -32.61
C GLY D 163 10.09 17.18 -32.70
N THR D 164 11.15 16.88 -33.43
CA THR D 164 11.52 15.50 -33.70
C THR D 164 11.94 14.76 -32.44
N CYS D 165 12.81 15.37 -31.66
CA CYS D 165 13.35 14.74 -30.45
C CYS D 165 12.27 14.45 -29.41
N VAL D 166 11.39 15.40 -29.15
CA VAL D 166 10.35 15.18 -28.14
C VAL D 166 9.36 14.10 -28.58
N ASP D 167 8.92 14.17 -29.84
CA ASP D 167 8.02 13.14 -30.36
C ASP D 167 8.71 11.79 -30.26
N GLY D 168 9.99 11.77 -30.62
CA GLY D 168 10.77 10.55 -30.57
C GLY D 168 10.81 9.96 -29.19
N LEU D 169 11.04 10.82 -28.20
CA LEU D 169 11.10 10.41 -26.80
C LEU D 169 9.80 9.73 -26.38
N ARG D 170 8.66 10.38 -26.65
CA ARG D 170 7.35 9.80 -26.38
C ARG D 170 7.20 8.40 -26.96
N ARG D 171 7.42 8.28 -28.26
CA ARG D 171 7.29 7.00 -28.94
C ARG D 171 8.08 5.91 -28.23
N TYR D 172 9.30 6.26 -27.82
CA TYR D 172 10.16 5.35 -27.07
C TYR D 172 9.53 5.01 -25.71
N LEU D 173 9.08 6.03 -25.00
CA LEU D 173 8.48 5.85 -23.68
C LEU D 173 7.27 4.93 -23.73
N GLU D 174 6.51 5.02 -24.82
CA GLU D 174 5.35 4.16 -25.02
C GLU D 174 5.78 2.72 -25.34
N ASN D 175 6.56 2.56 -26.40
CA ASN D 175 7.05 1.24 -26.79
C ASN D 175 7.69 0.47 -25.63
N GLY D 176 8.57 1.13 -24.89
CA GLY D 176 9.28 0.53 -23.77
C GLY D 176 8.54 0.68 -22.46
N LYS D 177 7.26 1.01 -22.54
CA LYS D 177 6.40 1.21 -21.37
C LYS D 177 6.76 0.34 -20.16
N GLU D 178 6.67 -0.98 -20.33
CA GLU D 178 6.83 -1.87 -19.18
C GLU D 178 8.26 -1.92 -18.63
N THR D 179 9.12 -1.02 -19.09
CA THR D 179 10.51 -1.02 -18.63
C THR D 179 11.03 0.39 -18.40
N LEU D 180 10.58 1.34 -19.22
CA LEU D 180 11.08 2.71 -19.15
C LEU D 180 10.26 3.58 -18.22
N GLN D 181 9.10 3.09 -17.80
CA GLN D 181 8.23 3.88 -16.93
C GLN D 181 8.04 3.21 -15.57
N ARG D 182 8.69 2.07 -15.38
CA ARG D 182 8.65 1.35 -14.12
C ARG D 182 9.63 1.99 -13.13
N THR D 183 9.24 2.04 -11.86
CA THR D 183 10.12 2.60 -10.83
C THR D 183 10.41 1.60 -9.70
N ASP D 184 11.65 1.15 -9.59
CA ASP D 184 12.04 0.16 -8.58
C ASP D 184 12.56 0.83 -7.31
N PRO D 185 11.91 0.53 -6.18
CA PRO D 185 12.36 1.04 -4.88
C PRO D 185 13.63 0.31 -4.49
N PRO D 186 14.48 0.95 -3.66
CA PRO D 186 15.75 0.34 -3.29
C PRO D 186 15.49 -0.82 -2.34
N LYS D 187 16.37 -1.82 -2.35
CA LYS D 187 16.36 -2.81 -1.28
C LYS D 187 17.36 -2.36 -0.23
N THR D 188 16.85 -1.82 0.87
CA THR D 188 17.69 -1.14 1.85
C THR D 188 18.01 -2.00 3.06
N HIS D 189 19.25 -1.87 3.54
CA HIS D 189 19.67 -2.57 4.73
C HIS D 189 20.95 -1.92 5.27
N MET D 190 21.30 -2.20 6.51
CA MET D 190 22.46 -1.57 7.14
C MET D 190 23.48 -2.61 7.57
N THR D 191 24.77 -2.28 7.43
CA THR D 191 25.86 -3.15 7.91
C THR D 191 26.75 -2.44 8.93
N HIS D 192 27.53 -3.23 9.65
CA HIS D 192 28.29 -2.77 10.80
C HIS D 192 29.67 -3.41 10.79
N HIS D 193 30.72 -2.59 10.90
CA HIS D 193 32.09 -3.08 10.87
C HIS D 193 32.91 -2.46 11.99
N PRO D 194 33.20 -3.24 13.05
CA PRO D 194 34.09 -2.75 14.10
C PRO D 194 35.43 -2.37 13.49
N ILE D 195 35.76 -1.09 13.48
CA ILE D 195 37.02 -0.66 12.90
C ILE D 195 38.15 -0.89 13.90
N SER D 196 37.84 -0.71 15.18
CA SER D 196 38.82 -0.93 16.26
C SER D 196 38.28 -0.58 17.64
N ASP D 197 37.59 -1.54 18.27
CA ASP D 197 37.27 -1.52 19.70
C ASP D 197 36.63 -0.25 20.30
N HIS D 198 36.86 0.91 19.70
CA HIS D 198 36.27 2.16 20.17
C HIS D 198 35.59 2.89 19.01
N GLU D 199 35.70 2.32 17.82
CA GLU D 199 35.05 2.88 16.64
C GLU D 199 34.48 1.78 15.75
N ALA D 200 33.40 2.11 15.06
CA ALA D 200 32.72 1.14 14.20
C ALA D 200 32.20 1.86 12.97
N THR D 201 32.33 1.21 11.81
CA THR D 201 31.77 1.75 10.57
C THR D 201 30.32 1.30 10.40
N LEU D 202 29.41 2.25 10.23
CA LEU D 202 28.03 1.93 9.85
C LEU D 202 27.85 2.25 8.37
N ARG D 203 27.32 1.30 7.61
CA ARG D 203 27.15 1.48 6.17
C ARG D 203 25.69 1.28 5.72
N CYS D 204 25.10 2.34 5.17
CA CYS D 204 23.71 2.30 4.71
C CYS D 204 23.62 1.92 3.23
N TRP D 205 22.88 0.85 2.93
CA TRP D 205 22.83 0.30 1.57
C TRP D 205 21.52 0.55 0.84
N ALA D 206 21.62 0.79 -0.47
CA ALA D 206 20.47 0.80 -1.36
C ALA D 206 20.85 -0.03 -2.58
N LEU D 207 19.99 -0.97 -2.96
CA LEU D 207 20.34 -1.91 -4.02
C LEU D 207 19.19 -2.17 -4.97
N GLY D 208 19.52 -2.29 -6.26
CA GLY D 208 18.55 -2.61 -7.28
C GLY D 208 17.40 -1.63 -7.42
N PHE D 209 17.71 -0.35 -7.61
CA PHE D 209 16.67 0.64 -7.88
C PHE D 209 16.73 1.20 -9.31
N TYR D 210 15.62 1.78 -9.74
CA TYR D 210 15.55 2.50 -11.01
C TYR D 210 14.41 3.51 -10.96
N PRO D 211 14.67 4.77 -11.36
CA PRO D 211 15.92 5.31 -11.91
C PRO D 211 17.08 5.35 -10.92
N ALA D 212 18.18 5.99 -11.32
CA ALA D 212 19.39 6.02 -10.49
C ALA D 212 19.45 7.21 -9.54
N GLU D 213 18.54 8.17 -9.69
CA GLU D 213 18.49 9.30 -8.76
C GLU D 213 18.05 8.82 -7.39
N ILE D 214 18.83 9.15 -6.37
CA ILE D 214 18.53 8.70 -5.01
C ILE D 214 19.24 9.58 -3.99
N THR D 215 18.76 9.54 -2.74
CA THR D 215 19.32 10.35 -1.67
C THR D 215 19.58 9.52 -0.41
N LEU D 216 20.84 9.26 -0.12
CA LEU D 216 21.23 8.61 1.12
C LEU D 216 21.70 9.68 2.10
N THR D 217 21.19 9.67 3.32
CA THR D 217 21.52 10.69 4.29
C THR D 217 21.74 10.12 5.68
N TRP D 218 22.83 10.51 6.32
CA TRP D 218 23.08 10.11 7.70
C TRP D 218 22.64 11.18 8.70
N GLN D 219 22.31 10.74 9.91
CA GLN D 219 21.91 11.64 10.98
C GLN D 219 22.37 11.14 12.33
N ARG D 220 22.72 12.08 13.21
CA ARG D 220 23.04 11.78 14.59
C ARG D 220 22.03 12.48 15.48
N ASP D 221 21.28 11.70 16.25
CA ASP D 221 20.23 12.25 17.11
C ASP D 221 19.27 13.13 16.29
N GLY D 222 19.06 12.75 15.05
CA GLY D 222 18.15 13.48 14.17
C GLY D 222 18.75 14.80 13.73
N GLU D 223 19.97 14.74 13.19
CA GLU D 223 20.70 15.94 12.78
C GLU D 223 21.73 15.59 11.72
N ASP D 224 21.59 16.19 10.53
CA ASP D 224 22.50 15.92 9.42
C ASP D 224 23.94 15.73 9.90
N GLN D 225 24.72 14.95 9.16
CA GLN D 225 26.06 14.59 9.59
C GLN D 225 27.23 15.35 8.95
N THR D 226 26.93 16.18 7.95
CA THR D 226 27.95 16.80 7.09
C THR D 226 28.96 15.80 6.51
N GLN D 227 30.25 16.12 6.54
CA GLN D 227 31.23 15.21 5.94
C GLN D 227 32.06 14.38 6.94
N ASP D 228 31.38 13.54 7.71
CA ASP D 228 32.02 12.42 8.37
C ASP D 228 31.50 11.17 7.68
N THR D 229 30.61 11.41 6.72
CA THR D 229 30.00 10.37 5.92
C THR D 229 30.71 10.24 4.57
N GLU D 230 30.88 9.01 4.12
CA GLU D 230 31.47 8.75 2.81
C GLU D 230 30.43 8.20 1.86
N LEU D 231 30.08 8.96 0.83
CA LEU D 231 29.21 8.48 -0.22
C LEU D 231 30.03 7.88 -1.36
N VAL D 232 29.53 6.80 -1.94
CA VAL D 232 30.12 6.29 -3.17
C VAL D 232 29.23 6.69 -4.32
N GLU D 233 29.85 6.95 -5.47
CA GLU D 233 29.12 7.28 -6.68
C GLU D 233 28.14 6.16 -7.01
N THR D 234 26.92 6.51 -7.37
CA THR D 234 25.93 5.53 -7.82
C THR D 234 26.50 4.67 -8.95
N ARG D 235 26.35 3.35 -8.82
CA ARG D 235 27.02 2.42 -9.74
C ARG D 235 26.04 1.37 -10.27
N PRO D 236 26.11 1.08 -11.58
CA PRO D 236 25.20 0.13 -12.22
C PRO D 236 25.35 -1.28 -11.65
N ALA D 237 24.23 -1.94 -11.39
CA ALA D 237 24.24 -3.32 -10.93
C ALA D 237 24.69 -4.26 -12.05
N GLY D 238 24.42 -3.87 -13.28
CA GLY D 238 24.76 -4.69 -14.43
C GLY D 238 23.52 -5.27 -15.07
N ASP D 239 22.39 -5.11 -14.39
CA ASP D 239 21.11 -5.64 -14.87
C ASP D 239 20.07 -4.54 -15.04
N GLY D 240 20.54 -3.30 -15.12
CA GLY D 240 19.67 -2.16 -15.33
C GLY D 240 19.47 -1.33 -14.08
N THR D 241 19.46 -1.99 -12.93
CA THR D 241 19.23 -1.32 -11.67
C THR D 241 20.54 -0.79 -11.08
N PHE D 242 20.46 0.17 -10.17
CA PHE D 242 21.64 0.80 -9.61
C PHE D 242 21.82 0.56 -8.12
N GLN D 243 23.03 0.78 -7.62
CA GLN D 243 23.36 0.57 -6.21
C GLN D 243 24.01 1.82 -5.65
N LYS D 244 24.06 1.93 -4.33
CA LYS D 244 24.75 3.03 -3.67
C LYS D 244 24.79 2.83 -2.15
N TRP D 245 25.83 3.36 -1.49
CA TRP D 245 25.90 3.34 -0.04
C TRP D 245 26.53 4.59 0.56
N ALA D 246 26.40 4.72 1.88
CA ALA D 246 26.99 5.82 2.63
C ALA D 246 27.45 5.29 3.99
N ALA D 247 28.71 5.53 4.32
CA ALA D 247 29.28 5.03 5.57
C ALA D 247 29.70 6.15 6.51
N VAL D 248 29.32 6.02 7.78
CA VAL D 248 29.77 6.94 8.81
C VAL D 248 30.58 6.20 9.86
N VAL D 249 31.68 6.81 10.30
CA VAL D 249 32.46 6.26 11.39
C VAL D 249 31.89 6.72 12.72
N VAL D 250 31.66 5.76 13.61
CA VAL D 250 30.88 5.99 14.82
C VAL D 250 31.61 5.42 16.04
N PRO D 251 31.49 6.10 17.20
CA PRO D 251 32.07 5.60 18.45
C PRO D 251 31.32 4.36 18.95
N SER D 252 32.05 3.35 19.39
CA SER D 252 31.41 2.15 19.94
C SER D 252 30.41 2.52 21.03
N GLY D 253 29.22 1.94 20.95
CA GLY D 253 28.16 2.20 21.92
C GLY D 253 27.20 3.27 21.46
N GLU D 254 27.61 4.04 20.45
CA GLU D 254 26.80 5.15 19.96
C GLU D 254 26.04 4.80 18.69
N GLU D 255 26.30 3.61 18.14
CA GLU D 255 25.67 3.17 16.91
C GLU D 255 24.20 3.58 16.85
N GLN D 256 23.49 3.43 17.95
CA GLN D 256 22.04 3.61 17.93
C GLN D 256 21.59 5.06 17.77
N ARG D 257 22.48 6.01 18.06
CA ARG D 257 22.15 7.42 17.88
C ARG D 257 21.96 7.78 16.41
N TYR D 258 22.47 6.92 15.54
CA TYR D 258 22.51 7.22 14.11
C TYR D 258 21.37 6.59 13.32
N THR D 259 20.69 7.42 12.51
CA THR D 259 19.71 6.93 11.57
C THR D 259 20.13 7.26 10.15
N CYS D 260 19.88 6.34 9.24
CA CYS D 260 20.14 6.59 7.83
C CYS D 260 18.84 6.84 7.10
N HIS D 261 18.79 7.90 6.31
CA HIS D 261 17.58 8.28 5.60
C HIS D 261 17.74 8.13 4.09
N VAL D 262 16.79 7.43 3.48
CA VAL D 262 16.85 7.12 2.06
C VAL D 262 15.68 7.74 1.31
N GLN D 263 15.99 8.47 0.23
CA GLN D 263 14.96 9.07 -0.62
C GLN D 263 15.06 8.57 -2.05
N HIS D 264 13.93 8.23 -2.63
CA HIS D 264 13.87 7.73 -4.00
C HIS D 264 12.46 7.86 -4.57
N GLU D 265 12.37 7.78 -5.89
CA GLU D 265 11.11 8.03 -6.59
C GLU D 265 10.06 6.98 -6.29
N GLY D 266 10.47 5.71 -6.25
CA GLY D 266 9.55 4.60 -6.04
C GLY D 266 9.29 4.30 -4.58
N LEU D 267 9.46 5.29 -3.72
CA LEU D 267 9.19 5.16 -2.29
C LEU D 267 8.08 6.10 -1.87
N PRO D 268 6.95 5.54 -1.40
CA PRO D 268 5.81 6.35 -0.95
C PRO D 268 6.25 7.38 0.10
N LYS D 269 7.00 6.91 1.09
CA LYS D 269 7.61 7.76 2.09
C LYS D 269 9.09 7.41 2.14
N PRO D 270 9.93 8.34 2.59
CA PRO D 270 11.36 8.03 2.78
C PRO D 270 11.55 6.93 3.81
N LEU D 271 12.59 6.13 3.63
CA LEU D 271 12.93 5.08 4.59
C LEU D 271 13.96 5.58 5.59
N THR D 272 13.84 5.12 6.83
CA THR D 272 14.79 5.49 7.87
C THR D 272 15.34 4.23 8.55
N LEU D 273 16.64 4.01 8.41
CA LEU D 273 17.26 2.82 8.98
C LEU D 273 18.05 3.15 10.25
N ARG D 274 17.95 2.27 11.25
CA ARG D 274 18.69 2.42 12.49
C ARG D 274 19.31 1.07 12.89
N TRP D 275 20.46 1.11 13.56
CA TRP D 275 21.18 -0.11 13.89
C TRP D 275 20.55 -0.89 15.05
N MET E 1 46.74 17.92 -22.79
CA MET E 1 45.29 18.09 -22.88
C MET E 1 44.76 18.57 -21.53
N ILE E 2 44.53 17.60 -20.64
CA ILE E 2 44.00 17.83 -19.29
C ILE E 2 43.37 16.50 -18.85
N GLN E 3 43.97 15.86 -17.86
CA GLN E 3 43.65 14.44 -17.62
C GLN E 3 43.01 14.12 -16.29
N ARG E 4 42.15 13.12 -16.29
CA ARG E 4 41.50 12.65 -15.08
C ARG E 4 41.76 11.16 -14.87
N THR E 5 42.00 10.78 -13.62
CA THR E 5 42.23 9.38 -13.27
C THR E 5 40.94 8.71 -12.80
N PRO E 6 40.71 7.49 -13.27
CA PRO E 6 39.44 6.77 -13.07
C PRO E 6 39.16 6.37 -11.63
N LYS E 7 37.93 6.58 -11.18
CA LYS E 7 37.47 6.00 -9.93
C LYS E 7 37.18 4.52 -10.19
N ILE E 8 37.40 3.68 -9.18
CA ILE E 8 37.28 2.24 -9.37
C ILE E 8 36.42 1.58 -8.29
N GLN E 9 35.37 0.89 -8.73
CA GLN E 9 34.52 0.12 -7.82
C GLN E 9 34.39 -1.31 -8.32
N VAL E 10 34.85 -2.26 -7.51
CA VAL E 10 34.66 -3.67 -7.81
C VAL E 10 33.61 -4.23 -6.85
N TYR E 11 32.64 -4.96 -7.39
CA TYR E 11 31.52 -5.46 -6.60
C TYR E 11 30.75 -6.54 -7.35
N SER E 12 29.59 -6.94 -6.82
CA SER E 12 28.80 -8.01 -7.42
C SER E 12 27.35 -7.60 -7.66
N ARG E 13 26.78 -8.08 -8.77
CA ARG E 13 25.41 -7.75 -9.14
C ARG E 13 24.45 -8.00 -7.98
N HIS E 14 24.56 -9.16 -7.35
CA HIS E 14 23.69 -9.53 -6.25
C HIS E 14 24.48 -9.78 -4.97
N PRO E 15 23.80 -9.77 -3.83
CA PRO E 15 24.41 -10.12 -2.54
C PRO E 15 25.18 -11.44 -2.66
N ALA E 16 26.42 -11.44 -2.19
CA ALA E 16 27.29 -12.59 -2.35
C ALA E 16 26.92 -13.75 -1.41
N GLU E 17 26.28 -14.78 -1.97
CA GLU E 17 26.01 -16.02 -1.25
C GLU E 17 26.95 -17.09 -1.76
N ASN E 18 27.94 -17.48 -0.96
CA ASN E 18 28.90 -18.49 -1.37
C ASN E 18 28.26 -19.69 -2.04
N GLY E 19 28.77 -20.05 -3.21
CA GLY E 19 28.23 -21.19 -3.96
C GLY E 19 27.05 -20.85 -4.85
N LYS E 20 26.65 -19.58 -4.87
CA LYS E 20 25.54 -19.15 -5.73
C LYS E 20 26.05 -18.40 -6.97
N SER E 21 25.42 -18.66 -8.11
CA SER E 21 25.83 -18.00 -9.35
C SER E 21 25.52 -16.51 -9.30
N ASN E 22 26.52 -15.69 -9.58
CA ASN E 22 26.36 -14.25 -9.45
C ASN E 22 26.91 -13.48 -10.67
N PHE E 23 27.21 -12.21 -10.47
CA PHE E 23 27.88 -11.43 -11.49
C PHE E 23 28.97 -10.51 -10.87
N LEU E 24 30.22 -10.60 -11.37
CA LEU E 24 31.32 -9.77 -10.86
C LEU E 24 31.52 -8.51 -11.70
N ASN E 25 31.35 -7.35 -11.07
CA ASN E 25 31.46 -6.07 -11.73
C ASN E 25 32.77 -5.35 -11.42
N CYS E 26 33.25 -4.58 -12.38
CA CYS E 26 34.32 -3.63 -12.15
C CYS E 26 33.96 -2.34 -12.88
N TYR E 27 33.61 -1.32 -12.11
CA TYR E 27 33.05 -0.09 -12.67
C TYR E 27 34.06 1.04 -12.58
N VAL E 28 34.52 1.49 -13.75
CA VAL E 28 35.48 2.58 -13.83
C VAL E 28 34.83 3.82 -14.44
N SER E 29 35.05 4.97 -13.80
CA SER E 29 34.39 6.20 -14.21
C SER E 29 35.24 7.44 -13.91
N GLY E 30 34.80 8.58 -14.44
CA GLY E 30 35.41 9.86 -14.15
C GLY E 30 36.80 10.08 -14.74
N PHE E 31 37.16 9.28 -15.73
CA PHE E 31 38.49 9.36 -16.33
C PHE E 31 38.52 10.04 -17.71
N HIS E 32 39.70 10.54 -18.07
CA HIS E 32 39.96 11.08 -19.40
C HIS E 32 41.48 11.02 -19.66
N PRO E 33 41.90 10.54 -20.84
CA PRO E 33 41.10 10.13 -22.00
C PRO E 33 40.40 8.80 -21.78
N SER E 34 39.83 8.26 -22.84
CA SER E 34 38.98 7.07 -22.76
C SER E 34 39.74 5.74 -22.86
N ASP E 35 40.93 5.74 -23.46
CA ASP E 35 41.74 4.53 -23.55
C ASP E 35 42.04 4.00 -22.15
N ILE E 36 41.54 2.80 -21.85
CA ILE E 36 41.73 2.22 -20.54
C ILE E 36 41.91 0.71 -20.58
N GLU E 37 42.62 0.19 -19.59
CA GLU E 37 42.93 -1.23 -19.51
C GLU E 37 42.33 -1.77 -18.23
N VAL E 38 41.41 -2.72 -18.37
CA VAL E 38 40.70 -3.26 -17.22
C VAL E 38 40.63 -4.79 -17.24
N ASP E 39 41.16 -5.42 -16.19
CA ASP E 39 41.17 -6.87 -16.09
C ASP E 39 40.56 -7.35 -14.78
N LEU E 40 39.83 -8.45 -14.85
CA LEU E 40 39.29 -9.09 -13.66
C LEU E 40 40.18 -10.26 -13.26
N LEU E 41 40.45 -10.37 -11.97
CA LEU E 41 41.39 -11.37 -11.47
C LEU E 41 40.77 -12.38 -10.52
N LYS E 42 41.03 -13.66 -10.76
CA LYS E 42 40.63 -14.74 -9.86
C LYS E 42 41.87 -15.32 -9.20
N ASN E 43 42.16 -14.87 -7.99
CA ASN E 43 43.35 -15.31 -7.26
C ASN E 43 44.64 -14.90 -7.97
N GLY E 44 44.65 -13.70 -8.52
CA GLY E 44 45.82 -13.19 -9.21
C GLY E 44 45.83 -13.48 -10.70
N GLU E 45 44.97 -14.40 -11.12
CA GLU E 45 44.90 -14.80 -12.53
C GLU E 45 43.82 -14.03 -13.31
N ARG E 46 44.15 -13.66 -14.54
CA ARG E 46 43.24 -12.89 -15.37
C ARG E 46 42.10 -13.74 -15.91
N ILE E 47 40.88 -13.36 -15.57
CA ILE E 47 39.69 -14.03 -16.11
C ILE E 47 39.50 -13.59 -17.56
N GLU E 48 39.28 -14.55 -18.45
CA GLU E 48 39.26 -14.26 -19.88
C GLU E 48 37.91 -13.79 -20.42
N LYS E 49 36.86 -14.57 -20.22
CA LYS E 49 35.54 -14.16 -20.70
C LYS E 49 35.02 -13.00 -19.85
N VAL E 50 35.35 -11.77 -20.27
CA VAL E 50 34.90 -10.57 -19.56
C VAL E 50 34.31 -9.53 -20.50
N GLU E 51 33.03 -9.24 -20.32
CA GLU E 51 32.35 -8.26 -21.16
C GLU E 51 32.43 -6.87 -20.55
N HIS E 52 32.10 -5.86 -21.34
CA HIS E 52 32.07 -4.49 -20.86
C HIS E 52 31.01 -3.72 -21.62
N SER E 53 30.49 -2.66 -20.99
CA SER E 53 29.45 -1.85 -21.60
C SER E 53 30.01 -0.90 -22.65
N ASP E 54 29.13 -0.39 -23.51
CA ASP E 54 29.49 0.54 -24.56
C ASP E 54 30.03 1.84 -23.98
N LEU E 55 31.05 2.40 -24.61
CA LEU E 55 31.67 3.62 -24.10
C LEU E 55 30.65 4.76 -24.01
N SER E 56 30.74 5.54 -22.94
CA SER E 56 29.88 6.69 -22.73
C SER E 56 30.52 7.63 -21.71
N PHE E 57 29.88 8.75 -21.41
CA PHE E 57 30.49 9.75 -20.54
C PHE E 57 29.48 10.64 -19.79
N SER E 58 29.95 11.25 -18.71
CA SER E 58 29.11 12.05 -17.84
C SER E 58 28.95 13.50 -18.32
N LYS E 59 28.19 14.27 -17.56
CA LYS E 59 27.93 15.67 -17.85
C LYS E 59 29.22 16.45 -18.02
N ASP E 60 30.23 16.10 -17.23
CA ASP E 60 31.53 16.80 -17.27
C ASP E 60 32.46 16.24 -18.36
N TRP E 61 31.95 15.33 -19.16
CA TRP E 61 32.69 14.74 -20.28
C TRP E 61 33.56 13.54 -19.89
N SER E 62 33.66 13.25 -18.61
CA SER E 62 34.48 12.13 -18.15
C SER E 62 33.82 10.80 -18.49
N PHE E 63 34.63 9.84 -18.92
CA PHE E 63 34.11 8.56 -19.39
C PHE E 63 33.85 7.57 -18.27
N TYR E 64 32.92 6.64 -18.51
CA TYR E 64 32.68 5.54 -17.58
C TYR E 64 32.41 4.23 -18.32
N LEU E 65 32.68 3.11 -17.65
CA LEU E 65 32.56 1.79 -18.25
C LEU E 65 32.26 0.72 -17.18
N LEU E 66 31.55 -0.34 -17.57
CA LEU E 66 31.34 -1.47 -16.68
C LEU E 66 31.85 -2.76 -17.29
N TYR E 67 32.71 -3.45 -16.54
CA TYR E 67 33.23 -4.75 -16.94
C TYR E 67 32.68 -5.81 -16.01
N TYR E 68 32.09 -6.87 -16.58
CA TYR E 68 31.38 -7.87 -15.79
C TYR E 68 31.56 -9.30 -16.32
N THR E 69 31.69 -10.26 -15.41
CA THR E 69 31.82 -11.68 -15.77
C THR E 69 31.13 -12.59 -14.77
N GLU E 70 30.33 -13.54 -15.28
CA GLU E 70 29.57 -14.48 -14.45
C GLU E 70 30.48 -15.34 -13.58
N PHE E 71 30.03 -15.63 -12.36
CA PHE E 71 30.86 -16.41 -11.45
C PHE E 71 30.13 -16.90 -10.20
N THR E 72 30.73 -17.88 -9.55
CA THR E 72 30.23 -18.44 -8.31
C THR E 72 31.28 -18.20 -7.23
N PRO E 73 30.93 -17.41 -6.21
CA PRO E 73 31.87 -17.02 -5.14
C PRO E 73 32.07 -18.14 -4.12
N THR E 74 33.32 -18.44 -3.82
CA THR E 74 33.64 -19.37 -2.75
C THR E 74 34.29 -18.59 -1.61
N GLU E 75 34.53 -19.26 -0.49
CA GLU E 75 35.07 -18.61 0.70
C GLU E 75 36.59 -18.43 0.59
N LYS E 76 37.19 -19.07 -0.40
CA LYS E 76 38.64 -19.06 -0.58
C LYS E 76 39.09 -18.19 -1.77
N ASP E 77 38.42 -18.36 -2.90
CA ASP E 77 38.78 -17.67 -4.14
C ASP E 77 38.86 -16.15 -3.96
N GLU E 78 40.03 -15.60 -4.30
CA GLU E 78 40.22 -14.15 -4.26
C GLU E 78 39.82 -13.53 -5.61
N TYR E 79 39.25 -12.34 -5.57
CA TYR E 79 38.87 -11.64 -6.79
C TYR E 79 39.24 -10.15 -6.74
N ALA E 80 39.84 -9.65 -7.81
CA ALA E 80 40.25 -8.25 -7.85
C ALA E 80 40.17 -7.67 -9.28
N CYS E 81 40.30 -6.35 -9.38
CA CYS E 81 40.29 -5.66 -10.66
C CYS E 81 41.62 -4.96 -10.90
N ARG E 82 42.21 -5.18 -12.06
CA ARG E 82 43.44 -4.49 -12.42
C ARG E 82 43.22 -3.47 -13.54
N VAL E 83 43.57 -2.22 -13.25
CA VAL E 83 43.30 -1.12 -14.15
C VAL E 83 44.56 -0.33 -14.47
N ASN E 84 44.83 -0.13 -15.74
CA ASN E 84 45.89 0.79 -16.14
C ASN E 84 45.36 1.90 -17.04
N HIS E 85 45.93 3.08 -16.87
CA HIS E 85 45.49 4.27 -17.58
C HIS E 85 46.70 5.20 -17.62
N VAL E 86 46.78 6.05 -18.64
CA VAL E 86 47.94 6.91 -18.78
C VAL E 86 48.22 7.70 -17.51
N THR E 87 47.17 7.97 -16.74
CA THR E 87 47.33 8.72 -15.50
C THR E 87 47.83 7.83 -14.35
N LEU E 88 48.16 6.59 -14.67
CA LEU E 88 48.63 5.63 -13.68
C LEU E 88 50.04 5.12 -13.99
N SER E 89 51.00 5.56 -13.18
CA SER E 89 52.38 5.10 -13.27
C SER E 89 52.50 3.58 -13.20
N GLN E 90 51.67 2.97 -12.35
CA GLN E 90 51.63 1.51 -12.23
C GLN E 90 50.21 1.01 -12.07
N PRO E 91 49.86 -0.08 -12.80
CA PRO E 91 48.53 -0.67 -12.79
C PRO E 91 47.95 -0.75 -11.39
N LYS E 92 46.74 -0.21 -11.21
CA LYS E 92 46.09 -0.20 -9.90
C LYS E 92 45.26 -1.46 -9.70
N ILE E 93 45.30 -2.00 -8.48
CA ILE E 93 44.54 -3.18 -8.14
C ILE E 93 43.57 -2.89 -7.01
N VAL E 94 42.29 -3.16 -7.23
CA VAL E 94 41.30 -3.01 -6.17
C VAL E 94 40.74 -4.37 -5.80
N LYS E 95 40.98 -4.78 -4.56
CA LYS E 95 40.46 -6.03 -4.04
C LYS E 95 38.94 -5.97 -3.93
N TRP E 96 38.27 -7.07 -4.28
CA TRP E 96 36.83 -7.13 -4.09
C TRP E 96 36.51 -7.41 -2.63
N ASP E 97 36.08 -6.37 -1.92
CA ASP E 97 35.60 -6.55 -0.55
C ASP E 97 34.16 -7.01 -0.65
N ARG E 98 33.86 -8.16 -0.04
CA ARG E 98 32.55 -8.76 -0.14
C ARG E 98 31.50 -7.89 0.54
N ASP E 99 31.84 -7.38 1.71
CA ASP E 99 30.93 -6.54 2.48
C ASP E 99 31.42 -5.10 2.60
N MET E 100 31.92 -4.54 1.50
CA MET E 100 32.33 -3.13 1.49
C MET E 100 31.11 -2.24 1.65
N ARG F 1 16.24 9.04 -31.84
CA ARG F 1 16.25 9.85 -33.06
C ARG F 1 17.56 10.62 -33.19
N TYR F 2 18.59 9.94 -33.70
CA TYR F 2 19.92 10.53 -33.80
C TYR F 2 19.88 11.88 -34.50
N PRO F 3 20.68 12.84 -34.01
CA PRO F 3 20.70 14.20 -34.55
C PRO F 3 21.52 14.35 -35.83
N LEU F 4 21.28 15.45 -36.54
CA LEU F 4 22.11 15.84 -37.67
C LEU F 4 23.29 16.63 -37.14
N THR F 5 24.49 16.39 -37.69
CA THR F 5 25.70 17.06 -37.25
C THR F 5 26.34 17.86 -38.38
N PHE F 6 27.23 18.78 -38.03
CA PHE F 6 27.77 19.74 -39.00
C PHE F 6 29.26 19.96 -38.84
N GLY F 7 29.94 20.21 -39.97
CA GLY F 7 31.37 20.37 -39.98
C GLY F 7 31.85 21.55 -39.15
N TRP F 8 33.03 21.40 -38.55
CA TRP F 8 33.57 22.41 -37.64
C TRP F 8 34.28 23.51 -38.40
N GLY G 2 10.89 6.62 25.71
CA GLY G 2 10.15 5.37 25.65
C GLY G 2 8.98 5.44 24.69
N SER G 3 8.05 4.50 24.84
CA SER G 3 6.86 4.44 23.99
C SER G 3 5.95 5.65 24.17
N HIS G 4 5.14 5.94 23.15
CA HIS G 4 4.18 7.03 23.22
C HIS G 4 2.83 6.60 22.64
N SER G 5 1.78 7.31 23.03
CA SER G 5 0.45 6.97 22.57
C SER G 5 -0.38 8.21 22.26
N MET G 6 -1.11 8.16 21.16
CA MET G 6 -2.07 9.21 20.83
C MET G 6 -3.48 8.64 21.02
N ARG G 7 -4.38 9.43 21.60
CA ARG G 7 -5.76 9.00 21.83
C ARG G 7 -6.77 10.09 21.51
N TYR G 8 -7.91 9.67 20.97
CA TYR G 8 -9.06 10.54 20.81
C TYR G 8 -10.26 9.89 21.46
N PHE G 9 -10.83 10.55 22.47
CA PHE G 9 -12.04 10.07 23.13
C PHE G 9 -13.24 10.93 22.74
N SER G 10 -14.40 10.30 22.64
CA SER G 10 -15.62 11.02 22.28
C SER G 10 -16.83 10.43 22.99
N THR G 11 -17.73 11.30 23.44
CA THR G 11 -18.93 10.86 24.11
C THR G 11 -20.16 11.54 23.53
N SER G 12 -21.16 10.74 23.16
CA SER G 12 -22.46 11.25 22.73
C SER G 12 -23.52 10.87 23.76
N VAL G 13 -24.30 11.85 24.23
CA VAL G 13 -25.30 11.59 25.25
C VAL G 13 -26.64 12.22 24.89
N SER G 14 -27.60 11.37 24.50
CA SER G 14 -28.91 11.87 24.08
C SER G 14 -29.64 12.59 25.21
N ARG G 15 -30.38 13.63 24.84
CA ARG G 15 -31.14 14.42 25.79
C ARG G 15 -32.59 14.46 25.34
N PRO G 16 -33.32 13.34 25.51
CA PRO G 16 -34.69 13.18 25.00
C PRO G 16 -35.65 14.25 25.53
N GLY G 17 -36.29 14.98 24.62
CA GLY G 17 -37.21 16.04 25.01
C GLY G 17 -36.51 17.33 25.40
N ARG G 18 -35.18 17.35 25.33
CA ARG G 18 -34.43 18.54 25.69
C ARG G 18 -33.40 18.91 24.62
N GLY G 19 -33.69 18.59 23.36
CA GLY G 19 -32.81 18.95 22.27
C GLY G 19 -32.05 17.79 21.66
N GLU G 20 -31.01 18.11 20.89
CA GLU G 20 -30.22 17.08 20.22
C GLU G 20 -29.13 16.57 21.16
N PRO G 21 -28.65 15.34 20.92
CA PRO G 21 -27.60 14.76 21.76
C PRO G 21 -26.43 15.72 21.92
N ARG G 22 -25.68 15.58 23.00
CA ARG G 22 -24.48 16.39 23.19
C ARG G 22 -23.23 15.57 22.88
N PHE G 23 -22.33 16.18 22.11
CA PHE G 23 -21.14 15.49 21.65
C PHE G 23 -19.89 16.20 22.12
N ILE G 24 -19.05 15.49 22.87
CA ILE G 24 -17.79 16.03 23.32
C ILE G 24 -16.65 15.12 22.87
N ALA G 25 -15.69 15.69 22.17
CA ALA G 25 -14.49 14.94 21.80
C ALA G 25 -13.29 15.53 22.52
N VAL G 26 -12.19 14.79 22.49
CA VAL G 26 -11.02 15.15 23.26
C VAL G 26 -9.80 14.42 22.68
N GLY G 27 -8.63 15.04 22.76
CA GLY G 27 -7.45 14.44 22.18
C GLY G 27 -6.24 14.49 23.10
N TYR G 28 -5.50 13.38 23.15
CA TYR G 28 -4.36 13.24 24.04
C TYR G 28 -3.11 12.74 23.31
N VAL G 29 -1.96 13.17 23.81
CA VAL G 29 -0.69 12.51 23.51
C VAL G 29 -0.11 12.15 24.86
N ASP G 30 -0.02 10.85 25.15
CA ASP G 30 0.36 10.38 26.47
C ASP G 30 -0.71 10.78 27.49
N ASP G 31 -0.30 11.46 28.56
CA ASP G 31 -1.23 11.91 29.58
C ASP G 31 -1.64 13.37 29.40
N THR G 32 -1.34 13.91 28.21
CA THR G 32 -1.53 15.33 27.92
C THR G 32 -2.61 15.62 26.87
N GLN G 33 -3.66 16.33 27.28
CA GLN G 33 -4.71 16.74 26.33
C GLN G 33 -4.24 17.91 25.46
N PHE G 34 -4.67 17.97 24.21
CA PHE G 34 -4.21 19.04 23.33
C PHE G 34 -5.29 19.62 22.41
N VAL G 35 -6.43 18.93 22.31
CA VAL G 35 -7.53 19.41 21.48
C VAL G 35 -8.90 18.99 22.04
N ARG G 36 -9.95 19.71 21.66
CA ARG G 36 -11.30 19.40 22.10
C ARG G 36 -12.36 19.85 21.10
N PHE G 37 -13.51 19.21 21.15
CA PHE G 37 -14.68 19.69 20.44
C PHE G 37 -15.91 19.52 21.32
N ASP G 38 -16.80 20.50 21.27
CA ASP G 38 -18.01 20.48 22.07
C ASP G 38 -19.16 20.97 21.20
N SER G 39 -20.09 20.07 20.87
CA SER G 39 -21.18 20.39 19.95
C SER G 39 -22.29 21.25 20.57
N ASP G 40 -22.00 21.85 21.72
CA ASP G 40 -22.89 22.87 22.27
C ASP G 40 -22.21 24.23 22.26
N ALA G 41 -20.90 24.25 22.47
CA ALA G 41 -20.13 25.49 22.51
C ALA G 41 -20.41 26.31 21.26
N ALA G 42 -20.07 27.60 21.31
CA ALA G 42 -20.42 28.53 20.24
C ALA G 42 -19.45 28.52 19.08
N SER G 43 -18.18 28.23 19.37
CA SER G 43 -17.16 28.19 18.34
C SER G 43 -17.56 27.25 17.20
N GLN G 44 -17.98 26.04 17.56
CA GLN G 44 -18.28 24.99 16.59
C GLN G 44 -17.03 24.58 15.83
N ARG G 45 -15.93 24.46 16.55
CA ARG G 45 -14.66 24.11 15.95
C ARG G 45 -13.79 23.24 16.86
N MET G 46 -12.74 22.69 16.28
CA MET G 46 -11.74 21.97 17.06
C MET G 46 -10.87 23.02 17.70
N GLU G 47 -10.71 22.94 19.03
CA GLU G 47 -9.97 23.96 19.77
C GLU G 47 -8.68 23.40 20.35
N PRO G 48 -7.63 24.23 20.40
CA PRO G 48 -6.34 23.85 20.98
C PRO G 48 -6.40 23.89 22.51
N ARG G 49 -5.77 22.92 23.15
CA ARG G 49 -5.76 22.84 24.61
C ARG G 49 -4.36 22.59 25.14
N ALA G 50 -3.37 22.86 24.30
CA ALA G 50 -1.97 22.73 24.67
C ALA G 50 -1.16 23.68 23.81
N PRO G 51 -0.20 24.38 24.41
CA PRO G 51 0.64 25.38 23.73
C PRO G 51 1.26 24.88 22.43
N TRP G 52 1.74 23.64 22.39
CA TRP G 52 2.50 23.16 21.24
C TRP G 52 1.67 22.79 20.01
N ILE G 53 0.35 22.80 20.14
CA ILE G 53 -0.51 22.46 19.02
C ILE G 53 -1.02 23.72 18.31
N GLU G 54 -0.91 24.86 18.99
CA GLU G 54 -1.45 26.12 18.46
C GLU G 54 -0.69 26.61 17.24
N GLN G 55 0.55 26.16 17.09
CA GLN G 55 1.35 26.55 15.93
C GLN G 55 0.74 26.04 14.62
N GLU G 56 -0.17 25.08 14.73
CA GLU G 56 -0.83 24.52 13.56
C GLU G 56 -1.65 25.56 12.84
N GLY G 57 -1.57 25.57 11.51
CA GLY G 57 -2.17 26.60 10.69
C GLY G 57 -3.66 26.42 10.49
N PRO G 58 -4.25 27.24 9.60
CA PRO G 58 -5.68 27.16 9.25
C PRO G 58 -6.05 25.80 8.69
N GLU G 59 -5.38 25.41 7.60
CA GLU G 59 -5.59 24.11 7.00
C GLU G 59 -5.87 23.04 8.06
N TYR G 60 -4.99 22.93 9.05
CA TYR G 60 -5.11 21.92 10.10
C TYR G 60 -6.46 21.99 10.81
N TRP G 61 -6.80 23.18 11.32
CA TRP G 61 -8.03 23.33 12.09
C TRP G 61 -9.27 23.15 11.22
N ASP G 62 -9.19 23.63 9.98
CA ASP G 62 -10.24 23.39 8.99
C ASP G 62 -10.47 21.90 8.85
N GLU G 63 -9.37 21.20 8.55
CA GLU G 63 -9.42 19.76 8.32
C GLU G 63 -10.03 19.04 9.51
N GLU G 64 -9.47 19.25 10.70
CA GLU G 64 -9.92 18.55 11.90
C GLU G 64 -11.36 18.90 12.26
N THR G 65 -11.67 20.19 12.26
CA THR G 65 -13.03 20.65 12.50
C THR G 65 -13.99 19.92 11.57
N GLY G 66 -13.56 19.71 10.33
CA GLY G 66 -14.37 19.02 9.35
C GLY G 66 -14.65 17.58 9.75
N LYS G 67 -13.63 16.89 10.24
CA LYS G 67 -13.76 15.49 10.62
C LYS G 67 -14.56 15.29 11.90
N VAL G 68 -14.21 16.04 12.95
CA VAL G 68 -14.87 15.94 14.25
C VAL G 68 -16.35 16.28 14.15
N LYS G 69 -16.67 17.34 13.40
CA LYS G 69 -18.06 17.74 13.15
C LYS G 69 -18.85 16.63 12.47
N ALA G 70 -18.20 15.90 11.56
CA ALA G 70 -18.82 14.80 10.84
C ALA G 70 -19.15 13.66 11.80
N HIS G 71 -18.18 13.35 12.66
CA HIS G 71 -18.34 12.29 13.64
C HIS G 71 -19.55 12.55 14.53
N SER G 72 -19.74 13.80 14.94
CA SER G 72 -20.85 14.15 15.84
C SER G 72 -22.19 13.99 15.15
N GLN G 73 -22.22 14.21 13.84
CA GLN G 73 -23.44 14.08 13.05
C GLN G 73 -23.82 12.63 12.80
N THR G 74 -22.83 11.78 12.50
CA THR G 74 -23.11 10.37 12.31
C THR G 74 -23.33 9.65 13.65
N ASP G 75 -22.79 10.21 14.74
CA ASP G 75 -23.04 9.67 16.09
C ASP G 75 -24.47 9.97 16.53
N ARG G 76 -24.95 11.16 16.17
CA ARG G 76 -26.33 11.53 16.38
C ARG G 76 -27.25 10.44 15.83
N GLU G 77 -27.02 10.03 14.59
CA GLU G 77 -27.82 8.99 13.95
C GLU G 77 -27.58 7.61 14.55
N ASN G 78 -26.33 7.31 14.91
CA ASN G 78 -25.96 6.04 15.53
C ASN G 78 -26.84 5.72 16.74
N LEU G 79 -27.17 6.75 17.51
CA LEU G 79 -28.03 6.61 18.68
C LEU G 79 -29.43 6.19 18.26
N ARG G 80 -29.98 6.85 17.24
CA ARG G 80 -31.28 6.48 16.69
C ARG G 80 -31.24 5.06 16.16
N ILE G 81 -30.16 4.71 15.48
CA ILE G 81 -29.98 3.38 14.93
C ILE G 81 -29.89 2.35 16.05
N ALA G 82 -29.13 2.68 17.09
CA ALA G 82 -28.96 1.76 18.21
C ALA G 82 -30.26 1.55 18.97
N LEU G 83 -31.05 2.61 19.14
CA LEU G 83 -32.36 2.46 19.75
C LEU G 83 -33.19 1.42 18.99
N ARG G 84 -33.02 1.41 17.67
CA ARG G 84 -33.77 0.49 16.82
C ARG G 84 -33.26 -0.94 16.95
N TYR G 85 -31.94 -1.11 16.95
CA TYR G 85 -31.34 -2.44 17.11
C TYR G 85 -31.76 -3.09 18.42
N TYR G 86 -31.89 -2.28 19.46
CA TYR G 86 -32.16 -2.79 20.80
C TYR G 86 -33.64 -2.69 21.19
N ASN G 87 -34.45 -2.07 20.34
CA ASN G 87 -35.84 -1.80 20.70
C ASN G 87 -35.94 -1.13 22.06
N GLN G 88 -35.20 -0.04 22.22
CA GLN G 88 -35.18 0.69 23.48
C GLN G 88 -36.12 1.88 23.41
N SER G 89 -36.69 2.23 24.56
CA SER G 89 -37.60 3.36 24.64
C SER G 89 -36.91 4.64 24.20
N GLU G 90 -37.64 5.50 23.48
CA GLU G 90 -37.08 6.80 23.08
C GLU G 90 -37.03 7.81 24.23
N ALA G 91 -37.72 7.51 25.32
CA ALA G 91 -37.75 8.41 26.48
C ALA G 91 -36.46 8.40 27.28
N GLY G 92 -35.71 7.31 27.20
CA GLY G 92 -34.49 7.16 27.97
C GLY G 92 -33.24 7.71 27.31
N SER G 93 -32.29 8.16 28.14
CA SER G 93 -31.03 8.70 27.65
C SER G 93 -29.99 7.59 27.49
N HIS G 94 -29.15 7.70 26.46
CA HIS G 94 -28.10 6.71 26.25
C HIS G 94 -26.76 7.33 25.85
N THR G 95 -25.69 6.58 26.11
CA THR G 95 -24.34 7.11 25.95
C THR G 95 -23.55 6.36 24.89
N LEU G 96 -22.91 7.09 24.00
CA LEU G 96 -22.08 6.49 22.96
C LEU G 96 -20.67 7.03 23.02
N GLN G 97 -19.70 6.14 23.20
CA GLN G 97 -18.31 6.55 23.35
C GLN G 97 -17.43 5.83 22.35
N MET G 98 -16.40 6.53 21.89
CA MET G 98 -15.40 5.93 21.04
C MET G 98 -14.05 6.20 21.63
N MET G 99 -13.12 5.28 21.45
CA MET G 99 -11.71 5.57 21.67
C MET G 99 -10.94 5.11 20.43
N PHE G 100 -10.04 5.97 19.96
CA PHE G 100 -9.25 5.67 18.79
C PHE G 100 -7.83 6.19 19.02
N GLY G 101 -6.85 5.53 18.43
CA GLY G 101 -5.48 5.99 18.53
C GLY G 101 -4.46 4.94 18.13
N CYS G 102 -3.19 5.25 18.35
CA CYS G 102 -2.10 4.31 18.07
C CYS G 102 -1.03 4.36 19.16
N ASP G 103 -0.24 3.30 19.24
CA ASP G 103 0.91 3.26 20.13
C ASP G 103 2.15 3.15 19.27
N VAL G 104 3.19 3.89 19.61
CA VAL G 104 4.46 3.78 18.92
C VAL G 104 5.61 3.59 19.91
N GLY G 105 6.66 2.91 19.47
CA GLY G 105 7.79 2.61 20.35
C GLY G 105 8.81 3.72 20.46
N SER G 106 9.95 3.38 21.07
CA SER G 106 11.00 4.34 21.40
C SER G 106 11.56 5.13 20.21
N ASP G 107 11.39 4.62 19.01
CA ASP G 107 11.88 5.33 17.83
C ASP G 107 10.75 5.77 16.89
N GLY G 108 9.51 5.59 17.33
CA GLY G 108 8.36 6.08 16.60
C GLY G 108 7.75 5.05 15.66
N ARG G 109 8.20 3.81 15.78
CA ARG G 109 7.66 2.74 14.95
C ARG G 109 6.29 2.27 15.47
N PHE G 110 5.38 1.98 14.56
CA PHE G 110 4.06 1.47 14.92
C PHE G 110 4.15 0.25 15.83
N LEU G 111 3.26 0.21 16.82
CA LEU G 111 3.17 -0.92 17.74
C LEU G 111 1.77 -1.49 17.71
N ARG G 112 0.79 -0.62 17.98
CA ARG G 112 -0.62 -1.04 18.06
C ARG G 112 -1.54 0.09 17.64
N GLY G 113 -2.75 -0.25 17.21
CA GLY G 113 -3.75 0.72 16.81
C GLY G 113 -5.11 0.36 17.35
N TYR G 114 -5.90 1.37 17.68
CA TYR G 114 -7.21 1.12 18.28
C TYR G 114 -8.34 1.90 17.62
N HIS G 115 -9.53 1.31 17.66
CA HIS G 115 -10.74 1.98 17.22
C HIS G 115 -11.94 1.24 17.81
N GLN G 116 -12.36 1.61 19.01
CA GLN G 116 -13.39 0.86 19.70
C GLN G 116 -14.54 1.72 20.23
N TYR G 117 -15.72 1.13 20.32
CA TYR G 117 -16.93 1.81 20.75
C TYR G 117 -17.58 1.15 21.97
N ALA G 118 -18.32 1.94 22.74
CA ALA G 118 -19.09 1.44 23.87
C ALA G 118 -20.47 2.10 23.85
N TYR G 119 -21.50 1.33 24.19
CA TYR G 119 -22.84 1.86 24.22
C TYR G 119 -23.41 1.67 25.62
N ASP G 120 -23.75 2.79 26.27
CA ASP G 120 -24.26 2.74 27.63
C ASP G 120 -23.19 2.22 28.60
N GLY G 121 -21.94 2.51 28.30
CA GLY G 121 -20.85 2.15 29.18
C GLY G 121 -20.42 0.69 29.17
N LYS G 122 -20.70 0.00 28.06
CA LYS G 122 -20.19 -1.37 27.86
C LYS G 122 -19.78 -1.58 26.41
N ASP G 123 -18.91 -2.56 26.18
CA ASP G 123 -18.35 -2.79 24.86
C ASP G 123 -19.42 -3.05 23.80
N TYR G 124 -19.21 -2.47 22.62
CA TYR G 124 -20.14 -2.64 21.51
C TYR G 124 -19.43 -3.28 20.32
N ILE G 125 -18.44 -2.58 19.77
CA ILE G 125 -17.66 -3.10 18.64
C ILE G 125 -16.25 -2.53 18.67
N ALA G 126 -15.27 -3.37 18.33
CA ALA G 126 -13.86 -2.97 18.38
C ALA G 126 -13.05 -3.65 17.31
N LEU G 127 -12.16 -2.89 16.68
CA LEU G 127 -11.21 -3.43 15.72
C LEU G 127 -10.24 -4.35 16.44
N LYS G 128 -10.05 -5.56 15.90
CA LYS G 128 -9.11 -6.51 16.51
C LYS G 128 -7.68 -6.09 16.26
N GLU G 129 -6.76 -6.61 17.08
CA GLU G 129 -5.35 -6.23 17.04
C GLU G 129 -4.74 -6.28 15.64
N ASP G 130 -5.26 -7.17 14.79
CA ASP G 130 -4.71 -7.32 13.44
C ASP G 130 -5.16 -6.21 12.50
N LEU G 131 -6.11 -5.39 12.96
CA LEU G 131 -6.64 -4.29 12.17
C LEU G 131 -7.29 -4.80 10.88
N ARG G 132 -7.77 -6.03 10.92
CA ARG G 132 -8.29 -6.69 9.72
C ARG G 132 -9.71 -7.18 9.93
N SER G 133 -10.12 -7.30 11.19
CA SER G 133 -11.45 -7.80 11.52
C SER G 133 -12.02 -7.08 12.73
N TRP G 134 -13.24 -7.44 13.10
CA TRP G 134 -13.94 -6.76 14.19
C TRP G 134 -14.45 -7.73 15.24
N THR G 135 -14.47 -7.27 16.49
CA THR G 135 -15.09 -8.01 17.59
C THR G 135 -16.41 -7.34 17.94
N ALA G 136 -17.51 -8.08 17.77
CA ALA G 136 -18.83 -7.56 18.10
C ALA G 136 -19.32 -8.16 19.41
N ALA G 137 -19.58 -7.32 20.40
CA ALA G 137 -19.91 -7.78 21.75
C ALA G 137 -21.32 -8.35 21.90
N ASP G 138 -22.16 -8.17 20.87
CA ASP G 138 -23.53 -8.66 20.95
C ASP G 138 -24.25 -8.75 19.60
N MET G 139 -25.47 -9.26 19.64
CA MET G 139 -26.27 -9.44 18.44
C MET G 139 -26.44 -8.15 17.65
N ALA G 140 -26.60 -7.03 18.35
CA ALA G 140 -26.77 -5.74 17.69
C ALA G 140 -25.47 -5.26 17.04
N ALA G 141 -24.35 -5.54 17.69
CA ALA G 141 -23.04 -5.14 17.18
C ALA G 141 -22.62 -5.99 15.98
N GLN G 142 -23.17 -7.20 15.89
CA GLN G 142 -22.90 -8.09 14.77
C GLN G 142 -23.55 -7.61 13.48
N ILE G 143 -24.56 -6.77 13.61
CA ILE G 143 -25.16 -6.12 12.45
C ILE G 143 -24.19 -5.06 11.92
N THR G 144 -23.62 -4.28 12.83
CA THR G 144 -22.66 -3.25 12.47
C THR G 144 -21.39 -3.89 11.90
N LYS G 145 -20.97 -4.99 12.51
CA LYS G 145 -19.81 -5.73 12.04
C LYS G 145 -19.97 -6.09 10.57
N ARG G 146 -21.10 -6.71 10.22
CA ARG G 146 -21.37 -7.12 8.85
C ARG G 146 -21.39 -5.94 7.88
N LYS G 147 -21.83 -4.77 8.36
CA LYS G 147 -21.86 -3.58 7.53
C LYS G 147 -20.46 -3.05 7.23
N TRP G 148 -19.59 -3.04 8.23
CA TRP G 148 -18.23 -2.54 8.05
C TRP G 148 -17.38 -3.56 7.29
N GLU G 149 -17.77 -4.82 7.36
CA GLU G 149 -17.06 -5.88 6.64
C GLU G 149 -17.40 -5.81 5.16
N ALA G 150 -18.64 -5.46 4.87
CA ALA G 150 -19.10 -5.33 3.49
C ALA G 150 -18.60 -4.02 2.89
N ALA G 151 -18.35 -3.04 3.74
CA ALA G 151 -17.94 -1.71 3.30
C ALA G 151 -16.44 -1.55 3.32
N HIS G 152 -15.76 -2.51 3.93
CA HIS G 152 -14.30 -2.51 3.99
C HIS G 152 -13.75 -1.29 4.74
N VAL G 153 -14.33 -1.05 5.91
CA VAL G 153 -13.92 0.04 6.77
C VAL G 153 -12.55 -0.27 7.35
N ALA G 154 -12.25 -1.56 7.48
CA ALA G 154 -11.03 -1.99 8.16
C ALA G 154 -9.75 -1.70 7.38
N GLU G 155 -9.82 -1.74 6.06
CA GLU G 155 -8.61 -1.47 5.26
C GLU G 155 -8.27 0.02 5.20
N GLN G 156 -9.28 0.86 5.42
CA GLN G 156 -9.05 2.29 5.52
C GLN G 156 -8.52 2.64 6.92
N GLN G 157 -9.13 2.05 7.94
CA GLN G 157 -8.68 2.27 9.32
C GLN G 157 -7.27 1.75 9.53
N ARG G 158 -7.02 0.53 9.07
CA ARG G 158 -5.69 -0.08 9.21
C ARG G 158 -4.63 0.79 8.55
N ALA G 159 -4.95 1.37 7.41
CA ALA G 159 -4.02 2.23 6.71
C ALA G 159 -3.79 3.51 7.50
N TYR G 160 -4.89 4.10 7.96
CA TYR G 160 -4.85 5.34 8.72
C TYR G 160 -4.06 5.17 10.00
N LEU G 161 -4.28 4.05 10.67
CA LEU G 161 -3.62 3.75 11.94
C LEU G 161 -2.12 3.53 11.76
N GLU G 162 -1.73 2.80 10.72
CA GLU G 162 -0.32 2.49 10.49
C GLU G 162 0.42 3.62 9.77
N GLY G 163 -0.31 4.45 9.05
CA GLY G 163 0.30 5.51 8.29
C GLY G 163 0.06 6.87 8.90
N THR G 164 -1.19 7.36 8.79
CA THR G 164 -1.52 8.71 9.22
C THR G 164 -1.31 8.94 10.71
N CYS G 165 -1.87 8.05 11.52
CA CYS G 165 -1.83 8.23 12.97
C CYS G 165 -0.42 8.28 13.51
N VAL G 166 0.42 7.32 13.12
CA VAL G 166 1.78 7.28 13.65
C VAL G 166 2.58 8.50 13.17
N ASP G 167 2.38 8.87 11.91
CA ASP G 167 3.01 10.08 11.38
C ASP G 167 2.58 11.28 12.20
N GLY G 168 1.31 11.31 12.57
CA GLY G 168 0.76 12.43 13.33
C GLY G 168 1.36 12.49 14.71
N LEU G 169 1.48 11.33 15.34
CA LEU G 169 2.05 11.25 16.69
C LEU G 169 3.47 11.81 16.70
N ARG G 170 4.27 11.42 15.72
CA ARG G 170 5.64 11.93 15.60
C ARG G 170 5.67 13.45 15.47
N ARG G 171 4.75 13.98 14.68
CA ARG G 171 4.71 15.42 14.44
C ARG G 171 4.30 16.17 15.70
N TYR G 172 3.51 15.54 16.55
CA TYR G 172 3.12 16.14 17.82
C TYR G 172 4.27 16.05 18.81
N LEU G 173 4.94 14.90 18.84
CA LEU G 173 6.04 14.68 19.77
C LEU G 173 7.22 15.62 19.52
N GLU G 174 7.33 16.09 18.29
CA GLU G 174 8.41 16.99 17.90
C GLU G 174 8.04 18.44 18.22
N ASN G 175 6.84 18.84 17.82
CA ASN G 175 6.36 20.19 18.10
C ASN G 175 6.18 20.41 19.60
N GLY G 176 5.75 19.37 20.31
CA GLY G 176 5.55 19.43 21.75
C GLY G 176 6.78 19.04 22.52
N LYS G 177 7.85 18.79 21.78
CA LYS G 177 9.13 18.30 22.30
C LYS G 177 9.46 18.72 23.74
N GLU G 178 9.57 20.02 23.99
CA GLU G 178 10.03 20.50 25.28
C GLU G 178 9.11 20.10 26.43
N THR G 179 7.95 19.54 26.10
CA THR G 179 6.95 19.18 27.10
C THR G 179 6.60 17.69 27.08
N LEU G 180 6.29 17.17 25.90
CA LEU G 180 5.82 15.79 25.77
C LEU G 180 6.89 14.77 26.14
N GLN G 181 8.15 15.13 25.97
CA GLN G 181 9.24 14.20 26.20
C GLN G 181 9.98 14.44 27.52
N ARG G 182 9.56 15.47 28.25
CA ARG G 182 10.16 15.78 29.55
C ARG G 182 9.91 14.68 30.57
N THR G 183 10.86 14.49 31.47
CA THR G 183 10.64 13.62 32.60
C THR G 183 10.69 14.47 33.88
N ASP G 184 9.69 14.30 34.72
CA ASP G 184 9.59 15.09 35.96
C ASP G 184 9.49 14.17 37.16
N PRO G 185 10.63 13.93 37.84
CA PRO G 185 10.63 13.08 39.05
C PRO G 185 9.65 13.60 40.10
N PRO G 186 9.19 12.73 41.01
CA PRO G 186 8.24 13.11 42.06
C PRO G 186 8.90 13.93 43.17
N LYS G 187 8.12 14.82 43.78
CA LYS G 187 8.55 15.50 45.00
C LYS G 187 8.03 14.73 46.20
N THR G 188 8.90 13.95 46.83
CA THR G 188 8.49 13.02 47.86
C THR G 188 8.65 13.54 49.29
N HIS G 189 7.78 13.05 50.18
CA HIS G 189 7.83 13.39 51.58
C HIS G 189 6.83 12.55 52.35
N MET G 190 6.92 12.56 53.67
CA MET G 190 6.05 11.75 54.50
C MET G 190 5.34 12.57 55.58
N THR G 191 4.15 12.12 55.98
CA THR G 191 3.44 12.74 57.08
C THR G 191 3.12 11.72 58.17
N HIS G 192 2.59 12.23 59.29
CA HIS G 192 2.37 11.41 60.47
C HIS G 192 1.11 11.87 61.20
N HIS G 193 0.16 10.95 61.38
CA HIS G 193 -1.15 11.29 61.95
C HIS G 193 -1.58 10.29 63.00
N PRO G 194 -1.44 10.65 64.28
CA PRO G 194 -1.94 9.77 65.34
C PRO G 194 -3.46 9.66 65.24
N ILE G 195 -3.97 8.44 65.20
CA ILE G 195 -5.41 8.22 65.09
C ILE G 195 -6.03 7.88 66.44
N SER G 196 -5.25 7.25 67.33
CA SER G 196 -5.74 6.91 68.65
C SER G 196 -4.64 6.46 69.60
N ASP G 197 -3.66 7.34 69.84
CA ASP G 197 -2.66 7.17 70.91
C ASP G 197 -1.88 5.84 71.04
N HIS G 198 -2.39 4.78 70.41
CA HIS G 198 -1.63 3.55 70.23
C HIS G 198 -1.56 3.22 68.73
N GLU G 199 -2.07 4.13 67.92
CA GLU G 199 -2.02 3.99 66.47
C GLU G 199 -1.74 5.33 65.79
N ALA G 200 -1.00 5.27 64.69
CA ALA G 200 -0.68 6.46 63.90
C ALA G 200 -0.63 6.09 62.42
N THR G 201 -1.24 6.91 61.59
CA THR G 201 -1.24 6.69 60.15
C THR G 201 0.04 7.26 59.54
N LEU G 202 0.79 6.39 58.84
CA LEU G 202 1.92 6.87 58.06
C LEU G 202 1.50 7.04 56.60
N ARG G 203 1.72 8.24 56.06
CA ARG G 203 1.30 8.53 54.70
C ARG G 203 2.47 9.02 53.83
N CYS G 204 2.69 8.32 52.71
CA CYS G 204 3.81 8.61 51.84
C CYS G 204 3.36 9.40 50.61
N TRP G 205 4.09 10.46 50.28
CA TRP G 205 3.66 11.38 49.22
C TRP G 205 4.53 11.39 47.96
N ALA G 206 3.90 11.60 46.81
CA ALA G 206 4.58 11.75 45.53
C ALA G 206 3.90 12.87 44.78
N LEU G 207 4.61 13.97 44.53
CA LEU G 207 3.97 15.17 43.98
C LEU G 207 4.68 15.71 42.74
N GLY G 208 3.89 16.32 41.84
CA GLY G 208 4.40 17.00 40.67
C GLY G 208 5.26 16.18 39.71
N PHE G 209 4.77 15.00 39.32
CA PHE G 209 5.53 14.14 38.41
C PHE G 209 4.87 13.94 37.05
N TYR G 210 5.69 13.62 36.05
CA TYR G 210 5.21 13.28 34.72
C TYR G 210 6.17 12.28 34.07
N PRO G 211 5.62 11.25 33.41
CA PRO G 211 4.19 10.97 33.19
C PRO G 211 3.44 10.57 34.46
N ALA G 212 2.27 9.95 34.29
CA ALA G 212 1.44 9.56 35.42
C ALA G 212 1.86 8.21 36.01
N GLU G 213 2.49 7.38 35.18
CA GLU G 213 2.93 6.07 35.62
C GLU G 213 3.91 6.19 36.78
N ILE G 214 3.70 5.38 37.81
CA ILE G 214 4.52 5.41 39.03
C ILE G 214 4.17 4.24 39.94
N THR G 215 5.03 3.95 40.91
CA THR G 215 4.76 2.87 41.86
C THR G 215 5.07 3.26 43.31
N LEU G 216 4.07 3.12 44.18
CA LEU G 216 4.23 3.39 45.60
C LEU G 216 4.08 2.12 46.44
N THR G 217 5.07 1.86 47.29
CA THR G 217 5.09 0.63 48.08
C THR G 217 5.44 0.90 49.54
N TRP G 218 4.77 0.20 50.45
CA TRP G 218 5.10 0.24 51.87
C TRP G 218 5.77 -1.05 52.31
N GLN G 219 6.75 -0.93 53.21
CA GLN G 219 7.50 -2.08 53.67
C GLN G 219 7.71 -2.08 55.18
N ARG G 220 7.41 -3.21 55.82
CA ARG G 220 7.66 -3.37 57.24
C ARG G 220 8.82 -4.33 57.44
N ASP G 221 9.95 -3.80 57.91
CA ASP G 221 11.17 -4.59 58.07
C ASP G 221 11.60 -5.19 56.74
N GLY G 222 11.17 -4.57 55.65
CA GLY G 222 11.52 -5.04 54.33
C GLY G 222 10.53 -6.02 53.76
N GLU G 223 9.34 -6.06 54.34
CA GLU G 223 8.31 -6.98 53.87
C GLU G 223 7.11 -6.21 53.32
N ASP G 224 6.88 -6.31 52.01
CA ASP G 224 5.73 -5.66 51.38
C ASP G 224 4.48 -5.80 52.25
N GLN G 225 3.70 -4.74 52.35
CA GLN G 225 2.61 -4.70 53.31
C GLN G 225 1.25 -5.20 52.82
N THR G 226 1.15 -5.48 51.53
CA THR G 226 -0.09 -5.93 50.90
C THR G 226 -1.25 -5.01 51.27
N GLN G 227 -2.49 -5.44 51.07
CA GLN G 227 -3.65 -4.58 51.31
C GLN G 227 -3.94 -4.32 52.79
N ASP G 228 -2.92 -3.82 53.49
CA ASP G 228 -3.10 -3.18 54.77
C ASP G 228 -2.78 -1.70 54.57
N THR G 229 -2.22 -1.41 53.40
CA THR G 229 -1.99 -0.05 52.94
C THR G 229 -3.19 0.42 52.14
N GLU G 230 -3.44 1.72 52.20
CA GLU G 230 -4.43 2.34 51.34
C GLU G 230 -3.75 3.10 50.22
N LEU G 231 -4.23 2.88 48.99
CA LEU G 231 -3.76 3.65 47.86
C LEU G 231 -4.84 4.60 47.38
N VAL G 232 -4.42 5.76 46.89
CA VAL G 232 -5.34 6.64 46.20
C VAL G 232 -5.04 6.57 44.72
N GLU G 233 -6.09 6.71 43.92
CA GLU G 233 -5.94 6.75 42.48
C GLU G 233 -5.09 7.96 42.08
N THR G 234 -4.08 7.75 41.25
CA THR G 234 -3.27 8.86 40.77
C THR G 234 -4.16 9.98 40.23
N ARG G 235 -3.84 11.21 40.59
CA ARG G 235 -4.70 12.34 40.28
C ARG G 235 -3.91 13.49 39.68
N PRO G 236 -4.52 14.22 38.74
CA PRO G 236 -3.88 15.37 38.10
C PRO G 236 -3.65 16.50 39.10
N ALA G 237 -2.49 17.16 39.01
CA ALA G 237 -2.23 18.34 39.84
C ALA G 237 -2.94 19.55 39.25
N GLY G 238 -3.22 19.48 37.95
CA GLY G 238 -3.86 20.58 37.24
C GLY G 238 -2.87 21.47 36.51
N ASP G 239 -1.63 21.02 36.40
CA ASP G 239 -0.57 21.83 35.79
C ASP G 239 0.38 21.01 34.92
N GLY G 240 0.01 19.75 34.67
CA GLY G 240 0.82 18.89 33.82
C GLY G 240 1.64 17.89 34.60
N THR G 241 1.31 17.74 35.87
CA THR G 241 1.98 16.77 36.71
C THR G 241 0.93 16.00 37.49
N PHE G 242 1.34 14.95 38.18
CA PHE G 242 0.39 14.13 38.94
C PHE G 242 0.77 14.00 40.41
N GLN G 243 -0.13 13.41 41.19
CA GLN G 243 0.06 13.25 42.62
C GLN G 243 -0.48 11.89 43.05
N LYS G 244 0.12 11.30 44.07
CA LYS G 244 -0.37 10.04 44.60
C LYS G 244 0.25 9.74 45.97
N TRP G 245 -0.56 9.17 46.86
CA TRP G 245 -0.06 8.74 48.15
C TRP G 245 -0.52 7.34 48.55
N ALA G 246 0.26 6.71 49.43
CA ALA G 246 -0.09 5.43 50.02
C ALA G 246 0.07 5.55 51.52
N ALA G 247 -0.87 5.02 52.28
CA ALA G 247 -0.84 5.15 53.73
C ALA G 247 -0.94 3.81 54.44
N VAL G 248 -0.23 3.70 55.57
CA VAL G 248 -0.36 2.53 56.44
C VAL G 248 -0.80 2.97 57.84
N VAL G 249 -1.58 2.12 58.49
CA VAL G 249 -1.86 2.32 59.91
C VAL G 249 -0.82 1.55 60.71
N VAL G 250 -0.09 2.29 61.55
CA VAL G 250 1.04 1.76 62.27
C VAL G 250 0.83 1.85 63.77
N PRO G 251 1.19 0.80 64.51
CA PRO G 251 1.11 0.85 65.98
C PRO G 251 2.12 1.85 66.51
N SER G 252 1.70 2.71 67.42
CA SER G 252 2.60 3.71 67.97
C SER G 252 3.89 3.08 68.48
N GLY G 253 5.02 3.71 68.16
CA GLY G 253 6.33 3.20 68.51
C GLY G 253 6.97 2.38 67.42
N GLU G 254 6.17 1.93 66.46
CA GLU G 254 6.67 1.10 65.36
C GLU G 254 6.93 1.88 64.09
N GLU G 255 6.72 3.19 64.15
CA GLU G 255 6.84 4.07 62.97
C GLU G 255 8.09 3.81 62.13
N GLN G 256 9.14 3.31 62.77
CA GLN G 256 10.43 3.18 62.10
C GLN G 256 10.69 1.83 61.44
N ARG G 257 9.85 0.84 61.75
CA ARG G 257 9.96 -0.47 61.09
C ARG G 257 9.46 -0.35 59.66
N TYR G 258 8.85 0.79 59.35
CA TYR G 258 8.22 1.01 58.06
C TYR G 258 9.09 1.83 57.11
N THR G 259 9.16 1.38 55.85
CA THR G 259 9.84 2.12 54.80
C THR G 259 8.91 2.36 53.62
N CYS G 260 9.08 3.49 52.95
CA CYS G 260 8.32 3.79 51.75
C CYS G 260 9.22 3.71 50.53
N HIS G 261 8.67 3.25 49.41
CA HIS G 261 9.45 3.02 48.20
C HIS G 261 8.75 3.55 46.97
N VAL G 262 9.47 4.36 46.19
CA VAL G 262 8.89 5.04 45.05
C VAL G 262 9.70 4.82 43.78
N GLN G 263 9.05 4.31 42.73
CA GLN G 263 9.72 4.09 41.46
C GLN G 263 9.09 4.92 40.34
N HIS G 264 9.92 5.50 39.50
CA HIS G 264 9.44 6.36 38.42
C HIS G 264 10.48 6.55 37.33
N GLU G 265 10.00 6.78 36.10
CA GLU G 265 10.87 7.06 34.96
C GLU G 265 11.93 8.10 35.29
N GLY G 266 11.51 9.18 35.95
CA GLY G 266 12.37 10.33 36.20
C GLY G 266 13.41 10.11 37.27
N LEU G 267 13.37 8.95 37.91
CA LEU G 267 14.30 8.62 38.99
C LEU G 267 15.46 7.75 38.54
N PRO G 268 16.69 8.22 38.79
CA PRO G 268 17.85 7.35 38.56
C PRO G 268 17.64 6.06 39.33
N LYS G 269 17.65 6.15 40.66
CA LYS G 269 17.33 4.99 41.49
C LYS G 269 16.04 5.26 42.25
N PRO G 270 15.30 4.18 42.57
CA PRO G 270 14.06 4.28 43.37
C PRO G 270 14.33 4.78 44.79
N LEU G 271 13.48 5.67 45.28
CA LEU G 271 13.67 6.28 46.59
C LEU G 271 13.09 5.43 47.72
N THR G 272 13.67 5.57 48.91
CA THR G 272 13.21 4.86 50.08
C THR G 272 13.09 5.82 51.28
N LEU G 273 11.90 5.97 51.81
CA LEU G 273 11.65 6.96 52.86
C LEU G 273 11.35 6.32 54.22
N ARG G 274 11.96 6.87 55.27
CA ARG G 274 11.74 6.39 56.63
C ARG G 274 11.35 7.57 57.53
N TRP G 275 10.47 7.31 58.48
CA TRP G 275 9.97 8.38 59.35
C TRP G 275 10.91 8.66 60.53
N MET H 1 -29.26 1.05 32.42
CA MET H 1 -28.15 0.49 31.64
C MET H 1 -27.18 -0.24 32.56
N ILE H 2 -26.34 0.53 33.26
CA ILE H 2 -25.42 -0.01 34.25
C ILE H 2 -24.60 1.16 34.80
N GLN H 3 -24.64 1.35 36.11
CA GLN H 3 -24.21 2.61 36.70
C GLN H 3 -23.02 2.51 37.62
N ARG H 4 -22.18 3.55 37.61
CA ARG H 4 -20.97 3.57 38.42
C ARG H 4 -20.87 4.85 39.26
N THR H 5 -20.69 4.66 40.55
CA THR H 5 -20.59 5.79 41.48
C THR H 5 -19.16 6.33 41.53
N PRO H 6 -19.02 7.66 41.42
CA PRO H 6 -17.73 8.34 41.29
C PRO H 6 -16.93 8.37 42.58
N LYS H 7 -15.61 8.23 42.45
CA LYS H 7 -14.70 8.47 43.56
C LYS H 7 -14.46 9.97 43.65
N ILE H 8 -14.17 10.47 44.85
CA ILE H 8 -13.91 11.89 45.00
C ILE H 8 -12.60 12.13 45.73
N GLN H 9 -11.83 13.11 45.24
CA GLN H 9 -10.59 13.50 45.86
C GLN H 9 -10.44 15.00 45.76
N VAL H 10 -10.78 15.69 46.84
CA VAL H 10 -10.54 17.12 46.93
C VAL H 10 -9.15 17.35 47.54
N TYR H 11 -8.40 18.26 46.95
CA TYR H 11 -7.02 18.52 47.33
C TYR H 11 -6.54 19.84 46.72
N SER H 12 -5.27 20.16 46.94
CA SER H 12 -4.68 21.39 46.41
C SER H 12 -3.60 21.11 45.37
N ARG H 13 -3.42 22.03 44.44
CA ARG H 13 -2.41 21.87 43.39
C ARG H 13 -1.00 21.84 43.99
N HIS H 14 -0.73 22.79 44.88
CA HIS H 14 0.55 22.88 45.57
C HIS H 14 0.34 22.69 47.06
N PRO H 15 1.40 22.25 47.76
CA PRO H 15 1.38 22.09 49.22
C PRO H 15 0.74 23.31 49.90
N ALA H 16 -0.26 23.06 50.75
CA ALA H 16 -1.03 24.14 51.36
C ALA H 16 -0.17 25.08 52.21
N GLU H 17 -0.16 26.35 51.84
CA GLU H 17 0.56 27.39 52.58
C GLU H 17 -0.35 28.58 52.79
N ASN H 18 -0.81 28.77 54.02
CA ASN H 18 -1.66 29.92 54.34
C ASN H 18 -1.07 31.23 53.82
N GLY H 19 -1.89 32.00 53.12
CA GLY H 19 -1.46 33.27 52.55
C GLY H 19 -0.74 33.15 51.22
N LYS H 20 -0.46 31.93 50.80
CA LYS H 20 0.25 31.70 49.53
C LYS H 20 -0.70 31.18 48.44
N SER H 21 -0.84 31.95 47.37
CA SER H 21 -1.80 31.64 46.30
C SER H 21 -1.68 30.21 45.80
N ASN H 22 -2.82 29.59 45.54
CA ASN H 22 -2.88 28.18 45.17
C ASN H 22 -4.11 27.84 44.33
N PHE H 23 -4.30 26.54 44.09
CA PHE H 23 -5.46 26.04 43.34
C PHE H 23 -6.09 24.86 44.07
N LEU H 24 -7.41 24.90 44.25
CA LEU H 24 -8.14 23.81 44.90
C LEU H 24 -8.79 22.90 43.84
N ASN H 25 -8.49 21.61 43.91
CA ASN H 25 -9.00 20.66 42.94
C ASN H 25 -10.05 19.72 43.53
N CYS H 26 -11.08 19.44 42.74
CA CYS H 26 -11.93 18.29 42.99
C CYS H 26 -11.84 17.43 41.74
N TYR H 27 -11.46 16.17 41.93
CA TYR H 27 -11.28 15.25 40.84
C TYR H 27 -12.26 14.11 41.00
N VAL H 28 -13.21 14.01 40.07
CA VAL H 28 -14.22 12.95 40.09
C VAL H 28 -13.91 11.92 39.02
N SER H 29 -13.99 10.64 39.38
CA SER H 29 -13.58 9.58 38.48
C SER H 29 -14.32 8.27 38.71
N GLY H 30 -14.19 7.35 37.75
CA GLY H 30 -14.73 6.01 37.87
C GLY H 30 -16.23 5.92 37.63
N PHE H 31 -16.85 7.02 37.22
CA PHE H 31 -18.31 7.08 37.17
C PHE H 31 -18.90 6.95 35.77
N HIS H 32 -20.17 6.55 35.75
CA HIS H 32 -20.96 6.41 34.54
C HIS H 32 -22.41 6.29 35.00
N PRO H 33 -23.34 7.02 34.37
CA PRO H 33 -23.20 7.94 33.22
C PRO H 33 -22.49 9.25 33.56
N SER H 34 -22.26 10.08 32.54
CA SER H 34 -21.44 11.28 32.66
C SER H 34 -22.08 12.48 33.36
N ASP H 35 -23.40 12.63 33.25
CA ASP H 35 -24.09 13.74 33.89
C ASP H 35 -23.73 13.78 35.38
N ILE H 36 -23.00 14.81 35.78
CA ILE H 36 -22.60 14.93 37.18
C ILE H 36 -22.60 16.37 37.70
N GLU H 37 -22.91 16.51 38.98
CA GLU H 37 -23.11 17.80 39.61
C GLU H 37 -22.00 18.02 40.64
N VAL H 38 -21.08 18.92 40.34
CA VAL H 38 -19.93 19.12 41.21
C VAL H 38 -19.76 20.57 41.62
N ASP H 39 -19.66 20.79 42.93
CA ASP H 39 -19.48 22.13 43.47
C ASP H 39 -18.30 22.23 44.43
N LEU H 40 -17.56 23.33 44.32
CA LEU H 40 -16.53 23.67 45.30
C LEU H 40 -17.12 24.68 46.29
N LEU H 41 -16.99 24.39 47.58
CA LEU H 41 -17.60 25.21 48.62
C LEU H 41 -16.58 25.95 49.50
N LYS H 42 -16.78 27.25 49.66
CA LYS H 42 -15.95 28.06 50.56
C LYS H 42 -16.77 28.43 51.79
N ASN H 43 -16.61 27.63 52.84
CA ASN H 43 -17.35 27.83 54.08
C ASN H 43 -18.84 27.49 53.94
N GLY H 44 -19.17 26.67 52.95
CA GLY H 44 -20.53 26.23 52.75
C GLY H 44 -21.23 26.96 51.63
N GLU H 45 -20.46 27.72 50.85
CA GLU H 45 -21.04 28.55 49.79
C GLU H 45 -20.36 28.36 48.44
N ARG H 46 -21.10 27.78 47.50
CA ARG H 46 -20.73 27.73 46.09
C ARG H 46 -19.71 28.79 45.71
N ILE H 47 -18.65 28.40 45.02
CA ILE H 47 -17.71 29.37 44.45
C ILE H 47 -18.09 29.62 43.00
N GLU H 48 -18.32 30.87 42.64
CA GLU H 48 -18.84 31.21 41.31
C GLU H 48 -17.81 31.05 40.19
N LYS H 49 -16.55 31.36 40.49
CA LYS H 49 -15.51 31.17 39.48
C LYS H 49 -14.86 29.79 39.62
N VAL H 50 -15.45 28.82 38.93
CA VAL H 50 -14.94 27.45 38.94
C VAL H 50 -14.94 26.86 37.53
N GLU H 51 -13.80 26.29 37.14
CA GLU H 51 -13.67 25.68 35.83
C GLU H 51 -13.58 24.17 35.94
N HIS H 52 -13.51 23.51 34.78
CA HIS H 52 -13.39 22.06 34.75
C HIS H 52 -12.78 21.58 33.43
N SER H 53 -12.19 20.38 33.47
CA SER H 53 -11.57 19.81 32.28
C SER H 53 -12.65 19.38 31.29
N ASP H 54 -12.23 19.08 30.07
CA ASP H 54 -13.15 18.60 29.05
C ASP H 54 -13.47 17.14 29.30
N LEU H 55 -14.74 16.78 29.19
CA LEU H 55 -15.18 15.42 29.50
C LEU H 55 -14.30 14.38 28.82
N SER H 56 -13.92 13.35 29.57
CA SER H 56 -13.15 12.25 29.01
C SER H 56 -13.46 10.97 29.78
N PHE H 57 -12.79 9.88 29.44
CA PHE H 57 -13.00 8.60 30.13
C PHE H 57 -11.82 7.65 30.04
N SER H 58 -11.85 6.60 30.86
CA SER H 58 -10.75 5.66 30.98
C SER H 58 -10.95 4.38 30.17
N LYS H 59 -10.03 3.45 30.34
CA LYS H 59 -10.05 2.18 29.63
C LYS H 59 -11.35 1.40 29.87
N ASP H 60 -11.93 1.55 31.05
CA ASP H 60 -13.18 0.84 31.38
C ASP H 60 -14.42 1.61 30.93
N TRP H 61 -14.19 2.67 30.17
CA TRP H 61 -15.26 3.55 29.66
C TRP H 61 -15.77 4.54 30.70
N SER H 62 -15.36 4.39 31.95
CA SER H 62 -15.81 5.29 33.02
C SER H 62 -15.23 6.68 32.79
N PHE H 63 -16.01 7.71 33.10
CA PHE H 63 -15.59 9.08 32.87
C PHE H 63 -14.74 9.64 34.00
N TYR H 64 -14.13 10.79 33.75
CA TYR H 64 -13.43 11.51 34.79
C TYR H 64 -13.39 13.01 34.49
N LEU H 65 -13.15 13.80 35.52
CA LEU H 65 -13.26 15.26 35.43
C LEU H 65 -12.44 15.94 36.52
N LEU H 66 -11.87 17.09 36.22
CA LEU H 66 -11.23 17.91 37.24
C LEU H 66 -11.89 19.28 37.32
N TYR H 67 -12.38 19.61 38.51
CA TYR H 67 -12.91 20.94 38.79
C TYR H 67 -11.90 21.71 39.63
N TYR H 68 -11.53 22.91 39.18
CA TYR H 68 -10.46 23.67 39.84
C TYR H 68 -10.69 25.17 39.87
N THR H 69 -10.39 25.80 41.00
CA THR H 69 -10.42 27.26 41.12
C THR H 69 -9.27 27.81 41.96
N GLU H 70 -8.87 29.03 41.64
CA GLU H 70 -7.81 29.74 42.33
C GLU H 70 -8.28 30.14 43.72
N PHE H 71 -7.40 30.04 44.70
CA PHE H 71 -7.77 30.39 46.05
C PHE H 71 -6.57 30.56 46.97
N THR H 72 -6.73 31.48 47.92
CA THR H 72 -5.80 31.63 49.02
C THR H 72 -6.31 31.02 50.31
N PRO H 73 -5.69 29.90 50.75
CA PRO H 73 -6.09 29.23 51.99
C PRO H 73 -5.75 30.08 53.21
N THR H 74 -6.59 29.98 54.24
CA THR H 74 -6.32 30.65 55.50
C THR H 74 -6.76 29.74 56.64
N GLU H 75 -5.91 29.64 57.66
CA GLU H 75 -6.17 28.85 58.86
C GLU H 75 -7.65 28.68 59.25
N LYS H 76 -8.45 29.72 59.04
CA LYS H 76 -9.84 29.69 59.44
C LYS H 76 -10.80 29.28 58.32
N ASP H 77 -10.41 29.55 57.07
CA ASP H 77 -11.26 29.23 55.91
C ASP H 77 -11.42 27.72 55.68
N GLU H 78 -12.67 27.29 55.59
CA GLU H 78 -13.00 25.87 55.39
C GLU H 78 -13.43 25.63 53.94
N TYR H 79 -12.99 24.52 53.35
CA TYR H 79 -13.30 24.20 51.95
C TYR H 79 -13.79 22.77 51.75
N ALA H 80 -14.63 22.56 50.74
CA ALA H 80 -15.18 21.24 50.47
C ALA H 80 -15.54 21.02 49.00
N CYS H 81 -15.87 19.78 48.65
CA CYS H 81 -16.37 19.46 47.32
C CYS H 81 -17.68 18.69 47.45
N ARG H 82 -18.76 19.26 46.92
CA ARG H 82 -20.05 18.60 46.96
C ARG H 82 -20.39 18.05 45.58
N VAL H 83 -20.79 16.79 45.54
CA VAL H 83 -21.03 16.11 44.28
C VAL H 83 -22.35 15.33 44.31
N ASN H 84 -23.20 15.55 43.30
CA ASN H 84 -24.39 14.73 43.14
C ASN H 84 -24.38 13.99 41.80
N HIS H 85 -24.99 12.80 41.78
CA HIS H 85 -24.92 11.91 40.63
C HIS H 85 -26.08 10.92 40.76
N VAL H 86 -26.53 10.36 39.65
CA VAL H 86 -27.67 9.45 39.69
C VAL H 86 -27.44 8.25 40.60
N THR H 87 -26.20 8.01 40.99
CA THR H 87 -25.90 6.89 41.87
C THR H 87 -25.94 7.29 43.34
N LEU H 88 -26.07 8.59 43.59
CA LEU H 88 -26.12 9.14 44.94
C LEU H 88 -27.53 9.54 45.33
N SER H 89 -27.99 9.00 46.46
CA SER H 89 -29.29 9.37 47.00
C SER H 89 -29.30 10.84 47.42
N GLN H 90 -28.18 11.30 47.97
CA GLN H 90 -28.03 12.69 48.36
C GLN H 90 -26.61 13.20 48.08
N PRO H 91 -26.48 14.52 47.84
CA PRO H 91 -25.18 15.11 47.52
C PRO H 91 -24.13 14.74 48.55
N LYS H 92 -23.01 14.20 48.09
CA LYS H 92 -21.91 13.84 48.97
C LYS H 92 -20.93 15.00 49.11
N ILE H 93 -20.70 15.42 50.34
CA ILE H 93 -19.81 16.55 50.59
C ILE H 93 -18.50 16.01 51.11
N VAL H 94 -17.41 16.31 50.39
CA VAL H 94 -16.10 15.86 50.81
C VAL H 94 -15.26 17.05 51.24
N LYS H 95 -14.84 17.06 52.50
CA LYS H 95 -14.07 18.16 53.07
C LYS H 95 -12.58 18.11 52.70
N TRP H 96 -12.03 19.24 52.32
CA TRP H 96 -10.62 19.29 51.97
C TRP H 96 -9.76 19.16 53.20
N ASP H 97 -9.22 17.97 53.42
CA ASP H 97 -8.29 17.74 54.52
C ASP H 97 -6.94 18.35 54.15
N ARG H 98 -6.60 19.45 54.82
CA ARG H 98 -5.43 20.24 54.46
C ARG H 98 -4.18 19.40 54.25
N ASP H 99 -4.03 18.39 55.10
CA ASP H 99 -2.83 17.56 55.07
C ASP H 99 -3.16 16.07 55.03
N MET H 100 -4.17 15.71 54.25
CA MET H 100 -4.50 14.30 54.08
C MET H 100 -3.37 13.63 53.30
N ARG I 1 -4.59 13.80 14.91
CA ARG I 1 -5.18 13.46 13.61
C ARG I 1 -6.47 12.69 13.80
N TYR I 2 -7.58 13.41 13.96
CA TYR I 2 -8.88 12.81 14.22
C TYR I 2 -9.28 11.83 13.12
N PRO I 3 -9.88 10.69 13.52
CA PRO I 3 -10.24 9.61 12.61
C PRO I 3 -11.52 9.85 11.80
N LEU I 4 -11.71 9.06 10.75
CA LEU I 4 -12.96 9.02 10.02
C LEU I 4 -13.88 8.01 10.72
N THR I 5 -15.16 8.36 10.83
CA THR I 5 -16.11 7.52 11.57
C THR I 5 -17.29 7.15 10.70
N PHE I 6 -17.82 5.94 10.92
CA PHE I 6 -18.83 5.39 10.03
C PHE I 6 -20.16 5.14 10.73
N GLY I 7 -21.19 4.88 9.93
CA GLY I 7 -22.53 4.68 10.42
C GLY I 7 -22.73 3.27 10.95
N TRP I 8 -23.46 3.17 12.05
CA TRP I 8 -23.68 1.90 12.73
C TRP I 8 -24.75 1.07 12.02
N GLY J 2 -22.94 -10.79 -21.95
CA GLY J 2 -21.55 -10.39 -22.05
C GLY J 2 -21.07 -9.60 -20.84
N SER J 3 -20.65 -8.36 -21.08
CA SER J 3 -20.10 -7.49 -20.03
C SER J 3 -21.18 -6.65 -19.38
N HIS J 4 -21.22 -6.67 -18.05
CA HIS J 4 -22.25 -5.93 -17.31
C HIS J 4 -21.65 -4.85 -16.42
N SER J 5 -22.52 -3.99 -15.88
CA SER J 5 -22.07 -2.89 -15.03
C SER J 5 -23.12 -2.51 -13.99
N MET J 6 -22.65 -1.95 -12.87
CA MET J 6 -23.54 -1.37 -11.87
C MET J 6 -23.17 0.10 -11.70
N ARG J 7 -24.17 0.96 -11.58
CA ARG J 7 -23.94 2.40 -11.48
C ARG J 7 -24.89 3.07 -10.51
N TYR J 8 -24.38 4.06 -9.77
CA TYR J 8 -25.21 4.97 -8.99
C TYR J 8 -24.93 6.38 -9.44
N PHE J 9 -25.99 7.17 -9.57
CA PHE J 9 -25.87 8.58 -9.92
C PHE J 9 -26.61 9.40 -8.88
N SER J 10 -25.92 10.35 -8.26
CA SER J 10 -26.53 11.20 -7.24
C SER J 10 -26.44 12.66 -7.63
N THR J 11 -27.46 13.41 -7.25
CA THR J 11 -27.51 14.85 -7.51
C THR J 11 -27.95 15.59 -6.26
N SER J 12 -27.19 16.63 -5.90
CA SER J 12 -27.59 17.54 -4.84
C SER J 12 -27.66 18.95 -5.42
N VAL J 13 -28.83 19.57 -5.34
CA VAL J 13 -29.01 20.92 -5.87
C VAL J 13 -29.48 21.87 -4.78
N SER J 14 -28.64 22.85 -4.44
CA SER J 14 -28.98 23.78 -3.37
C SER J 14 -30.12 24.69 -3.83
N ARG J 15 -30.94 25.10 -2.87
CA ARG J 15 -32.07 25.96 -3.13
C ARG J 15 -31.99 27.15 -2.19
N PRO J 16 -31.05 28.07 -2.47
CA PRO J 16 -30.75 29.18 -1.55
C PRO J 16 -32.02 29.98 -1.25
N GLY J 17 -32.50 29.91 -0.01
CA GLY J 17 -33.68 30.64 0.38
C GLY J 17 -34.96 29.89 0.09
N ARG J 18 -34.83 28.61 -0.26
CA ARG J 18 -35.99 27.75 -0.42
C ARG J 18 -35.77 26.41 0.28
N GLY J 19 -35.03 26.44 1.37
CA GLY J 19 -34.83 25.25 2.18
C GLY J 19 -33.56 24.49 1.86
N GLU J 20 -33.48 23.27 2.37
CA GLU J 20 -32.30 22.43 2.17
C GLU J 20 -32.17 21.96 0.73
N PRO J 21 -30.93 21.69 0.29
CA PRO J 21 -30.69 21.16 -1.05
C PRO J 21 -31.51 19.89 -1.28
N ARG J 22 -31.87 19.62 -2.53
CA ARG J 22 -32.55 18.39 -2.86
C ARG J 22 -31.57 17.35 -3.35
N PHE J 23 -31.58 16.20 -2.69
CA PHE J 23 -30.71 15.10 -3.06
C PHE J 23 -31.51 14.05 -3.81
N ILE J 24 -30.98 13.59 -4.94
CA ILE J 24 -31.64 12.54 -5.72
C ILE J 24 -30.64 11.49 -6.18
N ALA J 25 -30.90 10.23 -5.84
CA ALA J 25 -29.97 9.16 -6.21
C ALA J 25 -30.70 8.06 -6.96
N VAL J 26 -29.97 7.39 -7.85
CA VAL J 26 -30.60 6.47 -8.77
C VAL J 26 -29.63 5.32 -9.06
N GLY J 27 -30.15 4.10 -9.19
CA GLY J 27 -29.29 2.94 -9.36
C GLY J 27 -29.57 2.14 -10.61
N TYR J 28 -28.52 1.83 -11.36
CA TYR J 28 -28.63 1.14 -12.63
C TYR J 28 -27.81 -0.15 -12.71
N VAL J 29 -28.46 -1.23 -13.15
CA VAL J 29 -27.74 -2.40 -13.64
C VAL J 29 -27.83 -2.29 -15.15
N ASP J 30 -26.68 -2.34 -15.82
CA ASP J 30 -26.64 -2.03 -17.24
C ASP J 30 -27.54 -0.83 -17.50
N ASP J 31 -28.54 -1.00 -18.37
CA ASP J 31 -29.43 0.10 -18.74
C ASP J 31 -30.83 -0.06 -18.12
N THR J 32 -30.88 -0.76 -16.99
CA THR J 32 -32.12 -0.95 -16.24
C THR J 32 -32.02 -0.27 -14.88
N GLN J 33 -32.92 0.67 -14.60
CA GLN J 33 -32.95 1.28 -13.27
C GLN J 33 -33.64 0.35 -12.27
N PHE J 34 -33.12 0.28 -11.05
CA PHE J 34 -33.67 -0.64 -10.07
C PHE J 34 -33.94 -0.03 -8.68
N VAL J 35 -33.37 1.13 -8.39
CA VAL J 35 -33.60 1.80 -7.11
C VAL J 35 -33.52 3.32 -7.22
N ARG J 36 -34.08 4.00 -6.23
CA ARG J 36 -34.00 5.45 -6.15
C ARG J 36 -34.04 5.95 -4.71
N PHE J 37 -33.57 7.17 -4.51
CA PHE J 37 -33.78 7.88 -3.26
C PHE J 37 -34.00 9.36 -3.55
N ASP J 38 -35.12 9.88 -3.08
CA ASP J 38 -35.42 11.30 -3.23
C ASP J 38 -35.56 11.94 -1.86
N SER J 39 -34.71 12.91 -1.57
CA SER J 39 -34.70 13.57 -0.26
C SER J 39 -35.98 14.38 -0.04
N ASP J 40 -36.69 14.67 -1.13
CA ASP J 40 -37.96 15.40 -1.04
C ASP J 40 -39.15 14.44 -0.91
N ALA J 41 -38.91 13.15 -1.12
CA ALA J 41 -39.95 12.14 -0.99
C ALA J 41 -40.36 11.94 0.47
N ALA J 42 -41.51 11.33 0.68
CA ALA J 42 -42.04 11.13 2.02
C ALA J 42 -41.54 9.84 2.65
N SER J 43 -41.16 8.88 1.81
CA SER J 43 -40.73 7.59 2.32
C SER J 43 -39.46 7.72 3.14
N GLN J 44 -38.53 8.53 2.64
CA GLN J 44 -37.20 8.65 3.23
C GLN J 44 -36.52 7.29 3.32
N ARG J 45 -36.67 6.50 2.27
CA ARG J 45 -36.01 5.20 2.18
C ARG J 45 -35.51 4.96 0.77
N MET J 46 -34.59 4.00 0.64
CA MET J 46 -34.24 3.50 -0.68
C MET J 46 -35.41 2.70 -1.19
N GLU J 47 -35.92 3.04 -2.38
CA GLU J 47 -37.08 2.36 -2.95
C GLU J 47 -36.68 1.52 -4.16
N PRO J 48 -37.50 0.51 -4.48
CA PRO J 48 -37.21 -0.33 -5.64
C PRO J 48 -37.79 0.34 -6.88
N ARG J 49 -37.20 0.05 -8.05
CA ARG J 49 -37.74 0.55 -9.30
C ARG J 49 -37.70 -0.56 -10.35
N ALA J 50 -37.53 -1.78 -9.87
CA ALA J 50 -37.48 -2.96 -10.71
C ALA J 50 -38.01 -4.15 -9.93
N PRO J 51 -38.62 -5.12 -10.63
CA PRO J 51 -39.18 -6.29 -9.98
C PRO J 51 -38.17 -7.12 -9.20
N TRP J 52 -37.08 -7.51 -9.87
CA TRP J 52 -36.14 -8.47 -9.32
C TRP J 52 -35.37 -7.98 -8.09
N ILE J 53 -35.59 -6.74 -7.68
CA ILE J 53 -34.93 -6.21 -6.50
C ILE J 53 -35.87 -6.23 -5.30
N GLU J 54 -37.17 -6.24 -5.57
CA GLU J 54 -38.17 -6.24 -4.51
C GLU J 54 -38.02 -7.45 -3.60
N GLN J 55 -37.43 -8.52 -4.12
CA GLN J 55 -37.27 -9.76 -3.36
C GLN J 55 -36.19 -9.64 -2.29
N GLU J 56 -35.55 -8.47 -2.21
CA GLU J 56 -34.51 -8.26 -1.21
C GLU J 56 -35.09 -8.08 0.18
N GLY J 57 -34.45 -8.72 1.16
CA GLY J 57 -34.92 -8.71 2.53
C GLY J 57 -34.78 -7.37 3.24
N PRO J 58 -35.53 -7.17 4.33
CA PRO J 58 -35.53 -5.90 5.05
C PRO J 58 -34.15 -5.50 5.55
N GLU J 59 -33.27 -6.48 5.78
CA GLU J 59 -31.90 -6.19 6.15
C GLU J 59 -31.26 -5.34 5.06
N TYR J 60 -31.51 -5.71 3.81
CA TYR J 60 -30.96 -5.00 2.67
C TYR J 60 -31.42 -3.56 2.59
N TRP J 61 -32.73 -3.35 2.63
CA TRP J 61 -33.30 -2.01 2.47
C TRP J 61 -32.83 -1.03 3.54
N ASP J 62 -32.75 -1.50 4.79
CA ASP J 62 -32.27 -0.68 5.90
C ASP J 62 -30.84 -0.24 5.64
N GLU J 63 -29.99 -1.18 5.25
CA GLU J 63 -28.62 -0.88 4.91
C GLU J 63 -28.57 0.19 3.82
N GLU J 64 -29.12 -0.13 2.65
CA GLU J 64 -29.11 0.79 1.50
C GLU J 64 -29.71 2.15 1.85
N THR J 65 -30.80 2.15 2.61
CA THR J 65 -31.44 3.40 3.04
C THR J 65 -30.43 4.27 3.79
N GLY J 66 -29.68 3.66 4.70
CA GLY J 66 -28.71 4.40 5.49
C GLY J 66 -27.58 4.97 4.65
N LYS J 67 -27.02 4.15 3.77
CA LYS J 67 -25.88 4.57 2.96
C LYS J 67 -26.21 5.72 2.01
N VAL J 68 -27.44 5.74 1.51
CA VAL J 68 -27.86 6.85 0.65
C VAL J 68 -28.23 8.05 1.49
N LYS J 69 -28.98 7.81 2.57
CA LYS J 69 -29.33 8.84 3.54
C LYS J 69 -28.09 9.55 4.07
N ALA J 70 -27.11 8.75 4.49
CA ALA J 70 -25.85 9.27 5.03
C ALA J 70 -25.20 10.17 4.00
N HIS J 71 -25.07 9.66 2.78
CA HIS J 71 -24.49 10.42 1.70
C HIS J 71 -25.26 11.71 1.44
N SER J 72 -26.58 11.61 1.46
CA SER J 72 -27.43 12.77 1.27
C SER J 72 -27.03 13.90 2.21
N GLN J 73 -26.73 13.55 3.45
CA GLN J 73 -26.39 14.54 4.47
C GLN J 73 -25.02 15.15 4.27
N THR J 74 -24.02 14.31 3.99
CA THR J 74 -22.68 14.81 3.80
C THR J 74 -22.63 15.76 2.61
N ASP J 75 -23.33 15.45 1.53
CA ASP J 75 -23.34 16.30 0.34
C ASP J 75 -23.94 17.68 0.67
N ARG J 76 -24.89 17.70 1.61
CA ARG J 76 -25.45 18.95 2.12
C ARG J 76 -24.36 19.84 2.69
N GLU J 77 -23.33 19.19 3.24
CA GLU J 77 -22.19 19.89 3.82
C GLU J 77 -21.09 20.09 2.77
N ASN J 78 -21.04 19.19 1.80
CA ASN J 78 -20.10 19.32 0.68
C ASN J 78 -20.41 20.53 -0.19
N LEU J 79 -21.69 20.86 -0.28
CA LEU J 79 -22.14 22.06 -0.98
C LEU J 79 -21.69 23.32 -0.25
N ARG J 80 -21.71 23.27 1.08
CA ARG J 80 -21.27 24.39 1.92
C ARG J 80 -19.77 24.58 1.87
N ILE J 81 -19.04 23.47 1.84
CA ILE J 81 -17.59 23.52 1.74
C ILE J 81 -17.19 23.98 0.34
N ALA J 82 -18.03 23.67 -0.64
CA ALA J 82 -17.77 24.07 -2.03
C ALA J 82 -17.81 25.59 -2.21
N LEU J 83 -18.88 26.22 -1.71
CA LEU J 83 -18.97 27.67 -1.74
C LEU J 83 -17.74 28.31 -1.10
N ARG J 84 -17.33 27.76 0.04
CA ARG J 84 -16.13 28.23 0.74
C ARG J 84 -14.87 28.16 -0.13
N TYR J 85 -14.61 26.98 -0.69
CA TYR J 85 -13.42 26.79 -1.50
C TYR J 85 -13.35 27.78 -2.66
N TYR J 86 -14.49 28.01 -3.31
CA TYR J 86 -14.52 28.80 -4.53
C TYR J 86 -14.82 30.28 -4.31
N ASN J 87 -15.05 30.68 -3.06
CA ASN J 87 -15.47 32.04 -2.77
C ASN J 87 -16.71 32.40 -3.57
N GLN J 88 -17.71 31.53 -3.56
CA GLN J 88 -18.90 31.76 -4.36
C GLN J 88 -20.04 32.37 -3.57
N SER J 89 -20.77 33.28 -4.22
CA SER J 89 -21.92 33.93 -3.61
C SER J 89 -22.91 32.88 -3.15
N GLU J 90 -23.52 33.10 -1.99
CA GLU J 90 -24.44 32.13 -1.39
C GLU J 90 -25.87 32.27 -1.93
N ALA J 91 -26.06 33.19 -2.87
CA ALA J 91 -27.37 33.43 -3.46
C ALA J 91 -27.61 32.59 -4.71
N GLY J 92 -26.52 32.18 -5.36
CA GLY J 92 -26.60 31.34 -6.55
C GLY J 92 -26.75 29.87 -6.22
N SER J 93 -27.43 29.14 -7.12
CA SER J 93 -27.73 27.73 -6.90
C SER J 93 -26.70 26.83 -7.53
N HIS J 94 -26.19 25.87 -6.76
CA HIS J 94 -25.15 24.95 -7.25
C HIS J 94 -25.58 23.49 -7.21
N THR J 95 -24.79 22.64 -7.86
CA THR J 95 -25.10 21.22 -8.01
C THR J 95 -23.87 20.37 -7.76
N LEU J 96 -24.03 19.28 -7.03
CA LEU J 96 -22.93 18.36 -6.76
C LEU J 96 -23.30 16.93 -7.19
N GLN J 97 -22.67 16.46 -8.26
CA GLN J 97 -22.98 15.14 -8.81
C GLN J 97 -21.95 14.10 -8.42
N MET J 98 -22.38 12.84 -8.42
CA MET J 98 -21.48 11.72 -8.14
C MET J 98 -21.87 10.52 -8.99
N MET J 99 -20.87 9.88 -9.59
CA MET J 99 -21.10 8.56 -10.18
C MET J 99 -20.15 7.54 -9.56
N PHE J 100 -20.66 6.33 -9.36
CA PHE J 100 -19.93 5.24 -8.72
C PHE J 100 -20.44 3.92 -9.26
N GLY J 101 -19.53 3.01 -9.57
CA GLY J 101 -19.95 1.71 -10.08
C GLY J 101 -18.81 0.82 -10.53
N CYS J 102 -19.17 -0.35 -11.06
CA CYS J 102 -18.20 -1.36 -11.45
C CYS J 102 -18.52 -2.01 -12.79
N ASP J 103 -17.47 -2.27 -13.57
CA ASP J 103 -17.59 -3.02 -14.81
C ASP J 103 -17.07 -4.42 -14.59
N VAL J 104 -17.86 -5.42 -14.95
CA VAL J 104 -17.41 -6.80 -14.96
C VAL J 104 -17.54 -7.37 -16.37
N GLY J 105 -16.76 -8.41 -16.65
CA GLY J 105 -16.81 -9.07 -17.94
C GLY J 105 -17.81 -10.22 -17.95
N SER J 106 -17.77 -11.01 -19.01
CA SER J 106 -18.67 -12.16 -19.16
C SER J 106 -18.62 -13.11 -17.96
N ASP J 107 -17.42 -13.41 -17.50
CA ASP J 107 -17.22 -14.34 -16.39
C ASP J 107 -17.65 -13.76 -15.05
N GLY J 108 -18.06 -12.49 -15.04
CA GLY J 108 -18.46 -11.83 -13.82
C GLY J 108 -17.27 -11.29 -13.05
N ARG J 109 -16.08 -11.45 -13.62
CA ARG J 109 -14.85 -10.95 -13.03
C ARG J 109 -14.73 -9.43 -13.19
N PHE J 110 -14.14 -8.79 -12.19
CA PHE J 110 -13.94 -7.34 -12.20
C PHE J 110 -13.16 -6.85 -13.42
N LEU J 111 -13.64 -5.75 -14.00
CA LEU J 111 -13.01 -5.16 -15.18
C LEU J 111 -12.49 -3.75 -14.92
N ARG J 112 -13.31 -2.95 -14.26
CA ARG J 112 -12.97 -1.55 -14.01
C ARG J 112 -13.86 -0.98 -12.91
N GLY J 113 -13.32 -0.07 -12.11
CA GLY J 113 -14.06 0.55 -11.02
C GLY J 113 -14.11 2.06 -11.12
N TYR J 114 -15.24 2.64 -10.73
CA TYR J 114 -15.44 4.08 -10.89
C TYR J 114 -15.98 4.74 -9.63
N HIS J 115 -15.44 5.90 -9.30
CA HIS J 115 -15.99 6.73 -8.23
C HIS J 115 -15.52 8.17 -8.45
N GLN J 116 -16.43 9.04 -8.87
CA GLN J 116 -16.02 10.38 -9.29
C GLN J 116 -17.09 11.44 -9.08
N TYR J 117 -16.67 12.70 -9.04
CA TYR J 117 -17.55 13.82 -8.73
C TYR J 117 -17.42 15.00 -9.71
N ALA J 118 -18.49 15.78 -9.78
CA ALA J 118 -18.54 16.97 -10.63
C ALA J 118 -19.24 18.09 -9.89
N TYR J 119 -18.62 19.26 -9.86
CA TYR J 119 -19.26 20.42 -9.26
C TYR J 119 -19.74 21.39 -10.35
N ASP J 120 -21.02 21.75 -10.28
CA ASP J 120 -21.63 22.61 -11.28
C ASP J 120 -21.43 22.09 -12.70
N GLY J 121 -21.65 20.80 -12.89
CA GLY J 121 -21.63 20.19 -14.21
C GLY J 121 -20.28 20.12 -14.89
N LYS J 122 -19.22 20.05 -14.10
CA LYS J 122 -17.90 19.77 -14.63
C LYS J 122 -17.04 19.01 -13.61
N ASP J 123 -16.06 18.26 -14.11
CA ASP J 123 -15.23 17.40 -13.27
C ASP J 123 -14.65 18.08 -12.04
N TYR J 124 -14.62 17.35 -10.94
CA TYR J 124 -14.05 17.86 -9.69
C TYR J 124 -12.96 16.93 -9.19
N ILE J 125 -13.35 15.79 -8.63
CA ILE J 125 -12.36 14.81 -8.21
C ILE J 125 -12.80 13.41 -8.65
N ALA J 126 -11.82 12.54 -8.91
CA ALA J 126 -12.11 11.22 -9.43
C ALA J 126 -11.06 10.21 -9.01
N LEU J 127 -11.49 8.98 -8.82
CA LEU J 127 -10.56 7.90 -8.50
C LEU J 127 -9.91 7.41 -9.79
N LYS J 128 -8.58 7.54 -9.88
CA LYS J 128 -7.86 7.04 -11.04
C LYS J 128 -8.13 5.54 -11.22
N GLU J 129 -7.91 5.07 -12.44
CA GLU J 129 -8.23 3.69 -12.82
C GLU J 129 -7.53 2.64 -11.96
N ASP J 130 -6.42 3.02 -11.33
CA ASP J 130 -5.69 2.09 -10.48
C ASP J 130 -6.37 1.93 -9.12
N LEU J 131 -7.38 2.77 -8.87
CA LEU J 131 -8.11 2.73 -7.61
C LEU J 131 -7.18 2.95 -6.42
N ARG J 132 -6.16 3.77 -6.62
CA ARG J 132 -5.18 4.04 -5.58
C ARG J 132 -4.90 5.53 -5.42
N SER J 133 -5.22 6.31 -6.45
CA SER J 133 -4.96 7.74 -6.43
C SER J 133 -6.14 8.53 -6.99
N TRP J 134 -6.11 9.85 -6.79
CA TRP J 134 -7.19 10.73 -7.21
C TRP J 134 -6.72 11.76 -8.24
N THR J 135 -7.65 12.21 -9.08
CA THR J 135 -7.36 13.27 -10.06
C THR J 135 -8.17 14.52 -9.78
N ALA J 136 -7.51 15.52 -9.21
CA ALA J 136 -8.17 16.76 -8.86
C ALA J 136 -8.27 17.68 -10.07
N ALA J 137 -9.49 18.11 -10.39
CA ALA J 137 -9.72 18.90 -11.60
C ALA J 137 -9.17 20.32 -11.46
N ASP J 138 -9.11 20.81 -10.24
CA ASP J 138 -8.58 22.15 -9.98
C ASP J 138 -7.96 22.23 -8.59
N MET J 139 -7.79 23.44 -8.07
CA MET J 139 -7.11 23.65 -6.80
C MET J 139 -8.06 23.41 -5.63
N ALA J 140 -9.34 23.74 -5.79
CA ALA J 140 -10.32 23.41 -4.76
C ALA J 140 -10.37 21.91 -4.58
N ALA J 141 -10.46 21.18 -5.69
CA ALA J 141 -10.50 19.74 -5.66
C ALA J 141 -9.24 19.14 -5.05
N GLN J 142 -8.12 19.85 -5.17
CA GLN J 142 -6.84 19.38 -4.65
C GLN J 142 -6.82 19.26 -3.13
N ILE J 143 -7.57 20.14 -2.47
CA ILE J 143 -7.69 20.09 -1.02
C ILE J 143 -8.39 18.79 -0.58
N THR J 144 -9.41 18.41 -1.34
CA THR J 144 -10.15 17.17 -1.08
C THR J 144 -9.29 15.96 -1.46
N LYS J 145 -8.37 16.17 -2.38
CA LYS J 145 -7.47 15.12 -2.80
C LYS J 145 -6.49 14.84 -1.68
N ARG J 146 -6.02 15.91 -1.03
CA ARG J 146 -5.11 15.79 0.09
C ARG J 146 -5.78 15.19 1.31
N LYS J 147 -7.02 15.62 1.57
CA LYS J 147 -7.80 15.09 2.69
C LYS J 147 -8.02 13.59 2.55
N TRP J 148 -8.45 13.17 1.36
CA TRP J 148 -8.77 11.78 1.09
C TRP J 148 -7.53 10.89 1.03
N GLU J 149 -6.39 11.49 0.73
CA GLU J 149 -5.12 10.77 0.77
C GLU J 149 -4.74 10.51 2.22
N ALA J 150 -4.61 11.60 2.99
CA ALA J 150 -4.35 11.51 4.42
C ALA J 150 -5.34 10.56 5.09
N ALA J 151 -6.60 10.63 4.70
CA ALA J 151 -7.64 9.80 5.28
C ALA J 151 -7.62 8.38 4.73
N HIS J 152 -6.82 8.13 3.71
CA HIS J 152 -6.73 6.80 3.12
C HIS J 152 -8.08 6.30 2.61
N VAL J 153 -8.85 7.20 2.02
CA VAL J 153 -10.14 6.87 1.44
C VAL J 153 -10.03 5.78 0.37
N ALA J 154 -9.06 5.94 -0.53
CA ALA J 154 -8.91 5.04 -1.67
C ALA J 154 -8.89 3.55 -1.30
N GLU J 155 -8.20 3.21 -0.23
CA GLU J 155 -8.06 1.79 0.13
C GLU J 155 -9.40 1.16 0.49
N GLN J 156 -10.35 1.99 0.92
CA GLN J 156 -11.68 1.51 1.24
C GLN J 156 -12.51 1.38 -0.03
N GLN J 157 -12.32 2.33 -0.94
CA GLN J 157 -13.04 2.33 -2.22
C GLN J 157 -12.56 1.22 -3.13
N ARG J 158 -11.25 0.97 -3.11
CA ARG J 158 -10.66 -0.07 -3.95
C ARG J 158 -11.16 -1.46 -3.57
N ALA J 159 -11.14 -1.76 -2.28
CA ALA J 159 -11.55 -3.07 -1.78
C ALA J 159 -13.06 -3.26 -1.93
N TYR J 160 -13.78 -2.17 -1.77
CA TYR J 160 -15.22 -2.19 -1.95
C TYR J 160 -15.58 -2.44 -3.41
N LEU J 161 -14.90 -1.75 -4.31
CA LEU J 161 -15.13 -1.88 -5.74
C LEU J 161 -14.75 -3.26 -6.28
N GLU J 162 -13.50 -3.67 -6.03
CA GLU J 162 -13.01 -4.96 -6.52
C GLU J 162 -13.71 -6.14 -5.86
N GLY J 163 -14.51 -5.87 -4.84
CA GLY J 163 -15.16 -6.92 -4.09
C GLY J 163 -16.66 -6.74 -3.96
N THR J 164 -17.07 -5.90 -3.00
CA THR J 164 -18.48 -5.77 -2.68
C THR J 164 -19.29 -5.33 -3.89
N CYS J 165 -18.69 -4.52 -4.74
CA CYS J 165 -19.39 -4.00 -5.91
C CYS J 165 -19.60 -5.07 -6.98
N VAL J 166 -18.54 -5.78 -7.35
CA VAL J 166 -18.67 -6.86 -8.32
C VAL J 166 -19.55 -7.99 -7.79
N ASP J 167 -19.42 -8.31 -6.51
CA ASP J 167 -20.26 -9.30 -5.87
C ASP J 167 -21.71 -8.86 -5.91
N GLY J 168 -21.95 -7.57 -5.73
CA GLY J 168 -23.29 -7.03 -5.78
C GLY J 168 -23.87 -7.21 -7.16
N LEU J 169 -23.09 -6.81 -8.16
CA LEU J 169 -23.50 -6.92 -9.56
C LEU J 169 -23.88 -8.35 -9.91
N ARG J 170 -23.02 -9.30 -9.54
CA ARG J 170 -23.32 -10.72 -9.78
C ARG J 170 -24.68 -11.11 -9.20
N ARG J 171 -24.93 -10.68 -7.97
CA ARG J 171 -26.18 -11.05 -7.31
C ARG J 171 -27.42 -10.53 -8.04
N TYR J 172 -27.40 -9.26 -8.42
CA TYR J 172 -28.52 -8.67 -9.14
C TYR J 172 -28.73 -9.34 -10.49
N LEU J 173 -27.63 -9.63 -11.20
CA LEU J 173 -27.71 -10.28 -12.50
C LEU J 173 -28.48 -11.59 -12.42
N GLU J 174 -28.25 -12.35 -11.35
CA GLU J 174 -28.94 -13.63 -11.17
C GLU J 174 -30.39 -13.45 -10.73
N ASN J 175 -30.59 -12.64 -9.69
CA ASN J 175 -31.93 -12.35 -9.18
C ASN J 175 -32.84 -11.73 -10.25
N GLY J 176 -32.23 -11.06 -11.23
CA GLY J 176 -32.96 -10.42 -12.31
C GLY J 176 -32.88 -11.24 -13.59
N LYS J 177 -32.03 -12.26 -13.55
CA LYS J 177 -31.82 -13.21 -14.65
C LYS J 177 -32.74 -13.04 -15.87
N GLU J 178 -33.99 -13.47 -15.74
CA GLU J 178 -34.90 -13.47 -16.89
C GLU J 178 -35.03 -12.10 -17.54
N THR J 179 -34.69 -11.05 -16.80
CA THR J 179 -34.80 -9.67 -17.28
C THR J 179 -33.47 -9.09 -17.71
N LEU J 180 -32.52 -9.03 -16.77
CA LEU J 180 -31.24 -8.36 -17.00
C LEU J 180 -30.37 -9.05 -18.03
N GLN J 181 -30.58 -10.34 -18.24
CA GLN J 181 -29.75 -11.06 -19.19
C GLN J 181 -30.49 -11.33 -20.49
N ARG J 182 -31.79 -11.10 -20.47
CA ARG J 182 -32.60 -11.19 -21.67
C ARG J 182 -31.99 -10.31 -22.77
N THR J 183 -32.21 -10.68 -24.03
CA THR J 183 -31.74 -9.88 -25.16
C THR J 183 -32.90 -9.62 -26.14
N ASP J 184 -33.07 -8.36 -26.51
CA ASP J 184 -34.20 -7.97 -27.37
C ASP J 184 -33.70 -7.28 -28.63
N PRO J 185 -33.81 -7.98 -29.76
CA PRO J 185 -33.40 -7.44 -31.07
C PRO J 185 -34.31 -6.29 -31.47
N PRO J 186 -33.77 -5.32 -32.22
CA PRO J 186 -34.54 -4.17 -32.71
C PRO J 186 -35.52 -4.55 -33.82
N LYS J 187 -36.75 -4.08 -33.73
CA LYS J 187 -37.70 -4.26 -34.81
C LYS J 187 -37.40 -3.20 -35.88
N THR J 188 -36.81 -3.64 -36.99
CA THR J 188 -36.33 -2.73 -38.00
C THR J 188 -37.29 -2.57 -39.17
N HIS J 189 -37.31 -1.37 -39.73
CA HIS J 189 -38.14 -1.09 -40.89
C HIS J 189 -37.78 0.29 -41.45
N MET J 190 -38.15 0.53 -42.70
CA MET J 190 -37.75 1.76 -43.38
C MET J 190 -38.96 2.57 -43.83
N THR J 191 -38.85 3.90 -43.74
CA THR J 191 -39.88 4.80 -44.27
C THR J 191 -39.33 5.77 -45.30
N HIS J 192 -40.24 6.47 -45.97
CA HIS J 192 -39.90 7.29 -47.13
C HIS J 192 -40.76 8.55 -47.12
N HIS J 193 -40.12 9.72 -47.23
CA HIS J 193 -40.82 10.99 -47.16
C HIS J 193 -40.32 11.92 -48.26
N PRO J 194 -41.13 12.08 -49.33
CA PRO J 194 -40.74 13.02 -50.39
C PRO J 194 -40.64 14.43 -49.83
N ILE J 195 -39.43 14.99 -49.83
CA ILE J 195 -39.26 16.35 -49.33
C ILE J 195 -39.75 17.34 -50.38
N SER J 196 -39.52 17.02 -51.66
CA SER J 196 -40.01 17.85 -52.76
C SER J 196 -39.57 17.33 -54.12
N ASP J 197 -40.39 16.48 -54.73
CA ASP J 197 -40.32 16.15 -56.17
C ASP J 197 -38.96 15.72 -56.78
N HIS J 198 -37.85 16.14 -56.18
CA HIS J 198 -36.53 15.74 -56.65
C HIS J 198 -35.71 15.16 -55.51
N GLU J 199 -36.22 15.29 -54.30
CA GLU J 199 -35.54 14.78 -53.13
C GLU J 199 -36.51 14.08 -52.20
N ALA J 200 -36.01 13.09 -51.47
CA ALA J 200 -36.83 12.35 -50.54
C ALA J 200 -35.96 11.87 -49.39
N THR J 201 -36.53 11.81 -48.19
CA THR J 201 -35.80 11.34 -47.01
C THR J 201 -36.03 9.86 -46.78
N LEU J 202 -34.94 9.10 -46.61
CA LEU J 202 -35.03 7.70 -46.20
C LEU J 202 -34.73 7.61 -44.72
N ARG J 203 -35.64 7.01 -43.96
CA ARG J 203 -35.48 6.88 -42.52
C ARG J 203 -35.43 5.41 -42.12
N CYS J 204 -34.31 4.98 -41.55
CA CYS J 204 -34.19 3.61 -41.08
C CYS J 204 -34.45 3.52 -39.58
N TRP J 205 -35.36 2.64 -39.18
CA TRP J 205 -35.80 2.54 -37.79
C TRP J 205 -35.32 1.29 -37.08
N ALA J 206 -34.99 1.44 -35.80
CA ALA J 206 -34.69 0.30 -34.93
C ALA J 206 -35.44 0.52 -33.63
N LEU J 207 -36.29 -0.45 -33.25
CA LEU J 207 -37.21 -0.24 -32.14
C LEU J 207 -37.27 -1.43 -31.18
N GLY J 208 -37.73 -1.15 -29.96
CA GLY J 208 -37.94 -2.18 -28.95
C GLY J 208 -36.77 -3.09 -28.65
N PHE J 209 -35.55 -2.54 -28.64
CA PHE J 209 -34.36 -3.33 -28.37
C PHE J 209 -33.78 -3.19 -26.97
N TYR J 210 -32.97 -4.17 -26.57
CA TYR J 210 -32.23 -4.13 -25.32
C TYR J 210 -31.05 -5.11 -25.40
N PRO J 211 -29.86 -4.66 -24.99
CA PRO J 211 -29.57 -3.36 -24.38
C PRO J 211 -29.58 -2.19 -25.38
N ALA J 212 -29.22 -1.00 -24.91
CA ALA J 212 -29.30 0.21 -25.71
C ALA J 212 -28.22 0.33 -26.78
N GLU J 213 -27.07 -0.31 -26.55
CA GLU J 213 -25.98 -0.28 -27.53
C GLU J 213 -26.46 -0.78 -28.90
N ILE J 214 -26.24 0.04 -29.93
CA ILE J 214 -26.68 -0.31 -31.28
C ILE J 214 -26.00 0.57 -32.31
N THR J 215 -25.82 0.05 -33.51
CA THR J 215 -25.19 0.81 -34.60
C THR J 215 -26.02 0.81 -35.87
N LEU J 216 -26.54 1.98 -36.22
CA LEU J 216 -27.29 2.16 -37.45
C LEU J 216 -26.41 2.84 -38.48
N THR J 217 -26.35 2.27 -39.68
CA THR J 217 -25.46 2.80 -40.71
C THR J 217 -26.15 2.92 -42.07
N TRP J 218 -25.80 3.97 -42.81
CA TRP J 218 -26.28 4.11 -44.18
C TRP J 218 -25.17 3.83 -45.19
N GLN J 219 -25.52 3.14 -46.27
CA GLN J 219 -24.58 2.87 -47.35
C GLN J 219 -25.17 3.20 -48.72
N ARG J 220 -24.32 3.70 -49.61
CA ARG J 220 -24.73 3.99 -50.98
C ARG J 220 -23.84 3.24 -51.94
N ASP J 221 -24.42 2.33 -52.71
CA ASP J 221 -23.66 1.47 -53.61
C ASP J 221 -22.72 0.56 -52.81
N GLY J 222 -22.97 0.45 -51.52
CA GLY J 222 -22.16 -0.38 -50.65
C GLY J 222 -21.02 0.39 -50.01
N GLU J 223 -21.16 1.71 -49.97
CA GLU J 223 -20.12 2.55 -49.38
C GLU J 223 -20.69 3.48 -48.32
N ASP J 224 -20.12 3.44 -47.12
CA ASP J 224 -20.54 4.32 -46.03
C ASP J 224 -20.83 5.73 -46.54
N GLN J 225 -21.71 6.44 -45.85
CA GLN J 225 -22.26 7.69 -46.38
C GLN J 225 -21.72 8.99 -45.79
N THR J 226 -21.12 8.92 -44.60
CA THR J 226 -20.63 10.11 -43.90
C THR J 226 -21.79 11.10 -43.71
N GLN J 227 -21.49 12.29 -43.21
CA GLN J 227 -22.51 13.19 -42.69
C GLN J 227 -23.47 13.81 -43.71
N ASP J 228 -24.27 12.95 -44.33
CA ASP J 228 -25.50 13.39 -44.98
C ASP J 228 -26.63 12.69 -44.23
N THR J 229 -26.23 11.70 -43.44
CA THR J 229 -27.12 10.99 -42.53
C THR J 229 -27.32 11.77 -41.25
N GLU J 230 -28.56 11.84 -40.80
CA GLU J 230 -28.89 12.48 -39.52
C GLU J 230 -29.29 11.49 -38.43
N LEU J 231 -28.38 11.22 -37.49
CA LEU J 231 -28.67 10.34 -36.37
C LEU J 231 -29.36 11.10 -35.25
N VAL J 232 -30.26 10.41 -34.57
CA VAL J 232 -30.84 10.93 -33.34
C VAL J 232 -30.34 10.10 -32.17
N GLU J 233 -30.19 10.73 -31.01
CA GLU J 233 -29.71 10.06 -29.81
C GLU J 233 -30.64 8.91 -29.40
N THR J 234 -30.05 7.76 -29.07
CA THR J 234 -30.81 6.63 -28.56
C THR J 234 -31.75 7.06 -27.44
N ARG J 235 -33.02 6.72 -27.55
CA ARG J 235 -34.03 7.20 -26.61
C ARG J 235 -34.79 6.04 -25.98
N PRO J 236 -35.35 6.24 -24.78
CA PRO J 236 -36.07 5.18 -24.09
C PRO J 236 -37.52 5.09 -24.54
N ALA J 237 -37.97 3.88 -24.84
CA ALA J 237 -39.36 3.66 -25.24
C ALA J 237 -40.30 3.90 -24.06
N GLY J 238 -39.78 3.71 -22.85
CA GLY J 238 -40.57 3.93 -21.65
C GLY J 238 -41.08 2.64 -21.05
N ASP J 239 -40.65 1.51 -21.61
CA ASP J 239 -41.13 0.20 -21.18
C ASP J 239 -39.97 -0.79 -20.99
N GLY J 240 -38.75 -0.27 -20.92
CA GLY J 240 -37.60 -1.11 -20.70
C GLY J 240 -36.78 -1.31 -21.97
N THR J 241 -37.24 -0.73 -23.06
CA THR J 241 -36.57 -0.86 -24.34
C THR J 241 -36.21 0.49 -24.92
N PHE J 242 -35.43 0.49 -26.00
CA PHE J 242 -35.00 1.74 -26.61
C PHE J 242 -35.38 1.86 -28.08
N GLN J 243 -35.22 3.05 -28.63
CA GLN J 243 -35.54 3.33 -30.02
C GLN J 243 -34.46 4.23 -30.60
N LYS J 244 -34.32 4.21 -31.92
CA LYS J 244 -33.37 5.09 -32.60
C LYS J 244 -33.53 5.00 -34.11
N TRP J 245 -33.43 6.14 -34.80
CA TRP J 245 -33.51 6.17 -36.26
C TRP J 245 -32.37 6.92 -36.93
N ALA J 246 -32.35 6.85 -38.26
CA ALA J 246 -31.24 7.30 -39.08
C ALA J 246 -31.74 7.68 -40.47
N ALA J 247 -31.53 8.93 -40.89
CA ALA J 247 -32.09 9.39 -42.17
C ALA J 247 -31.09 10.08 -43.10
N VAL J 248 -31.20 9.75 -44.38
CA VAL J 248 -30.46 10.40 -45.44
C VAL J 248 -31.43 11.00 -46.45
N VAL J 249 -31.15 12.21 -46.91
CA VAL J 249 -31.93 12.79 -47.99
C VAL J 249 -31.35 12.34 -49.33
N VAL J 250 -32.24 11.81 -50.16
CA VAL J 250 -31.86 11.09 -51.36
C VAL J 250 -32.47 11.73 -52.61
N PRO J 251 -31.72 11.75 -53.72
CA PRO J 251 -32.26 12.23 -55.00
C PRO J 251 -33.37 11.30 -55.47
N SER J 252 -34.54 11.85 -55.80
CA SER J 252 -35.64 11.03 -56.26
C SER J 252 -35.19 10.11 -57.39
N GLY J 253 -35.60 8.84 -57.31
CA GLY J 253 -35.26 7.86 -58.32
C GLY J 253 -34.03 7.05 -57.98
N GLU J 254 -33.32 7.47 -56.94
CA GLU J 254 -32.06 6.81 -56.57
C GLU J 254 -32.13 6.15 -55.18
N GLU J 255 -33.33 6.10 -54.61
CA GLU J 255 -33.53 5.54 -53.27
C GLU J 255 -32.99 4.12 -53.13
N GLN J 256 -33.12 3.33 -54.18
CA GLN J 256 -32.73 1.92 -54.10
C GLN J 256 -31.21 1.73 -54.12
N ARG J 257 -30.48 2.81 -54.36
CA ARG J 257 -29.03 2.76 -54.34
C ARG J 257 -28.51 2.66 -52.92
N TYR J 258 -29.39 2.90 -51.95
CA TYR J 258 -29.02 2.98 -50.54
C TYR J 258 -29.37 1.71 -49.77
N THR J 259 -28.57 1.42 -48.76
CA THR J 259 -28.88 0.35 -47.82
C THR J 259 -28.74 0.86 -46.40
N CYS J 260 -29.49 0.26 -45.49
CA CYS J 260 -29.37 0.57 -44.07
C CYS J 260 -28.79 -0.63 -43.36
N HIS J 261 -27.87 -0.38 -42.42
CA HIS J 261 -27.14 -1.43 -41.74
C HIS J 261 -27.28 -1.33 -40.23
N VAL J 262 -27.99 -2.29 -39.64
CA VAL J 262 -28.29 -2.28 -38.22
C VAL J 262 -27.53 -3.37 -37.48
N GLN J 263 -26.65 -2.96 -36.58
CA GLN J 263 -25.92 -3.90 -35.72
C GLN J 263 -26.46 -3.88 -34.29
N HIS J 264 -26.55 -5.06 -33.69
CA HIS J 264 -27.04 -5.19 -32.33
C HIS J 264 -26.72 -6.56 -31.73
N GLU J 265 -26.53 -6.58 -30.42
CA GLU J 265 -26.14 -7.80 -29.71
C GLU J 265 -27.16 -8.93 -29.89
N GLY J 266 -28.43 -8.56 -29.94
CA GLY J 266 -29.51 -9.54 -30.02
C GLY J 266 -29.69 -10.17 -31.39
N LEU J 267 -28.99 -9.65 -32.38
CA LEU J 267 -29.06 -10.17 -33.74
C LEU J 267 -27.95 -11.19 -34.03
N PRO J 268 -28.33 -12.34 -34.61
CA PRO J 268 -27.34 -13.34 -35.02
C PRO J 268 -26.42 -12.78 -36.10
N LYS J 269 -27.00 -12.04 -37.03
CA LYS J 269 -26.25 -11.41 -38.11
C LYS J 269 -26.76 -9.98 -38.29
N PRO J 270 -25.87 -9.07 -38.72
CA PRO J 270 -26.30 -7.70 -39.00
C PRO J 270 -27.43 -7.68 -40.03
N LEU J 271 -28.43 -6.83 -39.82
CA LEU J 271 -29.51 -6.66 -40.79
C LEU J 271 -29.15 -5.59 -41.82
N THR J 272 -29.71 -5.73 -43.02
CA THR J 272 -29.53 -4.75 -44.08
C THR J 272 -30.87 -4.48 -44.73
N LEU J 273 -31.36 -3.25 -44.61
CA LEU J 273 -32.65 -2.90 -45.20
C LEU J 273 -32.48 -2.16 -46.52
N ARG J 274 -33.40 -2.37 -47.45
CA ARG J 274 -33.36 -1.69 -48.73
C ARG J 274 -34.76 -1.28 -49.17
N TRP J 275 -34.89 -0.04 -49.65
CA TRP J 275 -36.19 0.49 -50.04
C TRP J 275 -36.73 -0.18 -51.31
N MET K 1 -21.43 30.36 -14.10
CA MET K 1 -21.41 28.93 -14.36
C MET K 1 -21.81 28.63 -15.80
N ILE K 2 -21.24 27.57 -16.36
CA ILE K 2 -21.52 27.19 -17.74
C ILE K 2 -23.01 27.00 -18.00
N GLN K 3 -23.36 25.89 -18.64
CA GLN K 3 -24.75 25.59 -18.98
C GLN K 3 -24.92 24.87 -20.32
N ARG K 4 -25.94 24.02 -20.37
CA ARG K 4 -26.28 23.25 -21.55
C ARG K 4 -27.78 23.29 -21.78
N THR K 5 -28.18 23.61 -23.01
CA THR K 5 -29.59 23.58 -23.37
C THR K 5 -29.97 22.18 -23.82
N PRO K 6 -31.17 21.73 -23.43
CA PRO K 6 -31.62 20.34 -23.64
C PRO K 6 -31.88 19.99 -25.10
N LYS K 7 -31.65 18.74 -25.45
CA LYS K 7 -32.17 18.18 -26.69
C LYS K 7 -33.58 17.70 -26.38
N ILE K 8 -34.43 17.65 -27.40
CA ILE K 8 -35.82 17.24 -27.20
C ILE K 8 -36.25 16.26 -28.28
N GLN K 9 -36.94 15.21 -27.84
CA GLN K 9 -37.55 14.26 -28.75
C GLN K 9 -38.94 13.94 -28.21
N VAL K 10 -39.95 14.18 -29.03
CA VAL K 10 -41.30 13.77 -28.68
C VAL K 10 -41.71 12.64 -29.62
N TYR K 11 -42.33 11.60 -29.07
CA TYR K 11 -42.64 10.40 -29.83
C TYR K 11 -43.61 9.53 -29.05
N SER K 12 -43.89 8.34 -29.56
CA SER K 12 -44.80 7.42 -28.88
C SER K 12 -44.07 6.13 -28.49
N ARG K 13 -44.54 5.48 -27.43
CA ARG K 13 -43.96 4.21 -27.02
C ARG K 13 -44.00 3.22 -28.18
N HIS K 14 -45.19 3.01 -28.73
CA HIS K 14 -45.39 2.08 -29.83
C HIS K 14 -45.73 2.83 -31.12
N PRO K 15 -45.70 2.12 -32.27
CA PRO K 15 -46.21 2.68 -33.52
C PRO K 15 -47.63 3.20 -33.34
N ALA K 16 -47.83 4.48 -33.62
CA ALA K 16 -49.15 5.11 -33.47
C ALA K 16 -50.18 4.61 -34.48
N GLU K 17 -51.29 4.09 -33.96
CA GLU K 17 -52.44 3.69 -34.77
C GLU K 17 -53.69 4.35 -34.19
N ASN K 18 -54.30 5.26 -34.94
CA ASN K 18 -55.47 5.97 -34.49
C ASN K 18 -56.49 5.05 -33.83
N GLY K 19 -57.05 5.50 -32.71
CA GLY K 19 -58.02 4.68 -32.00
C GLY K 19 -57.38 3.74 -30.99
N LYS K 20 -56.19 3.23 -31.31
CA LYS K 20 -55.48 2.30 -30.43
C LYS K 20 -54.74 3.04 -29.30
N SER K 21 -54.85 2.52 -28.08
CA SER K 21 -54.25 3.16 -26.91
C SER K 21 -52.74 3.05 -26.92
N ASN K 22 -52.07 4.12 -26.48
CA ASN K 22 -50.61 4.22 -26.59
C ASN K 22 -50.00 4.98 -25.43
N PHE K 23 -48.73 5.35 -25.57
CA PHE K 23 -48.06 6.21 -24.61
C PHE K 23 -47.31 7.31 -25.36
N LEU K 24 -47.46 8.55 -24.90
CA LEU K 24 -46.73 9.67 -25.50
C LEU K 24 -45.50 9.99 -24.68
N ASN K 25 -44.35 10.05 -25.35
CA ASN K 25 -43.08 10.33 -24.70
C ASN K 25 -42.50 11.66 -25.13
N CYS K 26 -41.94 12.40 -24.18
CA CYS K 26 -41.08 13.52 -24.49
C CYS K 26 -39.77 13.36 -23.73
N TYR K 27 -38.67 13.26 -24.48
CA TYR K 27 -37.39 12.93 -23.89
C TYR K 27 -36.44 14.11 -24.00
N VAL K 28 -36.11 14.70 -22.84
CA VAL K 28 -35.17 15.80 -22.79
C VAL K 28 -33.84 15.31 -22.23
N SER K 29 -32.75 15.64 -22.92
CA SER K 29 -31.45 15.13 -22.56
C SER K 29 -30.34 16.13 -22.86
N GLY K 30 -29.19 15.94 -22.21
CA GLY K 30 -28.00 16.73 -22.50
C GLY K 30 -28.01 18.14 -21.94
N PHE K 31 -28.84 18.38 -20.93
CA PHE K 31 -28.96 19.72 -20.35
C PHE K 31 -28.27 19.88 -18.98
N HIS K 32 -28.08 21.13 -18.58
CA HIS K 32 -27.52 21.48 -17.27
C HIS K 32 -27.71 22.98 -17.06
N PRO K 33 -28.23 23.39 -15.89
CA PRO K 33 -28.54 22.61 -14.69
C PRO K 33 -29.78 21.75 -14.86
N SER K 34 -30.12 20.99 -13.82
CA SER K 34 -31.18 19.99 -13.89
C SER K 34 -32.60 20.56 -13.79
N ASP K 35 -32.73 21.76 -13.23
CA ASP K 35 -34.04 22.40 -13.12
C ASP K 35 -34.66 22.60 -14.50
N ILE K 36 -35.81 21.98 -14.72
CA ILE K 36 -36.45 22.06 -16.03
C ILE K 36 -37.97 21.95 -15.97
N GLU K 37 -38.62 22.45 -17.02
CA GLU K 37 -40.07 22.54 -17.08
C GLU K 37 -40.57 21.85 -18.32
N VAL K 38 -41.41 20.83 -18.14
CA VAL K 38 -41.88 20.03 -19.27
C VAL K 38 -43.38 19.70 -19.21
N ASP K 39 -44.11 20.07 -20.25
CA ASP K 39 -45.53 19.82 -20.31
C ASP K 39 -45.93 19.15 -21.62
N LEU K 40 -46.89 18.23 -21.53
CA LEU K 40 -47.44 17.59 -22.72
C LEU K 40 -48.74 18.29 -23.11
N LEU K 41 -48.86 18.61 -24.39
CA LEU K 41 -49.97 19.42 -24.88
C LEU K 41 -50.90 18.65 -25.82
N LYS K 42 -52.18 18.62 -25.43
CA LYS K 42 -53.23 18.10 -26.31
C LYS K 42 -53.99 19.27 -26.92
N ASN K 43 -53.62 19.62 -28.15
CA ASN K 43 -54.23 20.72 -28.86
C ASN K 43 -54.04 22.05 -28.13
N GLY K 44 -52.80 22.31 -27.72
CA GLY K 44 -52.47 23.55 -27.04
C GLY K 44 -52.67 23.50 -25.54
N GLU K 45 -53.49 22.56 -25.07
CA GLU K 45 -53.78 22.42 -23.65
C GLU K 45 -52.83 21.47 -22.93
N ARG K 46 -52.72 21.64 -21.62
CA ARG K 46 -51.78 20.88 -20.81
C ARG K 46 -52.41 19.61 -20.26
N ILE K 47 -51.69 18.50 -20.34
CA ILE K 47 -52.18 17.21 -19.82
C ILE K 47 -51.68 16.98 -18.40
N GLU K 48 -52.55 16.45 -17.54
CA GLU K 48 -52.25 16.36 -16.11
C GLU K 48 -51.77 14.99 -15.62
N LYS K 49 -52.09 13.94 -16.37
CA LYS K 49 -51.68 12.60 -15.96
C LYS K 49 -50.29 12.29 -16.53
N VAL K 50 -49.38 13.25 -16.42
CA VAL K 50 -48.02 13.07 -16.94
C VAL K 50 -47.01 12.76 -15.83
N GLU K 51 -46.37 11.61 -15.95
CA GLU K 51 -45.34 11.20 -15.01
C GLU K 51 -43.99 11.42 -15.66
N HIS K 52 -42.93 11.20 -14.90
CA HIS K 52 -41.57 11.34 -15.43
C HIS K 52 -40.60 10.42 -14.69
N SER K 53 -39.50 10.10 -15.36
CA SER K 53 -38.46 9.24 -14.79
C SER K 53 -37.69 9.98 -13.72
N ASP K 54 -37.05 9.22 -12.84
CA ASP K 54 -36.20 9.79 -11.80
C ASP K 54 -34.99 10.46 -12.43
N LEU K 55 -34.51 11.55 -11.81
CA LEU K 55 -33.42 12.30 -12.40
C LEU K 55 -32.16 11.45 -12.54
N SER K 56 -31.61 11.44 -13.75
CA SER K 56 -30.36 10.74 -14.04
C SER K 56 -29.53 11.57 -15.01
N PHE K 57 -28.25 11.25 -15.15
CA PHE K 57 -27.40 12.00 -16.08
C PHE K 57 -26.43 11.11 -16.85
N SER K 58 -25.78 11.68 -17.85
CA SER K 58 -24.92 10.90 -18.75
C SER K 58 -23.44 10.98 -18.39
N LYS K 59 -22.61 10.43 -19.26
CA LYS K 59 -21.17 10.42 -19.07
C LYS K 59 -20.63 11.83 -18.84
N ASP K 60 -21.12 12.78 -19.64
CA ASP K 60 -20.66 14.17 -19.58
C ASP K 60 -21.33 15.00 -18.47
N TRP K 61 -22.01 14.31 -17.56
CA TRP K 61 -22.67 14.94 -16.40
C TRP K 61 -24.00 15.60 -16.75
N SER K 62 -24.37 15.63 -18.04
CA SER K 62 -25.62 16.24 -18.44
C SER K 62 -26.81 15.36 -18.08
N PHE K 63 -27.91 15.99 -17.67
CA PHE K 63 -29.09 15.26 -17.20
C PHE K 63 -29.99 14.80 -18.34
N TYR K 64 -30.85 13.82 -18.03
CA TYR K 64 -31.88 13.37 -18.97
C TYR K 64 -33.14 12.92 -18.25
N LEU K 65 -34.29 13.28 -18.81
CA LEU K 65 -35.59 12.91 -18.24
C LEU K 65 -36.57 12.38 -19.31
N LEU K 66 -37.41 11.43 -18.91
CA LEU K 66 -38.50 10.96 -19.77
C LEU K 66 -39.85 11.35 -19.20
N TYR K 67 -40.61 12.11 -19.97
CA TYR K 67 -41.96 12.48 -19.59
C TYR K 67 -42.94 11.72 -20.47
N TYR K 68 -43.88 11.02 -19.84
CA TYR K 68 -44.72 10.07 -20.56
C TYR K 68 -46.15 10.08 -20.04
N THR K 69 -47.08 9.69 -20.90
CA THR K 69 -48.49 9.54 -20.52
C THR K 69 -49.25 8.69 -21.53
N GLU K 70 -50.11 7.81 -21.02
CA GLU K 70 -50.96 6.98 -21.86
C GLU K 70 -51.91 7.86 -22.65
N PHE K 71 -52.24 7.44 -23.87
CA PHE K 71 -53.17 8.20 -24.70
C PHE K 71 -53.61 7.44 -25.94
N THR K 72 -54.80 7.79 -26.43
CA THR K 72 -55.33 7.21 -27.65
C THR K 72 -55.31 8.26 -28.76
N PRO K 73 -54.38 8.09 -29.71
CA PRO K 73 -54.26 9.00 -30.85
C PRO K 73 -55.47 8.93 -31.77
N THR K 74 -55.89 10.09 -32.26
CA THR K 74 -56.90 10.14 -33.30
C THR K 74 -56.33 10.90 -34.49
N GLU K 75 -57.15 11.11 -35.52
CA GLU K 75 -56.69 11.71 -36.76
C GLU K 75 -56.59 13.23 -36.64
N LYS K 76 -57.23 13.79 -35.62
CA LYS K 76 -57.26 15.24 -35.44
C LYS K 76 -56.42 15.72 -34.25
N ASP K 77 -56.47 14.96 -33.15
CA ASP K 77 -55.78 15.33 -31.92
C ASP K 77 -54.30 15.60 -32.13
N GLU K 78 -53.90 16.86 -32.00
CA GLU K 78 -52.51 17.25 -32.11
C GLU K 78 -51.83 17.23 -30.75
N TYR K 79 -50.57 16.79 -30.72
CA TYR K 79 -49.81 16.73 -29.48
C TYR K 79 -48.45 17.40 -29.64
N ALA K 80 -48.01 18.09 -28.57
CA ALA K 80 -46.72 18.77 -28.59
C ALA K 80 -46.06 18.73 -27.21
N CYS K 81 -44.78 19.09 -27.18
CA CYS K 81 -44.02 19.11 -25.93
C CYS K 81 -43.53 20.52 -25.63
N ARG K 82 -44.08 21.12 -24.59
CA ARG K 82 -43.65 22.46 -24.18
C ARG K 82 -42.59 22.37 -23.09
N VAL K 83 -41.40 22.89 -23.39
CA VAL K 83 -40.25 22.76 -22.51
C VAL K 83 -39.63 24.13 -22.25
N ASN K 84 -39.43 24.47 -20.98
CA ASN K 84 -38.70 25.68 -20.62
C ASN K 84 -37.53 25.39 -19.71
N HIS K 85 -36.39 25.98 -20.04
CA HIS K 85 -35.15 25.79 -19.29
C HIS K 85 -34.49 27.16 -19.19
N VAL K 86 -33.57 27.33 -18.26
CA VAL K 86 -32.92 28.64 -18.12
C VAL K 86 -32.31 29.05 -19.44
N THR K 87 -31.61 28.13 -20.10
CA THR K 87 -30.91 28.42 -21.35
C THR K 87 -31.84 28.85 -22.49
N LEU K 88 -33.14 28.85 -22.23
CA LEU K 88 -34.14 29.16 -23.24
C LEU K 88 -34.88 30.47 -22.94
N SER K 89 -34.77 31.41 -23.87
CA SER K 89 -35.40 32.72 -23.73
C SER K 89 -36.93 32.63 -23.75
N GLN K 90 -37.46 31.63 -24.43
CA GLN K 90 -38.90 31.41 -24.47
C GLN K 90 -39.20 29.92 -24.61
N PRO K 91 -40.22 29.45 -23.87
CA PRO K 91 -40.64 28.04 -23.90
C PRO K 91 -40.63 27.50 -25.32
N LYS K 92 -39.89 26.40 -25.53
CA LYS K 92 -39.83 25.79 -26.86
C LYS K 92 -40.91 24.72 -27.03
N ILE K 93 -41.48 24.67 -28.22
CA ILE K 93 -42.52 23.68 -28.52
C ILE K 93 -42.09 22.74 -29.62
N VAL K 94 -42.12 21.44 -29.34
CA VAL K 94 -41.86 20.44 -30.35
C VAL K 94 -43.14 19.65 -30.57
N LYS K 95 -43.65 19.68 -31.79
CA LYS K 95 -44.85 18.94 -32.15
C LYS K 95 -44.55 17.47 -32.37
N TRP K 96 -45.52 16.62 -32.02
CA TRP K 96 -45.38 15.19 -32.23
C TRP K 96 -45.59 14.85 -33.70
N ASP K 97 -44.54 14.37 -34.36
CA ASP K 97 -44.65 13.92 -35.74
C ASP K 97 -44.78 12.41 -35.77
N ARG K 98 -46.01 11.94 -35.90
CA ARG K 98 -46.30 10.50 -35.81
C ARG K 98 -45.29 9.66 -36.59
N ASP K 99 -44.90 10.15 -37.75
CA ASP K 99 -43.98 9.42 -38.61
C ASP K 99 -42.68 10.19 -38.91
N MET K 100 -42.05 10.73 -37.88
CA MET K 100 -40.74 11.37 -38.03
C MET K 100 -39.67 10.32 -38.28
N ARG L 1 -25.61 -2.07 -4.33
CA ARG L 1 -25.08 -1.78 -3.00
C ARG L 1 -24.49 -0.37 -2.96
N TYR L 2 -25.30 0.58 -2.50
CA TYR L 2 -24.91 1.99 -2.50
C TYR L 2 -23.56 2.20 -1.83
N PRO L 3 -22.74 3.10 -2.40
CA PRO L 3 -21.38 3.35 -1.91
C PRO L 3 -21.31 4.22 -0.67
N LEU L 4 -20.20 4.14 0.05
CA LEU L 4 -19.90 5.07 1.12
C LEU L 4 -19.34 6.35 0.52
N THR L 5 -19.64 7.48 1.14
CA THR L 5 -19.22 8.77 0.61
C THR L 5 -18.57 9.61 1.68
N PHE L 6 -17.54 10.36 1.29
CA PHE L 6 -16.75 11.10 2.25
C PHE L 6 -16.92 12.60 2.07
N GLY L 7 -16.37 13.37 3.00
CA GLY L 7 -16.51 14.81 2.98
C GLY L 7 -15.46 15.48 2.12
N TRP L 8 -15.83 16.58 1.48
CA TRP L 8 -14.94 17.28 0.57
C TRP L 8 -13.91 18.11 1.32
#